data_7EAV
#
_entry.id   7EAV
#
_cell.length_a   203.543
_cell.length_b   203.543
_cell.length_c   89.466
_cell.angle_alpha   90.000
_cell.angle_beta   90.000
_cell.angle_gamma   120.000
#
_symmetry.space_group_name_H-M   'P 3 2 1'
#
loop_
_entity.id
_entity.type
_entity.pdbx_description
1 polymer 'Glycogen debranching enzyme'
2 water water
#
_entity_poly.entity_id   1
_entity_poly.type   'polypeptide(L)'
_entity_poly.pdbx_seq_one_letter_code
;MALFFRTRDRPLRPGDPYPLGSNWIEDDDGVNFSLFSENAEKVELLLYSLTNQKYPKEIIEVKNKTGDIWHVFVPGLRPG
QLYAYRVYGPYKPELGLRFNPNKVLIDPYAKAINGSVIWNDAVFGYKIGDQNQDLTYDERDSGEYVPKSVVINPYFEWDD
EDFIKGKKVPLKDTVIYEVHVKGFTKLRLDLPENIRGTYEGLASEQMISYLKDLGITTVELMPVFHFIDQRFLTDKGLTN
YWGYDPINFFSPECRYSSTGCLGGQVLSFKKMVNELHNAGIEVIIDVVYNHTAEGNHLGPTLSFRGIDNTAYYMLQPDNK
RYYLDFTGTGNTLNLSHPRVIQMVLDSLRYWVTEMHVDGFRFDLAAALARELYSVNMLNTFFIALQQDPILSQVKLIAEP
WDVGQGGYQVGNFPYQWAEWNGKYRDSIRRFWRGEALPYSEIANRLLGSPDIYLGNNKTPFASINYVTSHDGFTLEDLVS
YNQKHNEANGFNNQDGMNENYSWNCGAEGPTNDQNVVICREKQKRNFMITLLVSQGTPMILGGDELSRTQRGNNNAFCQD
NEITWFDWNLDERKSKFLEFVKKMIQFYRAHPAFRRERYFQGKKLFGMPLKDVTFYTLEGREVDEKTWSSPTQLVIFVLE
GSVMDEINMYGERIADDSFLIILNANPNNVKVKFPKGKWELVISSYLREIKPEERIIEGEKELEIEGRTALVYRRIEL
;
_entity_poly.pdbx_strand_id   A,B
#
# COMPACT_ATOMS: atom_id res chain seq x y z
N PHE A 4 -7.92 -21.73 -42.86
CA PHE A 4 -8.95 -22.04 -41.88
C PHE A 4 -8.32 -22.67 -40.62
N PHE A 5 -7.98 -21.82 -39.66
CA PHE A 5 -7.46 -22.23 -38.38
C PHE A 5 -8.40 -21.79 -37.27
N ARG A 6 -8.00 -22.08 -36.05
CA ARG A 6 -8.60 -21.51 -34.85
C ARG A 6 -7.52 -20.73 -34.12
N THR A 7 -7.94 -19.82 -33.25
CA THR A 7 -6.96 -19.20 -32.36
C THR A 7 -6.22 -20.22 -31.47
N ARG A 8 -6.56 -21.52 -31.51
CA ARG A 8 -5.93 -22.61 -30.76
C ARG A 8 -4.60 -23.08 -31.37
N ASP A 9 -4.44 -22.95 -32.67
CA ASP A 9 -3.27 -23.47 -33.36
C ASP A 9 -2.14 -22.45 -33.40
N ARG A 10 -2.19 -21.46 -32.52
CA ARG A 10 -1.16 -20.44 -32.41
C ARG A 10 -0.48 -20.57 -31.06
N PRO A 11 0.84 -20.74 -31.02
CA PRO A 11 1.51 -21.07 -29.75
C PRO A 11 1.38 -19.94 -28.74
N LEU A 12 0.86 -20.29 -27.55
CA LEU A 12 0.66 -19.30 -26.50
C LEU A 12 0.85 -19.95 -25.13
N ARG A 13 0.99 -19.12 -24.12
CA ARG A 13 1.16 -19.53 -22.73
C ARG A 13 0.17 -18.80 -21.84
N PRO A 14 -0.29 -19.48 -20.79
CA PRO A 14 -1.25 -18.88 -19.86
C PRO A 14 -0.95 -17.40 -19.59
N GLY A 15 -0.16 -17.13 -18.56
CA GLY A 15 0.20 -15.78 -18.21
C GLY A 15 -0.22 -15.41 -16.80
N ASP A 16 0.65 -14.68 -16.10
CA ASP A 16 0.37 -14.26 -14.73
C ASP A 16 0.25 -12.74 -14.64
N PRO A 17 -0.84 -12.27 -14.03
CA PRO A 17 -1.07 -10.83 -13.87
C PRO A 17 0.02 -10.17 -13.04
N TYR A 18 1.26 -10.60 -13.23
CA TYR A 18 2.38 -10.04 -12.49
C TYR A 18 2.44 -8.54 -12.62
N PRO A 19 2.46 -8.05 -13.87
CA PRO A 19 2.52 -6.61 -14.13
C PRO A 19 1.13 -6.01 -14.27
N LEU A 20 0.96 -5.09 -15.22
CA LEU A 20 -0.33 -4.44 -15.43
C LEU A 20 -0.73 -4.46 -16.90
N GLY A 21 0.27 -4.41 -17.78
CA GLY A 21 0.00 -4.42 -19.22
C GLY A 21 1.08 -5.13 -20.02
N SER A 22 1.97 -4.35 -20.63
CA SER A 22 3.04 -4.89 -21.44
C SER A 22 4.24 -5.27 -20.58
N ASN A 23 4.85 -6.41 -20.88
CA ASN A 23 6.01 -6.87 -20.13
C ASN A 23 6.97 -7.78 -20.91
N TRP A 24 7.90 -7.17 -21.63
CA TRP A 24 8.89 -7.92 -22.40
C TRP A 24 9.71 -8.78 -21.43
N ILE A 25 9.52 -10.10 -21.49
CA ILE A 25 10.23 -11.04 -20.64
C ILE A 25 11.38 -11.61 -21.45
N GLU A 26 12.58 -11.07 -21.24
CA GLU A 26 13.73 -11.43 -22.06
C GLU A 26 14.05 -12.91 -21.95
N ASP A 27 13.90 -13.49 -20.76
CA ASP A 27 14.33 -14.86 -20.54
C ASP A 27 13.46 -15.86 -21.32
N ASP A 28 12.18 -15.55 -21.51
CA ASP A 28 11.26 -16.46 -22.17
C ASP A 28 10.95 -16.05 -23.61
N ASP A 29 11.58 -14.98 -24.11
CA ASP A 29 11.36 -14.48 -25.46
C ASP A 29 9.87 -14.32 -25.79
N GLY A 30 9.26 -13.28 -25.25
CA GLY A 30 7.85 -13.03 -25.50
C GLY A 30 7.36 -11.89 -24.65
N VAL A 31 6.06 -11.66 -24.69
CA VAL A 31 5.43 -10.60 -23.91
C VAL A 31 4.31 -11.18 -23.07
N ASN A 32 4.23 -10.74 -21.82
CA ASN A 32 3.10 -11.03 -20.95
C ASN A 32 2.13 -9.85 -21.00
N PHE A 33 0.91 -10.11 -21.44
CA PHE A 33 -0.12 -9.08 -21.52
C PHE A 33 -1.09 -9.18 -20.35
N SER A 34 -1.61 -8.04 -19.92
CA SER A 34 -2.56 -8.01 -18.80
C SER A 34 -3.50 -6.81 -18.88
N LEU A 35 -4.75 -7.02 -18.47
CA LEU A 35 -5.75 -5.96 -18.49
C LEU A 35 -6.91 -6.32 -17.56
N PHE A 36 -7.07 -5.55 -16.49
CA PHE A 36 -8.13 -5.80 -15.52
C PHE A 36 -9.50 -5.55 -16.15
N SER A 37 -10.43 -6.45 -15.87
CA SER A 37 -11.83 -6.24 -16.18
C SER A 37 -12.71 -7.28 -15.47
N GLU A 38 -13.53 -6.83 -14.53
CA GLU A 38 -14.40 -7.75 -13.79
C GLU A 38 -15.76 -7.94 -14.46
N ASN A 39 -16.12 -7.10 -15.43
CA ASN A 39 -17.44 -7.13 -16.03
C ASN A 39 -17.45 -7.55 -17.49
N ALA A 40 -16.31 -7.56 -18.18
CA ALA A 40 -16.31 -8.00 -19.57
C ALA A 40 -16.52 -9.50 -19.66
N GLU A 41 -16.99 -9.93 -20.83
CA GLU A 41 -17.23 -11.34 -21.09
C GLU A 41 -16.19 -11.97 -21.99
N LYS A 42 -15.53 -11.18 -22.84
CA LYS A 42 -14.48 -11.67 -23.72
C LYS A 42 -13.53 -10.53 -24.02
N VAL A 43 -12.25 -10.85 -24.17
CA VAL A 43 -11.21 -9.85 -24.37
C VAL A 43 -10.26 -10.35 -25.45
N GLU A 44 -9.93 -9.47 -26.41
CA GLU A 44 -9.12 -9.83 -27.56
C GLU A 44 -7.88 -8.95 -27.61
N LEU A 45 -6.72 -9.56 -27.83
CA LEU A 45 -5.48 -8.84 -28.03
C LEU A 45 -5.26 -8.59 -29.51
N LEU A 46 -5.07 -7.32 -29.88
CA LEU A 46 -4.87 -6.92 -31.27
C LEU A 46 -3.41 -6.51 -31.45
N LEU A 47 -2.73 -7.17 -32.38
CA LEU A 47 -1.35 -6.86 -32.70
C LEU A 47 -1.28 -6.23 -34.09
N TYR A 48 -0.61 -5.09 -34.18
CA TYR A 48 -0.43 -4.38 -35.44
C TYR A 48 1.04 -4.42 -35.84
N SER A 49 1.28 -4.42 -37.15
CA SER A 49 2.61 -4.21 -37.67
C SER A 49 2.82 -2.71 -37.93
N LEU A 50 4.08 -2.29 -37.94
CA LEU A 50 4.33 -0.86 -38.08
C LEU A 50 3.92 -0.35 -39.47
N THR A 51 3.90 -1.23 -40.47
CA THR A 51 3.42 -0.85 -41.80
C THR A 51 1.91 -0.69 -41.80
N ASN A 52 1.17 -1.79 -41.65
CA ASN A 52 -0.28 -1.77 -41.63
C ASN A 52 -0.76 -1.51 -40.20
N GLN A 53 -1.39 -0.35 -39.99
CA GLN A 53 -1.84 0.06 -38.66
C GLN A 53 -3.32 0.43 -38.66
N LYS A 54 -4.10 -0.19 -39.54
CA LYS A 54 -5.55 0.00 -39.57
C LYS A 54 -6.34 -1.25 -39.24
N TYR A 55 -5.89 -2.40 -39.72
CA TYR A 55 -6.45 -3.69 -39.34
C TYR A 55 -5.43 -4.49 -38.54
N PRO A 56 -5.88 -5.37 -37.64
CA PRO A 56 -4.94 -6.13 -36.82
C PRO A 56 -4.13 -7.11 -37.66
N LYS A 57 -2.81 -7.14 -37.40
CA LYS A 57 -1.96 -8.16 -37.98
C LYS A 57 -2.29 -9.55 -37.45
N GLU A 58 -2.88 -9.62 -36.24
CA GLU A 58 -3.27 -10.88 -35.64
C GLU A 58 -4.30 -10.58 -34.55
N ILE A 59 -5.27 -11.49 -34.40
CA ILE A 59 -6.33 -11.35 -33.40
C ILE A 59 -6.20 -12.51 -32.42
N ILE A 60 -5.93 -12.18 -31.16
CA ILE A 60 -5.73 -13.16 -30.09
C ILE A 60 -6.86 -13.00 -29.08
N GLU A 61 -7.46 -14.11 -28.67
CA GLU A 61 -8.49 -14.09 -27.64
C GLU A 61 -7.88 -14.54 -26.32
N VAL A 62 -7.82 -13.63 -25.35
CA VAL A 62 -7.34 -13.94 -24.00
C VAL A 62 -8.35 -14.86 -23.31
N LYS A 63 -8.05 -16.16 -23.29
CA LYS A 63 -8.91 -17.16 -22.66
C LYS A 63 -8.61 -17.39 -21.20
N ASN A 64 -7.42 -17.02 -20.74
CA ASN A 64 -7.03 -17.23 -19.36
C ASN A 64 -7.49 -16.06 -18.50
N LYS A 65 -7.97 -16.37 -17.30
CA LYS A 65 -8.42 -15.36 -16.35
C LYS A 65 -8.12 -15.85 -14.95
N THR A 66 -7.50 -15.00 -14.13
CA THR A 66 -7.21 -15.31 -12.74
C THR A 66 -7.93 -14.27 -11.89
N GLY A 67 -9.08 -14.64 -11.36
CA GLY A 67 -9.90 -13.67 -10.64
C GLY A 67 -10.55 -12.71 -11.63
N ASP A 68 -10.33 -11.42 -11.42
CA ASP A 68 -10.87 -10.37 -12.28
C ASP A 68 -9.82 -9.80 -13.22
N ILE A 69 -8.92 -10.63 -13.73
CA ILE A 69 -7.81 -10.16 -14.56
C ILE A 69 -7.57 -11.16 -15.69
N TRP A 70 -7.50 -10.66 -16.91
CA TRP A 70 -7.27 -11.46 -18.10
C TRP A 70 -5.79 -11.37 -18.49
N HIS A 71 -5.21 -12.50 -18.90
CA HIS A 71 -3.80 -12.51 -19.28
C HIS A 71 -3.46 -13.62 -20.26
N VAL A 72 -2.39 -13.40 -21.02
CA VAL A 72 -1.90 -14.37 -22.01
C VAL A 72 -0.51 -13.98 -22.46
N PHE A 73 0.42 -14.94 -22.47
CA PHE A 73 1.79 -14.66 -22.89
C PHE A 73 1.96 -15.07 -24.34
N VAL A 74 2.37 -14.13 -25.18
CA VAL A 74 2.54 -14.36 -26.61
C VAL A 74 4.04 -14.58 -26.89
N PRO A 75 4.45 -15.75 -27.33
CA PRO A 75 5.87 -15.97 -27.64
C PRO A 75 6.32 -15.14 -28.85
N GLY A 76 7.63 -14.92 -28.92
CA GLY A 76 8.24 -14.27 -30.06
C GLY A 76 8.18 -12.76 -30.05
N LEU A 77 7.15 -12.19 -29.41
CA LEU A 77 7.01 -10.73 -29.39
C LEU A 77 8.22 -10.04 -28.87
N ARG A 78 8.37 -8.75 -29.14
CA ARG A 78 9.55 -8.04 -28.74
C ARG A 78 9.26 -6.59 -28.54
N PRO A 79 10.03 -5.90 -27.75
CA PRO A 79 9.72 -4.48 -27.52
C PRO A 79 9.52 -3.73 -28.83
N GLY A 80 8.74 -2.66 -28.75
CA GLY A 80 8.34 -1.90 -29.92
C GLY A 80 7.09 -2.42 -30.59
N GLN A 81 6.60 -3.59 -30.20
CA GLN A 81 5.43 -4.19 -30.85
C GLN A 81 4.18 -3.39 -30.51
N LEU A 82 3.37 -3.13 -31.53
CA LEU A 82 2.17 -2.30 -31.39
C LEU A 82 0.96 -3.19 -31.08
N TYR A 83 0.12 -2.71 -30.17
CA TYR A 83 -1.01 -3.54 -29.76
C TYR A 83 -2.12 -2.68 -29.16
N ALA A 84 -3.31 -3.27 -29.09
CA ALA A 84 -4.49 -2.68 -28.49
C ALA A 84 -5.47 -3.80 -28.18
N TYR A 85 -6.62 -3.45 -27.61
CA TYR A 85 -7.58 -4.43 -27.14
C TYR A 85 -8.98 -4.15 -27.68
N ARG A 86 -9.78 -5.20 -27.76
CA ARG A 86 -11.22 -5.11 -27.92
C ARG A 86 -11.88 -5.83 -26.75
N VAL A 87 -12.86 -5.19 -26.14
CA VAL A 87 -13.49 -5.69 -24.92
C VAL A 87 -14.95 -6.00 -25.22
N TYR A 88 -15.33 -7.27 -25.04
CA TYR A 88 -16.70 -7.72 -25.25
C TYR A 88 -17.47 -7.68 -23.94
N GLY A 89 -18.78 -7.43 -24.05
CA GLY A 89 -19.63 -7.40 -22.88
C GLY A 89 -21.02 -6.86 -23.17
N PRO A 90 -21.86 -6.81 -22.14
CA PRO A 90 -23.23 -6.32 -22.33
C PRO A 90 -23.26 -4.82 -22.58
N TYR A 91 -24.21 -4.40 -23.39
CA TYR A 91 -24.44 -2.97 -23.66
C TYR A 91 -25.76 -2.58 -23.04
N LYS A 92 -25.69 -1.90 -21.89
CA LYS A 92 -26.87 -1.40 -21.19
C LYS A 92 -26.53 -0.03 -20.63
N PRO A 93 -26.53 1.00 -21.48
CA PRO A 93 -26.16 2.35 -20.99
C PRO A 93 -27.04 2.85 -19.86
N GLU A 94 -28.32 2.50 -19.85
CA GLU A 94 -29.19 2.86 -18.74
C GLU A 94 -28.73 2.24 -17.43
N LEU A 95 -27.91 1.19 -17.49
CA LEU A 95 -27.38 0.54 -16.29
C LEU A 95 -25.88 0.73 -16.12
N GLY A 96 -25.19 1.33 -17.09
CA GLY A 96 -23.77 1.62 -16.97
C GLY A 96 -22.86 0.71 -17.78
N LEU A 97 -23.37 -0.37 -18.35
CA LEU A 97 -22.55 -1.30 -19.13
C LEU A 97 -22.47 -0.77 -20.56
N ARG A 98 -21.34 -0.16 -20.90
CA ARG A 98 -21.18 0.45 -22.22
C ARG A 98 -20.12 -0.30 -23.01
N PHE A 99 -20.29 -1.60 -23.17
CA PHE A 99 -19.31 -2.44 -23.87
C PHE A 99 -19.61 -2.41 -25.37
N ASN A 100 -18.61 -2.02 -26.15
CA ASN A 100 -18.74 -1.96 -27.61
C ASN A 100 -17.45 -2.50 -28.23
N PRO A 101 -17.39 -3.81 -28.48
CA PRO A 101 -16.15 -4.41 -29.02
C PRO A 101 -15.79 -3.91 -30.41
N ASN A 102 -16.68 -3.20 -31.10
CA ASN A 102 -16.27 -2.50 -32.31
C ASN A 102 -15.20 -1.47 -32.03
N LYS A 103 -15.17 -0.95 -30.80
CA LYS A 103 -14.22 0.08 -30.42
C LYS A 103 -12.96 -0.58 -29.88
N VAL A 104 -11.81 -0.20 -30.44
CA VAL A 104 -10.52 -0.71 -30.01
C VAL A 104 -9.94 0.26 -28.99
N LEU A 105 -9.47 -0.29 -27.88
CA LEU A 105 -9.11 0.50 -26.70
C LEU A 105 -7.63 0.35 -26.37
N ILE A 106 -7.11 1.37 -25.68
CA ILE A 106 -5.70 1.43 -25.30
C ILE A 106 -5.53 0.78 -23.94
N ASP A 107 -4.43 0.06 -23.75
CA ASP A 107 -4.10 -0.51 -22.46
C ASP A 107 -3.90 0.60 -21.44
N PRO A 108 -4.68 0.62 -20.35
CA PRO A 108 -4.46 1.64 -19.31
C PRO A 108 -3.14 1.49 -18.57
N TYR A 109 -2.37 0.47 -18.93
CA TYR A 109 -1.07 0.23 -18.30
C TYR A 109 0.06 0.41 -19.31
N ALA A 110 -0.25 0.96 -20.49
CA ALA A 110 0.75 1.16 -21.51
C ALA A 110 1.78 2.20 -21.04
N LYS A 111 3.05 1.86 -21.16
CA LYS A 111 4.13 2.79 -20.85
C LYS A 111 4.54 3.61 -22.05
N ALA A 112 3.93 3.40 -23.21
CA ALA A 112 4.15 4.25 -24.38
C ALA A 112 2.97 4.07 -25.33
N ILE A 113 2.38 5.18 -25.75
CA ILE A 113 1.29 5.19 -26.72
C ILE A 113 1.79 5.85 -28.00
N ASN A 114 1.42 5.28 -29.14
CA ASN A 114 1.96 5.72 -30.42
C ASN A 114 1.47 7.11 -30.80
N GLY A 115 0.24 7.23 -31.29
CA GLY A 115 -0.27 8.49 -31.76
C GLY A 115 -1.24 9.16 -30.80
N SER A 116 -1.91 10.19 -31.31
CA SER A 116 -3.13 10.70 -30.72
C SER A 116 -4.30 10.15 -31.55
N VAL A 117 -5.47 10.77 -31.45
CA VAL A 117 -6.66 10.26 -32.12
C VAL A 117 -6.95 11.08 -33.37
N ILE A 118 -7.18 10.39 -34.48
CA ILE A 118 -7.82 10.99 -35.65
C ILE A 118 -9.31 11.06 -35.33
N TRP A 119 -9.79 12.25 -34.95
CA TRP A 119 -11.17 12.38 -34.52
C TRP A 119 -12.13 11.96 -35.64
N ASN A 120 -13.13 11.18 -35.26
CA ASN A 120 -14.07 10.59 -36.19
C ASN A 120 -15.25 10.06 -35.39
N ASP A 121 -16.47 10.22 -35.93
CA ASP A 121 -17.67 9.82 -35.21
C ASP A 121 -17.71 8.34 -34.86
N ALA A 122 -16.73 7.55 -35.31
CA ALA A 122 -16.71 6.12 -35.06
C ALA A 122 -16.00 5.73 -33.77
N VAL A 123 -15.42 6.68 -33.04
CA VAL A 123 -14.71 6.35 -31.80
C VAL A 123 -15.56 6.71 -30.60
N PHE A 124 -16.87 6.44 -30.67
CA PHE A 124 -17.80 7.00 -29.69
C PHE A 124 -18.69 5.98 -29.00
N GLY A 125 -18.87 4.78 -29.53
CA GLY A 125 -19.73 3.79 -28.91
C GLY A 125 -21.22 4.06 -29.05
N TYR A 126 -21.61 5.24 -29.52
CA TYR A 126 -23.00 5.57 -29.75
C TYR A 126 -23.10 6.32 -31.07
N LYS A 127 -24.17 6.05 -31.82
CA LYS A 127 -24.38 6.74 -33.09
C LYS A 127 -24.54 8.23 -32.85
N ILE A 128 -23.64 9.02 -33.44
CA ILE A 128 -23.48 10.42 -33.05
C ILE A 128 -24.76 11.21 -33.32
N GLY A 129 -25.28 11.13 -34.54
CA GLY A 129 -26.40 11.97 -34.92
C GLY A 129 -27.73 11.57 -34.31
N ASP A 130 -27.83 10.34 -33.81
CA ASP A 130 -29.08 9.81 -33.26
C ASP A 130 -29.74 10.68 -32.19
N GLN A 131 -31.07 10.79 -32.27
CA GLN A 131 -31.81 11.56 -31.27
C GLN A 131 -31.68 10.95 -29.88
N ASN A 132 -31.50 9.65 -29.80
CA ASN A 132 -31.31 9.00 -28.50
C ASN A 132 -29.82 8.89 -28.13
N GLN A 133 -29.14 10.03 -28.14
CA GLN A 133 -27.72 10.12 -27.84
C GLN A 133 -27.31 9.36 -26.59
N ASP A 134 -26.17 8.72 -26.67
CA ASP A 134 -25.63 7.86 -25.62
C ASP A 134 -26.35 6.52 -25.40
N LEU A 135 -27.57 6.39 -25.91
CA LEU A 135 -28.32 5.14 -25.73
C LEU A 135 -28.26 4.23 -26.94
N THR A 136 -27.75 4.69 -28.07
CA THR A 136 -27.55 3.82 -29.21
C THR A 136 -26.32 2.95 -29.03
N TYR A 137 -26.05 2.14 -30.06
CA TYR A 137 -24.91 1.23 -30.12
C TYR A 137 -24.36 1.35 -31.54
N ASP A 138 -23.45 2.30 -31.73
CA ASP A 138 -22.81 2.47 -33.04
C ASP A 138 -21.81 1.34 -33.28
N GLU A 139 -22.08 0.50 -34.28
CA GLU A 139 -21.31 -0.69 -34.60
C GLU A 139 -20.15 -0.41 -35.56
N ARG A 140 -19.67 0.83 -35.63
CA ARG A 140 -18.54 1.13 -36.49
C ARG A 140 -17.24 0.69 -35.83
N ASP A 141 -16.37 0.03 -36.60
CA ASP A 141 -15.01 -0.23 -36.15
C ASP A 141 -14.25 1.08 -36.02
N SER A 142 -13.53 1.25 -34.91
CA SER A 142 -12.76 2.46 -34.65
C SER A 142 -11.26 2.23 -34.70
N GLY A 143 -10.81 1.08 -35.19
CA GLY A 143 -9.41 0.72 -35.09
C GLY A 143 -8.49 1.64 -35.86
N GLU A 144 -8.93 2.09 -37.04
CA GLU A 144 -8.12 2.98 -37.86
C GLU A 144 -7.80 4.30 -37.16
N TYR A 145 -8.52 4.63 -36.08
CA TYR A 145 -8.49 5.98 -35.53
C TYR A 145 -7.88 6.07 -34.13
N VAL A 146 -7.72 4.95 -33.42
CA VAL A 146 -7.21 4.95 -32.06
C VAL A 146 -5.71 4.66 -32.09
N PRO A 147 -4.88 5.42 -31.37
CA PRO A 147 -3.45 5.13 -31.34
C PRO A 147 -3.18 3.76 -30.75
N LYS A 148 -2.06 3.16 -31.17
CA LYS A 148 -1.68 1.84 -30.72
C LYS A 148 -0.75 1.93 -29.52
N SER A 149 -0.85 0.96 -28.63
CA SER A 149 0.03 0.88 -27.47
C SER A 149 1.33 0.19 -27.85
N VAL A 150 2.40 0.60 -27.20
CA VAL A 150 3.75 0.12 -27.51
C VAL A 150 4.24 -0.75 -26.37
N VAL A 151 4.78 -1.93 -26.71
CA VAL A 151 5.58 -2.71 -25.77
C VAL A 151 6.94 -2.05 -25.69
N ILE A 152 7.35 -1.67 -24.49
CA ILE A 152 8.56 -0.89 -24.28
C ILE A 152 9.64 -1.76 -23.67
N ASN A 153 10.89 -1.34 -23.87
CA ASN A 153 12.01 -1.93 -23.16
C ASN A 153 12.29 -1.10 -21.92
N PRO A 154 12.11 -1.64 -20.70
CA PRO A 154 12.23 -0.81 -19.50
C PRO A 154 13.66 -0.54 -19.07
N TYR A 155 14.63 -1.20 -19.69
CA TYR A 155 16.01 -1.11 -19.24
C TYR A 155 16.61 0.26 -19.57
N PHE A 156 17.43 0.77 -18.65
CA PHE A 156 18.06 2.07 -18.78
C PHE A 156 19.18 2.17 -17.74
N GLU A 157 20.31 2.72 -18.16
CA GLU A 157 21.47 2.86 -17.28
C GLU A 157 21.53 4.30 -16.76
N TRP A 158 21.20 4.47 -15.48
CA TRP A 158 21.17 5.79 -14.84
C TRP A 158 22.55 6.10 -14.29
N ASP A 159 23.36 6.70 -15.13
CA ASP A 159 24.71 7.08 -14.83
C ASP A 159 24.70 8.17 -13.82
N ASP A 160 25.63 8.14 -12.88
CA ASP A 160 25.73 9.17 -11.85
C ASP A 160 24.45 9.62 -11.09
N GLU A 161 23.38 8.84 -11.16
CA GLU A 161 22.13 9.23 -10.53
C GLU A 161 21.77 8.33 -9.38
N ASP A 162 22.46 7.21 -9.28
CA ASP A 162 22.18 6.26 -8.21
C ASP A 162 22.51 6.90 -6.85
N PHE A 163 23.46 7.85 -6.86
CA PHE A 163 23.87 8.55 -5.67
C PHE A 163 23.04 9.80 -5.37
N ILE A 164 22.34 10.38 -6.34
CA ILE A 164 21.60 11.58 -5.99
C ILE A 164 20.33 11.23 -5.21
N LYS A 165 20.34 10.07 -4.55
CA LYS A 165 19.20 9.62 -3.77
C LYS A 165 19.45 9.78 -2.28
N GLY A 166 18.56 10.50 -1.60
CA GLY A 166 18.69 10.73 -0.18
C GLY A 166 18.35 12.16 0.21
N LYS A 167 19.24 12.74 0.99
CA LYS A 167 18.99 14.07 1.41
C LYS A 167 19.28 14.84 0.17
N LYS A 168 18.26 14.95 -0.68
CA LYS A 168 18.38 15.68 -1.94
C LYS A 168 18.15 17.15 -1.62
N VAL A 169 16.99 17.68 -1.96
CA VAL A 169 16.70 19.05 -1.64
C VAL A 169 15.58 19.02 -0.67
N PRO A 170 15.87 19.33 0.57
CA PRO A 170 14.80 19.30 1.56
C PRO A 170 13.76 20.36 1.27
N LEU A 171 12.50 20.05 1.60
CA LEU A 171 11.43 21.02 1.45
C LEU A 171 11.74 22.34 2.14
N LYS A 172 12.68 22.33 3.09
CA LYS A 172 13.08 23.54 3.79
C LYS A 172 13.67 24.57 2.83
N ASP A 173 14.60 24.15 1.96
CA ASP A 173 15.32 25.06 1.09
C ASP A 173 14.89 24.96 -0.37
N THR A 174 13.73 24.37 -0.62
CA THR A 174 13.24 24.20 -1.99
C THR A 174 12.76 25.53 -2.57
N VAL A 175 13.03 25.75 -3.85
CA VAL A 175 12.48 26.85 -4.63
C VAL A 175 11.94 26.28 -5.93
N ILE A 176 10.62 26.26 -6.08
CA ILE A 176 9.98 25.60 -7.21
C ILE A 176 9.94 26.53 -8.42
N TYR A 177 9.99 25.93 -9.61
CA TYR A 177 10.01 26.66 -10.88
C TYR A 177 9.13 25.88 -11.85
N GLU A 178 7.86 26.29 -11.97
CA GLU A 178 6.88 25.53 -12.75
C GLU A 178 7.02 25.85 -14.23
N VAL A 179 7.23 24.83 -15.06
CA VAL A 179 7.54 25.00 -16.47
C VAL A 179 6.55 24.21 -17.32
N HIS A 180 6.32 24.70 -18.53
CA HIS A 180 5.74 23.91 -19.60
C HIS A 180 6.87 23.37 -20.47
N VAL A 181 6.84 22.07 -20.75
CA VAL A 181 7.96 21.41 -21.42
C VAL A 181 8.21 22.06 -22.79
N LYS A 182 7.15 22.26 -23.57
CA LYS A 182 7.36 22.75 -24.93
C LYS A 182 7.61 24.25 -24.95
N GLY A 183 6.79 25.04 -24.25
CA GLY A 183 6.99 26.48 -24.25
C GLY A 183 8.35 26.88 -23.71
N PHE A 184 8.93 26.05 -22.85
CA PHE A 184 10.26 26.32 -22.29
C PHE A 184 11.29 26.59 -23.38
N THR A 185 11.20 25.86 -24.50
CA THR A 185 12.30 25.86 -25.46
C THR A 185 11.86 25.86 -26.93
N LYS A 186 10.60 26.18 -27.23
CA LYS A 186 10.18 26.15 -28.63
C LYS A 186 10.76 27.31 -29.43
N LEU A 187 10.79 28.51 -28.85
CA LEU A 187 11.47 29.64 -29.47
C LEU A 187 12.90 29.80 -28.95
N ARG A 188 13.48 28.74 -28.39
CA ARG A 188 14.89 28.73 -28.02
C ARG A 188 15.71 28.27 -29.22
N LEU A 189 15.81 29.17 -30.21
CA LEU A 189 16.71 28.95 -31.34
C LEU A 189 18.17 28.88 -30.91
N ASP A 190 18.45 29.12 -29.63
CA ASP A 190 19.71 28.74 -29.02
C ASP A 190 20.07 27.30 -29.35
N LEU A 191 19.14 26.37 -29.10
CA LEU A 191 19.34 24.97 -29.40
C LEU A 191 18.94 24.66 -30.84
N PRO A 192 19.37 23.52 -31.38
CA PRO A 192 18.88 23.09 -32.70
C PRO A 192 17.38 22.87 -32.68
N GLU A 193 16.77 22.95 -33.86
CA GLU A 193 15.36 22.65 -34.03
C GLU A 193 15.11 21.18 -33.66
N ASN A 194 13.85 20.77 -33.63
CA ASN A 194 13.45 19.37 -33.50
C ASN A 194 13.76 18.82 -32.11
N ILE A 195 14.62 19.53 -31.37
CA ILE A 195 14.67 19.41 -29.92
C ILE A 195 14.06 20.62 -29.22
N ARG A 196 13.78 21.69 -29.96
CA ARG A 196 13.10 22.84 -29.37
C ARG A 196 11.70 22.46 -28.90
N GLY A 197 11.47 22.57 -27.61
CA GLY A 197 10.16 22.30 -27.04
C GLY A 197 9.89 20.85 -26.72
N THR A 198 10.91 20.07 -26.38
CA THR A 198 10.76 18.67 -26.00
C THR A 198 11.56 18.41 -24.74
N TYR A 199 11.41 17.19 -24.20
CA TYR A 199 12.16 16.78 -23.01
C TYR A 199 13.65 17.04 -23.18
N GLU A 200 14.23 16.53 -24.27
CA GLU A 200 15.66 16.71 -24.53
C GLU A 200 16.03 18.19 -24.59
N GLY A 201 15.11 19.01 -25.12
CA GLY A 201 15.37 20.45 -25.14
C GLY A 201 15.49 21.03 -23.74
N LEU A 202 14.64 20.59 -22.82
CA LEU A 202 14.66 21.11 -21.46
C LEU A 202 15.95 20.74 -20.74
N ALA A 203 16.46 19.53 -21.00
CA ALA A 203 17.61 19.01 -20.28
C ALA A 203 18.94 19.29 -20.98
N SER A 204 18.94 20.11 -22.03
CA SER A 204 20.17 20.42 -22.73
C SER A 204 21.10 21.25 -21.85
N GLU A 205 22.37 21.31 -22.25
CA GLU A 205 23.38 22.01 -21.46
C GLU A 205 23.06 23.50 -21.35
N GLN A 206 22.45 24.10 -22.37
CA GLN A 206 22.11 25.51 -22.31
C GLN A 206 21.04 25.77 -21.25
N MET A 207 20.05 24.89 -21.16
CA MET A 207 18.96 25.09 -20.21
C MET A 207 19.37 24.74 -18.79
N ILE A 208 20.09 23.62 -18.63
CA ILE A 208 20.61 23.24 -17.31
C ILE A 208 21.43 24.38 -16.73
N SER A 209 22.22 25.04 -17.57
CA SER A 209 23.00 26.19 -17.11
C SER A 209 22.08 27.34 -16.71
N TYR A 210 21.11 27.69 -17.58
CA TYR A 210 20.19 28.77 -17.26
C TYR A 210 19.43 28.49 -15.96
N LEU A 211 18.97 27.25 -15.77
CA LEU A 211 18.20 26.92 -14.58
C LEU A 211 19.04 27.08 -13.31
N LYS A 212 20.34 26.73 -13.40
CA LYS A 212 21.23 26.84 -12.25
C LYS A 212 21.84 28.22 -12.12
N ASP A 213 22.03 28.93 -13.24
CA ASP A 213 22.36 30.35 -13.16
C ASP A 213 21.25 31.12 -12.43
N LEU A 214 19.99 30.75 -12.68
CA LEU A 214 18.88 31.42 -12.02
C LEU A 214 18.81 31.04 -10.54
N GLY A 215 19.00 29.77 -10.22
CA GLY A 215 19.12 29.35 -8.84
C GLY A 215 17.95 28.57 -8.26
N ILE A 216 16.96 28.20 -9.07
CA ILE A 216 15.91 27.34 -8.56
C ILE A 216 16.46 25.94 -8.29
N THR A 217 15.80 25.23 -7.38
CA THR A 217 16.26 23.92 -6.95
C THR A 217 15.53 22.76 -7.62
N THR A 218 14.21 22.89 -7.79
CA THR A 218 13.40 21.83 -8.37
C THR A 218 12.49 22.43 -9.42
N VAL A 219 12.18 21.64 -10.46
CA VAL A 219 11.32 22.09 -11.54
C VAL A 219 10.05 21.26 -11.56
N GLU A 220 8.93 21.94 -11.75
CA GLU A 220 7.62 21.29 -11.84
C GLU A 220 7.18 21.31 -13.30
N LEU A 221 7.03 20.12 -13.88
CA LEU A 221 6.70 19.99 -15.29
C LEU A 221 5.19 19.81 -15.46
N MET A 222 4.58 20.69 -16.26
CA MET A 222 3.16 20.62 -16.54
C MET A 222 2.82 19.27 -17.18
N PRO A 223 1.54 18.82 -17.05
CA PRO A 223 1.16 17.43 -17.38
C PRO A 223 1.94 16.75 -18.48
N VAL A 224 2.59 15.64 -18.14
CA VAL A 224 3.31 14.80 -19.08
C VAL A 224 2.68 13.43 -19.23
N PHE A 225 1.51 13.21 -18.62
CA PHE A 225 0.75 11.99 -18.85
C PHE A 225 0.09 12.09 -20.22
N HIS A 226 0.37 11.12 -21.08
CA HIS A 226 -0.11 11.11 -22.46
C HIS A 226 -1.57 11.52 -22.55
N PHE A 227 -1.85 12.56 -23.33
CA PHE A 227 -3.15 13.20 -23.32
C PHE A 227 -3.68 13.40 -24.74
N ILE A 228 -4.97 13.72 -24.80
CA ILE A 228 -5.70 13.88 -26.05
C ILE A 228 -6.14 15.34 -26.18
N ASP A 229 -6.12 15.85 -27.41
CA ASP A 229 -6.81 17.08 -27.72
C ASP A 229 -8.29 16.76 -27.88
N GLN A 230 -9.12 17.28 -26.98
CA GLN A 230 -10.54 16.99 -27.06
C GLN A 230 -11.12 17.59 -28.34
N ARG A 231 -12.17 16.95 -28.84
CA ARG A 231 -12.62 17.22 -30.21
C ARG A 231 -13.07 18.67 -30.38
N PHE A 232 -13.77 19.23 -29.39
CA PHE A 232 -14.26 20.59 -29.54
C PHE A 232 -13.13 21.62 -29.62
N LEU A 233 -11.90 21.26 -29.26
CA LEU A 233 -10.78 22.14 -29.56
C LEU A 233 -10.28 21.95 -30.98
N THR A 234 -10.17 20.70 -31.44
CA THR A 234 -9.72 20.44 -32.80
C THR A 234 -10.74 20.95 -33.83
N ASP A 235 -12.03 20.81 -33.53
CA ASP A 235 -13.08 21.34 -34.41
C ASP A 235 -13.16 22.87 -34.38
N LYS A 236 -12.23 23.50 -33.66
CA LYS A 236 -12.01 24.94 -33.75
C LYS A 236 -10.56 25.27 -34.12
N GLY A 237 -9.79 24.28 -34.58
CA GLY A 237 -8.41 24.52 -34.93
C GLY A 237 -7.47 24.70 -33.76
N LEU A 238 -7.75 24.05 -32.64
CA LEU A 238 -6.99 24.21 -31.41
C LEU A 238 -6.45 22.88 -30.93
N THR A 239 -5.56 22.95 -29.94
CA THR A 239 -4.96 21.79 -29.32
C THR A 239 -4.97 21.97 -27.81
N ASN A 240 -4.78 20.87 -27.09
CA ASN A 240 -4.63 20.93 -25.64
C ASN A 240 -3.17 21.23 -25.33
N TYR A 241 -2.89 22.50 -25.00
CA TYR A 241 -1.51 22.90 -24.74
C TYR A 241 -1.06 22.49 -23.34
N TRP A 242 -1.93 22.66 -22.34
CA TRP A 242 -1.54 22.31 -20.98
C TRP A 242 -1.44 20.81 -20.80
N GLY A 243 -2.40 20.06 -21.32
CA GLY A 243 -2.40 18.62 -21.18
C GLY A 243 -3.12 18.10 -19.96
N TYR A 244 -3.89 18.94 -19.26
CA TYR A 244 -4.69 18.48 -18.13
C TYR A 244 -5.91 17.70 -18.62
N ASP A 245 -5.70 16.78 -19.56
CA ASP A 245 -6.76 15.93 -20.08
C ASP A 245 -6.15 14.61 -20.52
N PRO A 246 -5.66 13.82 -19.57
CA PRO A 246 -4.86 12.65 -19.94
C PRO A 246 -5.72 11.42 -20.22
N ILE A 247 -5.09 10.48 -20.92
CA ILE A 247 -5.73 9.21 -21.25
C ILE A 247 -4.99 8.01 -20.66
N ASN A 248 -3.71 8.17 -20.31
CA ASN A 248 -2.91 7.11 -19.72
C ASN A 248 -2.02 7.72 -18.64
N PHE A 249 -1.72 6.93 -17.62
CA PHE A 249 -0.98 7.41 -16.46
C PHE A 249 0.46 6.91 -16.40
N PHE A 250 0.89 6.12 -17.39
CA PHE A 250 2.24 5.56 -17.40
C PHE A 250 3.08 6.04 -18.57
N SER A 251 2.46 6.49 -19.66
CA SER A 251 3.18 6.87 -20.87
C SER A 251 3.48 8.36 -20.83
N PRO A 252 4.73 8.79 -20.94
CA PRO A 252 4.99 10.22 -21.17
C PRO A 252 4.43 10.62 -22.53
N GLU A 253 4.02 11.87 -22.63
CA GLU A 253 3.36 12.37 -23.83
C GLU A 253 4.28 12.28 -25.03
N CYS A 254 3.72 11.80 -26.14
CA CYS A 254 4.44 11.63 -27.39
C CYS A 254 4.86 12.95 -28.03
N ARG A 255 4.02 13.97 -28.00
CA ARG A 255 4.42 15.21 -28.63
C ARG A 255 5.60 15.96 -28.08
N TYR A 256 6.07 15.57 -26.93
CA TYR A 256 7.23 16.20 -26.34
C TYR A 256 8.49 15.37 -26.56
N SER A 257 8.39 14.29 -27.30
CA SER A 257 9.49 13.42 -27.57
C SER A 257 10.26 13.88 -28.73
N SER A 258 11.56 13.78 -28.63
CA SER A 258 12.39 14.16 -29.74
C SER A 258 12.83 12.98 -30.57
N THR A 259 12.56 11.78 -30.10
CA THR A 259 12.99 10.60 -30.78
C THR A 259 11.88 9.66 -31.14
N GLY A 260 10.69 10.20 -31.34
CA GLY A 260 9.58 9.38 -31.75
C GLY A 260 8.68 8.93 -30.67
N CYS A 261 7.69 8.15 -31.02
CA CYS A 261 6.72 7.71 -30.07
C CYS A 261 6.62 6.24 -30.04
N LEU A 262 7.58 5.58 -30.64
CA LEU A 262 7.58 4.12 -30.64
C LEU A 262 8.42 3.56 -29.50
N GLY A 263 8.43 4.24 -28.36
CA GLY A 263 9.29 3.94 -27.24
C GLY A 263 10.32 5.00 -26.94
N GLY A 264 10.59 5.91 -27.90
CA GLY A 264 11.62 6.91 -27.71
C GLY A 264 11.28 7.99 -26.69
N GLN A 265 9.99 8.15 -26.36
CA GLN A 265 9.62 9.22 -25.43
C GLN A 265 9.95 8.84 -23.99
N VAL A 266 9.78 7.58 -23.62
CA VAL A 266 10.18 7.15 -22.28
C VAL A 266 11.69 7.17 -22.15
N LEU A 267 12.41 6.97 -23.26
CA LEU A 267 13.87 7.04 -23.23
C LEU A 267 14.32 8.49 -23.08
N SER A 268 13.86 9.36 -23.98
CA SER A 268 14.21 10.77 -23.93
C SER A 268 13.73 11.42 -22.65
N PHE A 269 12.69 10.87 -22.01
CA PHE A 269 12.30 11.34 -20.68
C PHE A 269 13.30 10.89 -19.63
N LYS A 270 13.60 9.59 -19.60
CA LYS A 270 14.58 9.09 -18.63
C LYS A 270 15.92 9.79 -18.80
N LYS A 271 16.38 9.96 -20.04
CA LYS A 271 17.61 10.71 -20.28
C LYS A 271 17.50 12.14 -19.78
N MET A 272 16.29 12.71 -19.79
CA MET A 272 16.13 14.12 -19.43
C MET A 272 16.39 14.33 -17.94
N VAL A 273 15.71 13.57 -17.08
CA VAL A 273 15.85 13.77 -15.64
C VAL A 273 17.19 13.22 -15.15
N ASN A 274 17.72 12.18 -15.80
CA ASN A 274 19.09 11.76 -15.53
C ASN A 274 20.04 12.94 -15.70
N GLU A 275 19.83 13.73 -16.75
CA GLU A 275 20.67 14.91 -16.98
C GLU A 275 20.43 15.98 -15.91
N LEU A 276 19.17 16.18 -15.52
CA LEU A 276 18.87 17.17 -14.48
C LEU A 276 19.48 16.77 -13.15
N HIS A 277 19.35 15.50 -12.80
CA HIS A 277 19.88 14.99 -11.54
C HIS A 277 21.37 15.25 -11.44
N ASN A 278 22.09 15.07 -12.55
CA ASN A 278 23.53 15.31 -12.57
C ASN A 278 23.87 16.75 -12.24
N ALA A 279 22.91 17.66 -12.33
CA ALA A 279 23.09 19.05 -11.94
C ALA A 279 22.43 19.37 -10.60
N GLY A 280 21.96 18.36 -9.87
CA GLY A 280 21.33 18.60 -8.58
C GLY A 280 20.00 19.32 -8.67
N ILE A 281 19.16 18.94 -9.62
CA ILE A 281 17.87 19.58 -9.84
C ILE A 281 16.78 18.54 -9.69
N GLU A 282 15.93 18.69 -8.67
CA GLU A 282 14.82 17.79 -8.47
C GLU A 282 13.75 18.01 -9.54
N VAL A 283 12.88 17.02 -9.68
CA VAL A 283 11.86 17.02 -10.74
C VAL A 283 10.53 16.57 -10.14
N ILE A 284 9.51 17.41 -10.29
CA ILE A 284 8.15 17.13 -9.85
C ILE A 284 7.26 17.26 -11.08
N ILE A 285 6.28 16.37 -11.21
CA ILE A 285 5.41 16.34 -12.39
C ILE A 285 3.98 16.65 -11.96
N ASP A 286 3.37 17.61 -12.64
CA ASP A 286 1.95 17.86 -12.51
C ASP A 286 1.18 16.65 -13.04
N VAL A 287 0.31 16.08 -12.20
CA VAL A 287 -0.33 14.81 -12.49
C VAL A 287 -1.84 14.95 -12.34
N VAL A 288 -2.58 14.54 -13.35
CA VAL A 288 -4.04 14.51 -13.32
C VAL A 288 -4.47 13.07 -13.08
N TYR A 289 -5.00 12.80 -11.89
CA TYR A 289 -5.63 11.53 -11.58
C TYR A 289 -7.13 11.68 -11.33
N ASN A 290 -7.67 12.88 -11.47
CA ASN A 290 -9.05 13.17 -11.12
C ASN A 290 -10.03 12.96 -12.26
N HIS A 291 -9.55 12.98 -13.50
CA HIS A 291 -10.45 12.83 -14.65
C HIS A 291 -9.65 12.30 -15.83
N THR A 292 -10.37 11.70 -16.77
CA THR A 292 -9.79 11.20 -18.00
C THR A 292 -10.36 11.99 -19.18
N ALA A 293 -9.57 12.06 -20.25
CA ALA A 293 -9.98 12.77 -21.46
C ALA A 293 -11.23 12.17 -22.11
N GLU A 294 -11.64 10.97 -21.72
CA GLU A 294 -12.84 10.35 -22.28
C GLU A 294 -14.09 11.18 -22.04
N GLY A 295 -14.05 12.13 -21.11
CA GLY A 295 -15.17 13.00 -20.85
C GLY A 295 -16.39 12.27 -20.32
N ASN A 296 -17.50 12.99 -20.33
CA ASN A 296 -18.77 12.48 -19.84
C ASN A 296 -19.31 11.44 -20.83
N HIS A 297 -20.58 11.06 -20.65
CA HIS A 297 -21.30 10.46 -21.75
C HIS A 297 -21.34 11.44 -22.92
N LEU A 298 -21.62 10.90 -24.11
CA LEU A 298 -21.48 11.61 -25.38
C LEU A 298 -20.01 11.83 -25.71
N GLY A 299 -19.12 11.59 -24.75
CA GLY A 299 -17.71 11.55 -25.01
C GLY A 299 -17.32 10.25 -25.68
N PRO A 300 -16.05 10.18 -26.09
CA PRO A 300 -15.57 8.99 -26.80
C PRO A 300 -15.50 7.78 -25.87
N THR A 301 -15.30 6.62 -26.50
CA THR A 301 -15.10 5.34 -25.82
C THR A 301 -13.75 4.83 -26.27
N LEU A 302 -12.68 5.29 -25.60
CA LEU A 302 -11.32 5.07 -26.07
C LEU A 302 -10.53 4.07 -25.25
N SER A 303 -10.92 3.82 -24.00
CA SER A 303 -10.24 2.81 -23.21
C SER A 303 -11.09 2.36 -22.02
N PHE A 304 -11.11 3.19 -20.97
CA PHE A 304 -11.75 2.80 -19.71
C PHE A 304 -13.23 2.48 -19.91
N ARG A 305 -13.94 3.31 -20.67
CA ARG A 305 -15.35 3.06 -20.93
C ARG A 305 -15.56 1.69 -21.57
N GLY A 306 -14.70 1.32 -22.50
CA GLY A 306 -14.77 0.02 -23.14
C GLY A 306 -14.30 -1.12 -22.27
N ILE A 307 -13.25 -0.89 -21.48
CA ILE A 307 -12.68 -1.96 -20.65
C ILE A 307 -13.68 -2.42 -19.60
N ASP A 308 -14.10 -1.50 -18.73
CA ASP A 308 -14.98 -1.79 -17.61
C ASP A 308 -15.50 -0.47 -17.06
N ASN A 309 -16.67 -0.03 -17.52
CA ASN A 309 -17.08 1.35 -17.32
C ASN A 309 -17.61 1.62 -15.91
N THR A 310 -18.22 0.59 -15.33
CA THR A 310 -18.79 0.67 -13.99
C THR A 310 -17.66 1.06 -13.07
N ALA A 311 -16.50 0.46 -13.27
CA ALA A 311 -15.38 0.80 -12.46
C ALA A 311 -14.73 2.03 -13.12
N TYR A 312 -13.59 2.38 -12.62
CA TYR A 312 -12.89 3.54 -13.16
C TYR A 312 -13.67 4.85 -13.04
N TYR A 313 -15.00 4.82 -13.16
CA TYR A 313 -15.76 6.06 -13.30
C TYR A 313 -16.84 6.19 -12.22
N MET A 314 -16.99 7.41 -11.71
CA MET A 314 -18.02 7.73 -10.73
C MET A 314 -19.33 8.04 -11.44
N LEU A 315 -20.36 7.25 -11.18
CA LEU A 315 -21.63 7.39 -11.85
C LEU A 315 -22.74 7.72 -10.85
N GLN A 316 -23.71 8.51 -11.30
CA GLN A 316 -24.93 8.81 -10.56
C GLN A 316 -25.50 7.51 -10.02
N PRO A 317 -25.49 7.29 -8.69
CA PRO A 317 -25.81 5.95 -8.17
C PRO A 317 -27.22 5.49 -8.48
N ASP A 318 -28.17 6.41 -8.63
CA ASP A 318 -29.55 6.01 -8.91
C ASP A 318 -29.75 5.69 -10.39
N ASN A 319 -28.97 6.30 -11.28
CA ASN A 319 -29.15 6.13 -12.72
C ASN A 319 -28.09 5.22 -13.34
N LYS A 320 -26.81 5.43 -13.00
CA LYS A 320 -25.66 4.72 -13.55
C LYS A 320 -25.47 4.94 -15.04
N ARG A 321 -26.26 5.83 -15.65
CA ARG A 321 -26.06 6.19 -17.05
C ARG A 321 -25.20 7.44 -17.19
N TYR A 322 -25.47 8.46 -16.39
CA TYR A 322 -24.70 9.69 -16.40
C TYR A 322 -23.53 9.59 -15.43
N TYR A 323 -22.65 10.58 -15.48
CA TYR A 323 -21.36 10.52 -14.80
C TYR A 323 -21.28 11.63 -13.77
N LEU A 324 -20.93 11.27 -12.54
CA LEU A 324 -20.67 12.26 -11.51
C LEU A 324 -19.43 13.06 -11.88
N ASP A 325 -19.57 14.39 -11.90
CA ASP A 325 -18.53 15.29 -12.39
C ASP A 325 -18.13 16.24 -11.27
N PHE A 326 -16.94 16.02 -10.71
CA PHE A 326 -16.36 16.91 -9.70
C PHE A 326 -15.14 17.65 -10.20
N THR A 327 -14.77 17.46 -11.47
CA THR A 327 -13.65 18.15 -12.08
C THR A 327 -14.07 19.26 -13.03
N GLY A 328 -15.34 19.31 -13.41
CA GLY A 328 -15.79 20.23 -14.43
C GLY A 328 -15.45 19.80 -15.84
N THR A 329 -15.01 18.55 -16.04
CA THR A 329 -14.59 18.05 -17.34
C THR A 329 -15.31 16.75 -17.71
N GLY A 330 -16.55 16.60 -17.30
CA GLY A 330 -17.38 15.47 -17.71
C GLY A 330 -17.44 14.27 -16.78
N ASN A 331 -16.30 13.81 -16.28
CA ASN A 331 -16.25 12.61 -15.46
C ASN A 331 -15.39 12.87 -14.23
N THR A 332 -15.30 11.84 -13.39
CA THR A 332 -14.39 11.83 -12.25
C THR A 332 -13.97 10.38 -12.01
N LEU A 333 -12.66 10.13 -11.98
CA LEU A 333 -12.15 8.79 -11.74
C LEU A 333 -12.63 8.28 -10.39
N ASN A 334 -13.34 7.16 -10.39
CA ASN A 334 -13.88 6.59 -9.16
C ASN A 334 -12.74 5.95 -8.39
N LEU A 335 -12.14 6.72 -7.49
CA LEU A 335 -11.01 6.24 -6.68
C LEU A 335 -11.45 5.47 -5.45
N SER A 336 -12.67 4.93 -5.45
CA SER A 336 -13.11 4.04 -4.39
C SER A 336 -12.96 2.57 -4.75
N HIS A 337 -12.83 2.25 -6.03
CA HIS A 337 -12.65 0.87 -6.47
C HIS A 337 -11.22 0.42 -6.22
N PRO A 338 -11.00 -0.76 -5.61
CA PRO A 338 -9.63 -1.20 -5.32
C PRO A 338 -8.72 -1.25 -6.53
N ARG A 339 -9.22 -1.66 -7.70
CA ARG A 339 -8.38 -1.74 -8.88
C ARG A 339 -7.98 -0.37 -9.40
N VAL A 340 -8.86 0.62 -9.26
CA VAL A 340 -8.48 2.00 -9.57
C VAL A 340 -7.40 2.47 -8.61
N ILE A 341 -7.56 2.16 -7.32
CA ILE A 341 -6.58 2.58 -6.32
C ILE A 341 -5.24 1.91 -6.57
N GLN A 342 -5.27 0.65 -7.01
CA GLN A 342 -4.01 -0.02 -7.38
C GLN A 342 -3.37 0.65 -8.58
N MET A 343 -4.18 1.09 -9.55
CA MET A 343 -3.63 1.75 -10.73
C MET A 343 -2.94 3.05 -10.38
N VAL A 344 -3.60 3.91 -9.60
CA VAL A 344 -3.04 5.20 -9.25
C VAL A 344 -1.72 5.04 -8.50
N LEU A 345 -1.68 4.07 -7.58
CA LEU A 345 -0.45 3.84 -6.82
C LEU A 345 0.60 3.11 -7.65
N ASP A 346 0.17 2.16 -8.49
CA ASP A 346 1.13 1.49 -9.38
C ASP A 346 1.82 2.48 -10.30
N SER A 347 1.06 3.46 -10.81
CA SER A 347 1.66 4.48 -11.68
C SER A 347 2.51 5.45 -10.86
N LEU A 348 2.04 5.81 -9.66
CA LEU A 348 2.85 6.65 -8.78
C LEU A 348 4.17 5.97 -8.46
N ARG A 349 4.16 4.65 -8.27
CA ARG A 349 5.40 3.92 -8.04
C ARG A 349 6.22 3.81 -9.33
N TYR A 350 5.55 3.60 -10.46
CA TYR A 350 6.26 3.50 -11.74
C TYR A 350 7.09 4.77 -11.99
N TRP A 351 6.45 5.93 -11.88
CA TRP A 351 7.17 7.16 -12.16
C TRP A 351 8.30 7.40 -11.17
N VAL A 352 8.17 6.92 -9.94
CA VAL A 352 9.23 7.12 -8.93
C VAL A 352 10.42 6.20 -9.21
N THR A 353 10.18 4.89 -9.30
CA THR A 353 11.29 3.94 -9.38
C THR A 353 11.82 3.75 -10.79
N GLU A 354 11.00 3.99 -11.81
CA GLU A 354 11.39 3.75 -13.20
C GLU A 354 11.72 5.03 -13.96
N MET A 355 10.97 6.12 -13.75
CA MET A 355 11.25 7.40 -14.37
C MET A 355 12.01 8.34 -13.44
N HIS A 356 12.22 7.94 -12.19
CA HIS A 356 13.07 8.68 -11.25
C HIS A 356 12.58 10.12 -11.03
N VAL A 357 11.26 10.31 -10.94
CA VAL A 357 10.76 11.64 -10.58
C VAL A 357 10.68 11.72 -9.07
N ASP A 358 10.86 12.94 -8.55
CA ASP A 358 11.03 13.17 -7.13
C ASP A 358 9.76 13.58 -6.41
N GLY A 359 8.71 13.96 -7.15
CA GLY A 359 7.50 14.41 -6.48
C GLY A 359 6.37 14.59 -7.46
N PHE A 360 5.19 14.83 -6.90
CA PHE A 360 3.97 15.03 -7.68
C PHE A 360 3.15 16.13 -7.05
N ARG A 361 2.61 17.00 -7.89
CA ARG A 361 1.66 18.03 -7.48
C ARG A 361 0.34 17.71 -8.16
N PHE A 362 -0.65 17.28 -7.38
CA PHE A 362 -1.86 16.69 -7.92
C PHE A 362 -2.85 17.77 -8.33
N ASP A 363 -3.34 17.68 -9.57
CA ASP A 363 -4.32 18.65 -10.05
C ASP A 363 -5.68 18.36 -9.44
N LEU A 364 -6.34 19.40 -8.92
CA LEU A 364 -7.63 19.26 -8.24
C LEU A 364 -7.63 18.06 -7.29
N ALA A 365 -6.67 18.06 -6.36
CA ALA A 365 -6.38 16.85 -5.58
C ALA A 365 -7.56 16.41 -4.72
N ALA A 366 -8.47 17.33 -4.38
CA ALA A 366 -9.59 16.94 -3.53
C ALA A 366 -10.48 15.90 -4.19
N ALA A 367 -10.56 15.92 -5.53
CA ALA A 367 -11.40 14.94 -6.24
C ALA A 367 -10.93 13.51 -6.02
N LEU A 368 -9.70 13.31 -5.56
CA LEU A 368 -9.23 11.98 -5.20
C LEU A 368 -9.79 11.49 -3.87
N ALA A 369 -10.37 12.38 -3.06
CA ALA A 369 -10.89 12.04 -1.74
C ALA A 369 -12.40 11.86 -1.74
N ARG A 370 -13.06 12.15 -2.86
CA ARG A 370 -14.51 12.02 -2.92
C ARG A 370 -14.93 10.56 -3.05
N GLU A 371 -15.78 10.10 -2.14
CA GLU A 371 -16.17 8.69 -2.13
C GLU A 371 -17.43 8.43 -2.94
N LEU A 372 -18.47 9.26 -2.78
CA LEU A 372 -19.61 9.20 -3.68
C LEU A 372 -20.21 10.58 -3.91
N TYR A 373 -20.57 11.28 -2.83
CA TYR A 373 -20.84 12.70 -2.87
C TYR A 373 -20.05 13.45 -1.80
N SER A 374 -19.22 12.76 -1.04
CA SER A 374 -18.60 13.29 0.18
C SER A 374 -17.10 13.39 -0.01
N VAL A 375 -16.48 14.33 0.70
CA VAL A 375 -15.03 14.41 0.79
C VAL A 375 -14.59 13.74 2.07
N ASN A 376 -13.72 12.74 1.95
CA ASN A 376 -13.21 11.98 3.09
C ASN A 376 -11.69 11.91 2.94
N MET A 377 -10.99 12.77 3.68
CA MET A 377 -9.53 12.80 3.58
C MET A 377 -8.86 11.63 4.29
N LEU A 378 -9.64 10.73 4.87
CA LEU A 378 -9.12 9.47 5.39
C LEU A 378 -9.64 8.28 4.60
N ASN A 379 -9.89 8.48 3.30
CA ASN A 379 -10.37 7.42 2.44
C ASN A 379 -9.27 6.40 2.20
N THR A 380 -9.64 5.31 1.52
CA THR A 380 -8.73 4.18 1.35
C THR A 380 -7.49 4.58 0.56
N PHE A 381 -7.66 5.32 -0.53
CA PHE A 381 -6.54 5.64 -1.41
C PHE A 381 -5.47 6.43 -0.67
N PHE A 382 -5.87 7.46 0.07
CA PHE A 382 -4.91 8.30 0.76
C PHE A 382 -4.12 7.50 1.80
N ILE A 383 -4.81 6.63 2.55
CA ILE A 383 -4.16 5.85 3.58
C ILE A 383 -3.06 4.97 2.99
N ALA A 384 -3.37 4.26 1.90
CA ALA A 384 -2.38 3.41 1.26
C ALA A 384 -1.19 4.22 0.77
N LEU A 385 -1.44 5.44 0.29
CA LEU A 385 -0.35 6.32 -0.13
C LEU A 385 0.52 6.70 1.05
N GLN A 386 -0.08 6.91 2.22
CA GLN A 386 0.69 7.31 3.40
C GLN A 386 1.57 6.17 3.92
N GLN A 387 1.13 4.93 3.75
CA GLN A 387 1.84 3.78 4.31
C GLN A 387 2.90 3.20 3.39
N ASP A 388 2.82 3.47 2.09
CA ASP A 388 3.65 2.76 1.13
C ASP A 388 5.12 3.06 1.35
N PRO A 389 6.00 2.05 1.37
CA PRO A 389 7.42 2.30 1.64
C PRO A 389 8.10 3.20 0.61
N ILE A 390 7.74 3.08 -0.66
CA ILE A 390 8.41 3.86 -1.70
C ILE A 390 7.84 5.27 -1.76
N LEU A 391 6.52 5.38 -1.89
CA LEU A 391 5.89 6.70 -2.01
C LEU A 391 6.03 7.52 -0.73
N SER A 392 6.34 6.88 0.39
CA SER A 392 6.59 7.61 1.62
C SER A 392 7.78 8.56 1.54
N GLN A 393 8.69 8.34 0.59
CA GLN A 393 9.89 9.16 0.50
C GLN A 393 9.89 10.30 -0.52
N VAL A 394 8.92 10.30 -1.43
CA VAL A 394 8.85 11.34 -2.44
C VAL A 394 8.04 12.51 -1.92
N LYS A 395 8.13 13.66 -2.58
CA LYS A 395 7.39 14.84 -2.17
C LYS A 395 5.96 14.78 -2.72
N LEU A 396 5.00 15.16 -1.88
CA LEU A 396 3.60 15.12 -2.24
C LEU A 396 3.00 16.52 -2.07
N ILE A 397 2.54 17.09 -3.18
CA ILE A 397 1.99 18.44 -3.20
C ILE A 397 0.58 18.35 -3.79
N ALA A 398 -0.33 19.16 -3.26
CA ALA A 398 -1.74 19.09 -3.64
C ALA A 398 -2.27 20.45 -4.05
N GLU A 399 -3.07 20.45 -5.11
CA GLU A 399 -4.02 21.54 -5.38
C GLU A 399 -5.22 21.26 -4.48
N PRO A 400 -5.33 21.92 -3.32
CA PRO A 400 -6.20 21.46 -2.25
C PRO A 400 -7.69 21.75 -2.43
N TRP A 401 -8.22 21.39 -3.61
CA TRP A 401 -9.62 21.65 -3.89
C TRP A 401 -10.03 20.93 -5.16
N ASP A 402 -11.35 20.80 -5.33
CA ASP A 402 -11.96 20.51 -6.62
C ASP A 402 -13.17 21.41 -6.76
N VAL A 403 -13.75 21.43 -7.96
CA VAL A 403 -14.82 22.37 -8.26
C VAL A 403 -16.17 21.80 -7.83
N GLY A 404 -16.15 20.74 -7.02
CA GLY A 404 -17.36 20.19 -6.48
C GLY A 404 -17.84 20.94 -5.24
N GLN A 405 -19.01 20.54 -4.76
CA GLN A 405 -19.61 21.17 -3.59
C GLN A 405 -18.90 20.70 -2.32
N GLY A 406 -18.38 21.66 -1.55
CA GLY A 406 -17.61 21.32 -0.37
C GLY A 406 -16.21 20.86 -0.66
N GLY A 407 -15.64 21.25 -1.79
CA GLY A 407 -14.33 20.76 -2.21
C GLY A 407 -13.15 21.57 -1.76
N TYR A 408 -13.36 22.78 -1.25
CA TYR A 408 -12.25 23.56 -0.70
C TYR A 408 -11.72 22.82 0.52
N GLN A 409 -10.52 22.27 0.40
CA GLN A 409 -9.95 21.41 1.42
C GLN A 409 -8.53 21.85 1.77
N VAL A 410 -8.34 23.16 1.88
CA VAL A 410 -7.04 23.70 2.24
C VAL A 410 -6.76 23.39 3.71
N GLY A 411 -5.61 22.78 3.97
CA GLY A 411 -5.21 22.45 5.33
C GLY A 411 -5.72 21.14 5.87
N ASN A 412 -6.40 20.34 5.06
CA ASN A 412 -6.95 19.07 5.50
C ASN A 412 -6.19 17.87 4.95
N PHE A 413 -5.21 18.08 4.09
CA PHE A 413 -4.44 16.96 3.60
C PHE A 413 -3.49 16.48 4.69
N PRO A 414 -3.24 15.16 4.76
CA PRO A 414 -2.45 14.61 5.87
C PRO A 414 -1.04 15.13 5.94
N TYR A 415 -0.29 14.64 6.93
CA TYR A 415 1.14 14.90 7.02
C TYR A 415 1.82 14.41 5.74
N GLN A 416 3.09 14.80 5.58
CA GLN A 416 3.89 14.52 4.39
C GLN A 416 3.48 15.42 3.23
N TRP A 417 2.25 15.91 3.24
CA TRP A 417 1.69 16.66 2.12
C TRP A 417 1.97 18.15 2.25
N ALA A 418 2.28 18.78 1.11
CA ALA A 418 2.30 20.22 0.98
C ALA A 418 1.13 20.64 0.10
N GLU A 419 0.72 21.89 0.24
CA GLU A 419 -0.49 22.39 -0.43
C GLU A 419 -0.21 23.70 -1.15
N TRP A 420 -0.86 23.87 -2.30
CA TRP A 420 -0.92 25.16 -2.96
C TRP A 420 -1.71 26.13 -2.08
N ASN A 421 -1.03 27.15 -1.54
CA ASN A 421 -1.66 28.06 -0.59
C ASN A 421 -2.36 29.18 -1.36
N GLY A 422 -3.60 28.89 -1.76
CA GLY A 422 -4.37 29.88 -2.51
C GLY A 422 -4.74 31.10 -1.70
N LYS A 423 -4.88 30.95 -0.39
CA LYS A 423 -5.18 32.11 0.46
C LYS A 423 -4.05 33.11 0.44
N TYR A 424 -2.80 32.63 0.47
CA TYR A 424 -1.65 33.51 0.32
C TYR A 424 -1.71 34.25 -1.01
N ARG A 425 -1.95 33.52 -2.09
CA ARG A 425 -1.95 34.12 -3.43
C ARG A 425 -3.00 35.22 -3.53
N ASP A 426 -4.24 34.93 -3.10
CA ASP A 426 -5.34 35.88 -3.30
C ASP A 426 -5.13 37.16 -2.49
N SER A 427 -4.84 37.02 -1.19
CA SER A 427 -4.77 38.18 -0.29
C SER A 427 -3.44 38.93 -0.39
N ILE A 428 -2.35 38.27 -0.77
CA ILE A 428 -1.13 39.01 -1.10
C ILE A 428 -1.35 39.83 -2.36
N ARG A 429 -2.05 39.25 -3.34
CA ARG A 429 -2.44 40.00 -4.53
C ARG A 429 -3.32 41.19 -4.16
N ARG A 430 -4.28 40.99 -3.25
CA ARG A 430 -5.17 42.07 -2.85
C ARG A 430 -4.45 43.12 -2.02
N PHE A 431 -3.44 42.72 -1.25
CA PHE A 431 -2.71 43.67 -0.42
C PHE A 431 -2.01 44.71 -1.26
N TRP A 432 -1.27 44.28 -2.28
CA TRP A 432 -0.58 45.20 -3.17
C TRP A 432 -1.53 45.91 -4.14
N ARG A 433 -2.70 45.32 -4.39
CA ARG A 433 -3.72 45.99 -5.19
C ARG A 433 -4.06 47.37 -4.63
N GLY A 434 -4.01 47.52 -3.31
CA GLY A 434 -4.41 48.75 -2.65
C GLY A 434 -5.33 48.47 -1.49
N GLU A 435 -5.99 47.30 -1.55
CA GLU A 435 -6.94 46.91 -0.52
C GLU A 435 -6.28 46.85 0.85
N ALA A 436 -7.10 47.00 1.89
CA ALA A 436 -6.64 46.93 3.28
C ALA A 436 -7.32 45.73 3.91
N LEU A 437 -6.59 44.63 4.03
CA LEU A 437 -7.01 43.48 4.80
C LEU A 437 -6.61 43.69 6.25
N PRO A 438 -7.15 42.88 7.18
CA PRO A 438 -6.68 42.96 8.57
C PRO A 438 -5.18 42.75 8.64
N TYR A 439 -4.55 43.44 9.61
CA TYR A 439 -3.15 43.20 9.89
C TYR A 439 -2.89 41.72 10.15
N SER A 440 -3.89 41.01 10.67
CA SER A 440 -3.77 39.57 10.84
C SER A 440 -3.53 38.88 9.50
N GLU A 441 -4.35 39.23 8.49
CA GLU A 441 -4.36 38.49 7.24
C GLU A 441 -2.99 38.49 6.56
N ILE A 442 -2.37 39.66 6.43
CA ILE A 442 -1.09 39.76 5.73
C ILE A 442 0.02 39.16 6.57
N ALA A 443 0.07 39.49 7.86
CA ALA A 443 1.11 38.96 8.73
C ALA A 443 1.06 37.44 8.82
N ASN A 444 -0.14 36.87 8.77
CA ASN A 444 -0.24 35.41 8.87
C ASN A 444 0.26 34.73 7.60
N ARG A 445 -0.10 35.27 6.43
CA ARG A 445 0.46 34.76 5.19
C ARG A 445 1.97 34.91 5.16
N LEU A 446 2.48 36.04 5.65
CA LEU A 446 3.91 36.32 5.58
C LEU A 446 4.72 35.35 6.43
N LEU A 447 4.13 34.81 7.50
CA LEU A 447 4.85 33.89 8.39
C LEU A 447 4.46 32.44 8.15
N GLY A 448 4.11 32.09 6.91
CA GLY A 448 3.87 30.71 6.54
C GLY A 448 2.48 30.18 6.82
N SER A 449 1.52 31.06 7.12
CA SER A 449 0.13 30.66 7.39
C SER A 449 0.05 29.69 8.56
N PRO A 450 0.35 30.12 9.78
CA PRO A 450 0.12 29.23 10.93
C PRO A 450 -1.36 29.02 11.21
N ASP A 451 -2.19 30.04 10.98
CA ASP A 451 -3.63 29.88 11.17
C ASP A 451 -4.21 28.82 10.25
N ILE A 452 -3.59 28.58 9.11
CA ILE A 452 -4.11 27.59 8.18
C ILE A 452 -3.64 26.20 8.54
N TYR A 453 -2.32 26.03 8.70
CA TYR A 453 -1.72 24.69 8.68
C TYR A 453 -1.32 24.16 10.05
N LEU A 454 -1.24 25.01 11.08
CA LEU A 454 -0.84 24.51 12.39
C LEU A 454 -1.91 23.65 13.04
N GLY A 455 -3.18 23.81 12.65
CA GLY A 455 -4.25 23.02 13.22
C GLY A 455 -4.13 21.53 12.96
N ASN A 456 -3.44 21.15 11.89
CA ASN A 456 -3.15 19.75 11.62
C ASN A 456 -1.66 19.43 11.76
N ASN A 457 -0.94 20.23 12.56
CA ASN A 457 0.44 19.98 12.97
C ASN A 457 1.43 19.99 11.82
N LYS A 458 1.13 20.66 10.72
CA LYS A 458 2.06 20.77 9.62
C LYS A 458 2.90 22.04 9.74
N THR A 459 4.03 22.03 9.06
CA THR A 459 5.06 23.05 9.15
C THR A 459 4.93 24.06 8.01
N PRO A 460 5.71 25.15 8.03
CA PRO A 460 5.67 26.09 6.91
C PRO A 460 5.98 25.49 5.54
N PHE A 461 6.62 24.32 5.46
CA PHE A 461 6.82 23.70 4.15
C PHE A 461 5.51 23.40 3.47
N ALA A 462 4.49 23.02 4.24
CA ALA A 462 3.19 22.68 3.68
C ALA A 462 2.62 23.81 2.84
N SER A 463 2.96 25.06 3.17
CA SER A 463 2.47 26.22 2.43
C SER A 463 3.35 26.45 1.21
N ILE A 464 2.78 26.26 0.02
CA ILE A 464 3.45 26.60 -1.22
C ILE A 464 2.97 27.99 -1.61
N ASN A 465 3.75 29.00 -1.26
CA ASN A 465 3.40 30.38 -1.58
C ASN A 465 3.65 30.66 -3.06
N TYR A 466 2.74 31.42 -3.66
CA TYR A 466 2.90 31.77 -5.07
C TYR A 466 2.04 32.98 -5.39
N VAL A 467 2.56 33.81 -6.30
CA VAL A 467 1.79 34.92 -6.85
C VAL A 467 1.24 34.58 -8.24
N THR A 468 1.84 33.62 -8.93
CA THR A 468 1.43 33.26 -10.28
C THR A 468 1.33 31.75 -10.39
N SER A 469 0.73 31.31 -11.48
CA SER A 469 0.54 29.89 -11.74
C SER A 469 0.16 29.73 -13.20
N HIS A 470 0.19 28.47 -13.66
CA HIS A 470 -0.38 28.18 -14.97
C HIS A 470 -1.85 28.60 -15.00
N ASP A 471 -2.55 28.43 -13.89
CA ASP A 471 -3.89 28.99 -13.74
C ASP A 471 -3.80 30.48 -13.49
N GLY A 472 -4.48 31.27 -14.32
CA GLY A 472 -4.57 32.69 -14.10
C GLY A 472 -3.52 33.49 -14.87
N PHE A 473 -3.28 34.70 -14.37
CA PHE A 473 -2.37 35.63 -15.01
C PHE A 473 -0.91 35.21 -14.80
N THR A 474 -0.05 35.70 -15.70
CA THR A 474 1.37 35.76 -15.40
C THR A 474 1.64 36.97 -14.52
N LEU A 475 2.90 37.10 -14.07
CA LEU A 475 3.22 38.23 -13.19
C LEU A 475 3.19 39.54 -13.95
N GLU A 476 3.71 39.55 -15.19
CA GLU A 476 3.58 40.71 -16.04
C GLU A 476 2.11 41.04 -16.26
N ASP A 477 1.29 40.02 -16.55
CA ASP A 477 -0.11 40.26 -16.87
C ASP A 477 -0.96 40.59 -15.65
N LEU A 478 -0.50 40.24 -14.44
CA LEU A 478 -1.25 40.62 -13.26
C LEU A 478 -1.16 42.12 -13.00
N VAL A 479 -0.05 42.73 -13.40
CA VAL A 479 0.11 44.18 -13.32
C VAL A 479 -0.08 44.83 -14.69
N SER A 480 -0.77 44.16 -15.61
CA SER A 480 -1.00 44.69 -16.95
C SER A 480 -2.42 44.58 -17.43
N TYR A 481 -3.35 44.06 -16.62
CA TYR A 481 -4.74 43.93 -17.03
C TYR A 481 -5.63 43.90 -15.79
N ASN A 482 -6.88 44.32 -15.98
CA ASN A 482 -7.88 44.32 -14.92
C ASN A 482 -8.93 43.23 -15.19
N GLN A 483 -9.14 42.91 -16.47
CA GLN A 483 -10.09 41.89 -16.87
C GLN A 483 -9.42 40.89 -17.78
N LYS A 484 -9.93 39.66 -17.78
CA LYS A 484 -9.39 38.62 -18.62
C LYS A 484 -9.69 38.93 -20.09
N HIS A 485 -8.73 38.63 -20.95
CA HIS A 485 -8.88 38.84 -22.38
C HIS A 485 -8.60 37.53 -23.08
N ASN A 486 -9.48 36.56 -22.87
CA ASN A 486 -9.31 35.22 -23.45
C ASN A 486 -10.15 35.02 -24.70
N GLU A 487 -10.22 36.02 -25.58
CA GLU A 487 -10.95 35.87 -26.83
C GLU A 487 -10.30 34.80 -27.72
N ALA A 488 -8.97 34.74 -27.69
CA ALA A 488 -8.24 33.80 -28.55
C ALA A 488 -8.59 32.34 -28.26
N ASN A 489 -9.23 32.07 -27.11
CA ASN A 489 -9.63 30.70 -26.80
C ASN A 489 -10.81 30.24 -27.65
N GLY A 490 -11.62 31.16 -28.16
CA GLY A 490 -12.72 30.78 -29.02
C GLY A 490 -13.99 30.38 -28.31
N PHE A 491 -14.12 30.69 -27.02
CA PHE A 491 -15.36 30.47 -26.28
C PHE A 491 -16.06 31.79 -25.94
N ASN A 492 -15.70 32.87 -26.63
CA ASN A 492 -16.26 34.21 -26.40
C ASN A 492 -16.17 34.61 -24.93
N ASN A 493 -15.05 34.28 -24.30
CA ASN A 493 -14.68 34.77 -22.97
C ASN A 493 -15.66 34.33 -21.88
N GLN A 494 -16.43 33.27 -22.12
CA GLN A 494 -17.20 32.65 -21.05
C GLN A 494 -16.37 31.65 -20.26
N ASP A 495 -15.11 31.45 -20.63
CA ASP A 495 -14.16 30.64 -19.90
C ASP A 495 -13.22 31.53 -19.11
N GLY A 496 -12.50 30.92 -18.17
CA GLY A 496 -11.57 31.65 -17.34
C GLY A 496 -12.25 32.39 -16.21
N MET A 497 -11.70 32.30 -15.01
CA MET A 497 -12.32 32.90 -13.84
C MET A 497 -12.22 34.42 -13.89
N ASN A 498 -13.24 35.08 -13.34
CA ASN A 498 -13.46 36.51 -13.51
C ASN A 498 -12.78 37.36 -12.45
N GLU A 499 -12.79 36.91 -11.20
CA GLU A 499 -12.08 37.62 -10.14
C GLU A 499 -10.60 37.28 -10.25
N ASN A 500 -9.79 38.28 -10.59
CA ASN A 500 -8.36 38.08 -10.78
C ASN A 500 -7.52 38.79 -9.73
N TYR A 501 -8.15 39.59 -8.86
CA TYR A 501 -7.42 40.37 -7.85
C TYR A 501 -6.30 41.17 -8.51
N SER A 502 -6.59 41.70 -9.68
CA SER A 502 -5.61 42.29 -10.58
C SER A 502 -5.80 43.79 -10.65
N TRP A 503 -4.67 44.46 -10.93
CA TRP A 503 -4.59 45.91 -11.10
C TRP A 503 -3.70 46.15 -12.32
N ASN A 504 -4.06 47.12 -13.14
CA ASN A 504 -3.32 47.40 -14.36
C ASN A 504 -2.36 48.57 -14.27
N CYS A 505 -2.11 49.05 -13.06
CA CYS A 505 -1.20 50.16 -12.83
C CYS A 505 -1.68 51.48 -13.45
N GLY A 506 -2.87 51.48 -14.04
CA GLY A 506 -3.38 52.69 -14.65
C GLY A 506 -4.06 52.44 -15.95
N ALA A 507 -3.36 51.74 -16.82
CA ALA A 507 -3.90 51.41 -18.11
C ALA A 507 -4.16 49.92 -18.23
N GLU A 508 -4.51 49.50 -19.44
CA GLU A 508 -4.81 48.11 -19.71
C GLU A 508 -4.10 47.73 -20.98
N GLY A 509 -3.16 46.79 -20.89
CA GLY A 509 -2.41 46.40 -22.04
C GLY A 509 -1.03 47.00 -21.99
N PRO A 510 -0.32 46.85 -23.09
CA PRO A 510 1.02 47.40 -23.22
C PRO A 510 0.94 48.89 -23.27
N THR A 511 1.89 49.59 -22.70
CA THR A 511 1.80 51.05 -22.68
C THR A 511 3.05 51.78 -22.99
N ASN A 512 2.89 53.00 -23.45
CA ASN A 512 4.05 53.83 -23.69
C ASN A 512 4.23 54.80 -22.55
N ASP A 513 3.16 55.10 -21.83
CA ASP A 513 3.24 56.00 -20.70
C ASP A 513 4.17 55.41 -19.66
N GLN A 514 5.44 55.75 -19.72
CA GLN A 514 6.46 55.25 -18.83
C GLN A 514 6.15 55.20 -17.35
N ASN A 515 5.41 56.16 -16.82
CA ASN A 515 5.03 56.14 -15.45
C ASN A 515 4.22 54.87 -15.20
N VAL A 516 3.28 54.55 -16.06
CA VAL A 516 2.54 53.32 -15.91
C VAL A 516 3.55 52.17 -15.97
N VAL A 517 4.40 52.14 -17.00
CA VAL A 517 5.41 51.09 -17.13
C VAL A 517 6.29 50.97 -15.90
N ILE A 518 6.72 52.10 -15.36
CA ILE A 518 7.54 52.15 -14.16
C ILE A 518 6.82 51.72 -12.89
N CYS A 519 5.49 51.79 -12.94
CA CYS A 519 4.65 51.41 -11.83
C CYS A 519 4.57 49.90 -11.78
N ARG A 520 4.47 49.28 -12.96
CA ARG A 520 4.40 47.83 -13.02
C ARG A 520 5.74 47.19 -12.62
N GLU A 521 6.85 47.78 -13.07
CA GLU A 521 8.16 47.27 -12.64
C GLU A 521 8.32 47.39 -11.13
N LYS A 522 7.75 48.44 -10.54
CA LYS A 522 7.73 48.54 -9.08
C LYS A 522 6.82 47.48 -8.48
N GLN A 523 5.66 47.24 -9.10
CA GLN A 523 4.73 46.24 -8.58
C GLN A 523 5.30 44.83 -8.74
N LYS A 524 5.90 44.54 -9.90
CA LYS A 524 6.55 43.25 -10.09
C LYS A 524 7.60 43.00 -9.02
N ARG A 525 8.41 44.02 -8.71
CA ARG A 525 9.45 43.87 -7.71
C ARG A 525 8.88 43.75 -6.31
N ASN A 526 7.73 44.36 -6.06
CA ASN A 526 7.07 44.17 -4.76
C ASN A 526 6.57 42.74 -4.60
N PHE A 527 6.04 42.16 -5.69
CA PHE A 527 5.58 40.77 -5.64
C PHE A 527 6.75 39.82 -5.43
N MET A 528 7.86 40.04 -6.13
CA MET A 528 9.01 39.14 -6.03
C MET A 528 9.70 39.26 -4.67
N ILE A 529 9.74 40.45 -4.10
CA ILE A 529 10.39 40.64 -2.80
C ILE A 529 9.58 39.98 -1.70
N THR A 530 8.25 40.15 -1.73
CA THR A 530 7.39 39.60 -0.69
C THR A 530 7.50 38.08 -0.62
N LEU A 531 7.36 37.42 -1.77
CA LEU A 531 7.27 35.97 -1.80
C LEU A 531 8.55 35.31 -1.30
N LEU A 532 9.71 35.88 -1.66
CA LEU A 532 11.00 35.34 -1.23
C LEU A 532 11.48 35.94 0.09
N VAL A 533 10.57 36.25 1.00
CA VAL A 533 10.91 36.72 2.34
C VAL A 533 9.83 36.24 3.29
N SER A 534 8.82 35.55 2.76
CA SER A 534 7.74 35.00 3.55
C SER A 534 7.98 33.53 3.83
N GLN A 535 7.69 33.11 5.06
CA GLN A 535 7.98 31.74 5.48
C GLN A 535 7.23 30.74 4.60
N GLY A 536 7.90 29.64 4.29
CA GLY A 536 7.32 28.56 3.51
C GLY A 536 8.07 28.35 2.21
N THR A 537 7.49 27.52 1.36
CA THR A 537 8.12 27.14 0.10
C THR A 537 7.64 28.06 -1.02
N PRO A 538 8.54 28.78 -1.70
CA PRO A 538 8.11 29.65 -2.80
C PRO A 538 8.14 28.94 -4.15
N MET A 539 7.11 29.22 -4.95
CA MET A 539 7.00 28.66 -6.30
C MET A 539 6.98 29.80 -7.30
N ILE A 540 7.94 29.80 -8.22
CA ILE A 540 7.98 30.75 -9.33
C ILE A 540 7.26 30.14 -10.51
N LEU A 541 6.53 30.97 -11.26
CA LEU A 541 5.99 30.52 -12.54
C LEU A 541 7.05 30.68 -13.62
N GLY A 542 7.27 29.62 -14.39
CA GLY A 542 8.28 29.63 -15.43
C GLY A 542 8.07 30.76 -16.42
N GLY A 543 9.12 31.57 -16.62
CA GLY A 543 9.08 32.69 -17.51
C GLY A 543 8.82 34.02 -16.84
N ASP A 544 8.34 34.01 -15.59
CA ASP A 544 8.02 35.27 -14.92
C ASP A 544 9.27 36.09 -14.64
N GLU A 545 10.41 35.43 -14.46
CA GLU A 545 11.67 36.16 -14.37
C GLU A 545 11.99 36.88 -15.67
N LEU A 546 11.46 36.37 -16.78
CA LEU A 546 11.58 37.01 -18.09
C LEU A 546 10.43 37.95 -18.40
N SER A 547 9.53 38.17 -17.43
CA SER A 547 8.35 39.03 -17.61
C SER A 547 7.46 38.49 -18.74
N ARG A 548 7.26 37.18 -18.74
CA ARG A 548 6.49 36.52 -19.79
C ARG A 548 5.06 37.05 -19.84
N THR A 549 4.51 37.12 -21.04
CA THR A 549 3.21 37.74 -21.29
C THR A 549 2.34 36.81 -22.13
N GLN A 550 1.11 36.58 -21.67
CA GLN A 550 0.10 35.86 -22.44
C GLN A 550 -0.99 36.78 -22.97
N ARG A 551 -0.72 38.09 -22.98
CA ARG A 551 -1.64 39.09 -23.54
C ARG A 551 -3.01 39.06 -22.86
N GLY A 552 -3.02 38.91 -21.54
CA GLY A 552 -4.25 38.91 -20.79
C GLY A 552 -5.04 37.63 -20.84
N ASN A 553 -4.46 36.54 -21.33
CA ASN A 553 -5.14 35.24 -21.36
C ASN A 553 -4.82 34.52 -20.05
N ASN A 554 -5.78 34.51 -19.12
CA ASN A 554 -5.62 33.85 -17.84
C ASN A 554 -6.05 32.38 -17.89
N ASN A 555 -6.19 31.82 -19.08
CA ASN A 555 -6.64 30.44 -19.25
C ASN A 555 -6.18 29.90 -20.61
N ALA A 556 -4.88 29.96 -20.85
CA ALA A 556 -4.31 29.61 -22.16
C ALA A 556 -4.07 28.11 -22.32
N PHE A 557 -5.02 27.28 -21.89
CA PHE A 557 -4.88 25.84 -22.06
C PHE A 557 -4.98 25.42 -23.53
N CYS A 558 -5.56 26.25 -24.38
CA CYS A 558 -5.77 25.84 -25.76
C CYS A 558 -4.73 26.41 -26.71
N GLN A 559 -3.92 27.37 -26.26
CA GLN A 559 -3.03 28.11 -27.13
C GLN A 559 -1.68 27.40 -27.22
N ASP A 560 -1.43 26.78 -28.37
CA ASP A 560 -0.15 26.12 -28.63
C ASP A 560 0.64 26.97 -29.64
N ASN A 561 1.06 28.14 -29.18
CA ASN A 561 1.57 29.14 -30.11
C ASN A 561 2.35 30.22 -29.34
N GLU A 562 2.55 31.36 -30.01
CA GLU A 562 3.43 32.42 -29.50
C GLU A 562 2.88 33.08 -28.23
N ILE A 563 1.58 32.99 -27.99
CA ILE A 563 1.02 33.54 -26.75
C ILE A 563 1.62 32.84 -25.53
N THR A 564 1.97 31.57 -25.68
CA THR A 564 2.42 30.75 -24.55
C THR A 564 3.94 30.55 -24.50
N TRP A 565 4.60 30.54 -25.66
CA TRP A 565 6.03 30.24 -25.71
C TRP A 565 6.80 31.16 -24.78
N PHE A 566 7.90 30.64 -24.23
CA PHE A 566 8.90 31.51 -23.64
C PHE A 566 9.53 32.35 -24.75
N ASP A 567 9.54 33.67 -24.57
CA ASP A 567 10.24 34.58 -25.49
C ASP A 567 11.58 34.92 -24.86
N TRP A 568 12.68 34.53 -25.51
CA TRP A 568 13.97 34.49 -24.85
C TRP A 568 14.87 35.69 -25.13
N ASN A 569 14.62 36.46 -26.18
CA ASN A 569 15.46 37.59 -26.50
C ASN A 569 14.90 38.81 -25.78
N LEU A 570 15.71 39.43 -24.93
CA LEU A 570 15.23 40.41 -23.95
C LEU A 570 15.72 41.81 -24.29
N ASP A 571 14.87 42.80 -24.09
CA ASP A 571 15.33 44.18 -24.07
C ASP A 571 15.93 44.45 -22.69
N GLU A 572 16.28 45.71 -22.42
CA GLU A 572 16.93 45.99 -21.14
C GLU A 572 15.97 45.93 -19.96
N ARG A 573 14.70 46.27 -20.18
CA ARG A 573 13.73 46.22 -19.08
C ARG A 573 13.54 44.79 -18.58
N LYS A 574 13.36 43.84 -19.51
CA LYS A 574 13.26 42.44 -19.13
C LYS A 574 14.56 41.94 -18.51
N SER A 575 15.69 42.25 -19.16
CA SER A 575 16.98 41.77 -18.69
C SER A 575 17.30 42.29 -17.30
N LYS A 576 16.93 43.54 -17.01
CA LYS A 576 17.24 44.11 -15.71
C LYS A 576 16.41 43.45 -14.61
N PHE A 577 15.16 43.06 -14.91
CA PHE A 577 14.34 42.39 -13.92
C PHE A 577 14.84 40.97 -13.67
N LEU A 578 15.32 40.30 -14.72
CA LEU A 578 15.85 38.94 -14.56
C LEU A 578 16.98 38.91 -13.54
N GLU A 579 17.89 39.88 -13.62
CA GLU A 579 18.97 39.98 -12.64
C GLU A 579 18.43 40.22 -11.24
N PHE A 580 17.32 40.95 -11.13
CA PHE A 580 16.72 41.19 -9.81
C PHE A 580 16.23 39.90 -9.18
N VAL A 581 15.44 39.12 -9.94
CA VAL A 581 14.93 37.85 -9.41
C VAL A 581 16.07 36.90 -9.08
N LYS A 582 17.14 36.95 -9.88
CA LYS A 582 18.33 36.16 -9.58
C LYS A 582 18.87 36.49 -8.20
N LYS A 583 19.16 37.77 -7.96
CA LYS A 583 19.76 38.18 -6.69
C LYS A 583 18.78 38.04 -5.53
N MET A 584 17.48 38.12 -5.78
CA MET A 584 16.50 37.91 -4.72
C MET A 584 16.39 36.44 -4.37
N ILE A 585 16.41 35.56 -5.39
CA ILE A 585 16.45 34.12 -5.13
C ILE A 585 17.69 33.78 -4.30
N GLN A 586 18.84 34.34 -4.68
CA GLN A 586 20.07 34.10 -3.93
C GLN A 586 19.93 34.53 -2.48
N PHE A 587 19.11 35.54 -2.20
CA PHE A 587 18.92 36.00 -0.83
C PHE A 587 18.19 34.95 0.01
N TYR A 588 16.99 34.54 -0.44
CA TYR A 588 16.18 33.60 0.32
C TYR A 588 16.93 32.32 0.65
N ARG A 589 17.89 31.93 -0.19
CA ARG A 589 18.64 30.71 0.01
C ARG A 589 19.89 30.88 0.86
N ALA A 590 20.41 32.11 0.98
CA ALA A 590 21.56 32.37 1.82
C ALA A 590 21.20 32.59 3.28
N HIS A 591 19.92 32.76 3.60
CA HIS A 591 19.50 33.17 4.94
C HIS A 591 18.50 32.18 5.51
N PRO A 592 18.87 31.41 6.53
CA PRO A 592 17.93 30.42 7.09
C PRO A 592 16.71 31.04 7.77
N ALA A 593 16.70 32.35 8.00
CA ALA A 593 15.62 33.00 8.75
C ALA A 593 14.30 32.95 7.99
N PHE A 594 14.32 32.41 6.78
CA PHE A 594 13.13 32.25 5.97
C PHE A 594 12.90 30.83 5.48
N ARG A 595 13.92 29.98 5.48
CA ARG A 595 13.74 28.54 5.26
C ARG A 595 13.69 27.85 6.62
N ARG A 596 12.62 28.13 7.35
CA ARG A 596 12.45 27.64 8.71
C ARG A 596 11.58 26.39 8.73
N GLU A 597 11.97 25.43 9.56
CA GLU A 597 11.16 24.24 9.79
C GLU A 597 10.10 24.45 10.86
N ARG A 598 10.25 25.47 11.70
CA ARG A 598 9.27 25.81 12.70
C ARG A 598 8.73 27.21 12.47
N TYR A 599 7.56 27.46 13.06
CA TYR A 599 6.93 28.76 12.99
C TYR A 599 7.55 29.71 14.02
N PHE A 600 7.38 31.00 13.77
CA PHE A 600 7.66 32.01 14.78
C PHE A 600 6.45 32.13 15.71
N GLN A 601 6.70 32.18 17.01
CA GLN A 601 5.71 32.62 17.98
C GLN A 601 6.18 33.92 18.61
N GLY A 602 5.30 34.55 19.37
CA GLY A 602 5.55 35.91 19.80
C GLY A 602 6.18 36.09 21.17
N LYS A 603 7.31 35.44 21.41
CA LYS A 603 8.00 35.52 22.70
C LYS A 603 9.50 35.67 22.47
N LYS A 604 10.24 35.83 23.56
CA LYS A 604 11.69 35.72 23.53
C LYS A 604 12.11 34.36 24.08
N LEU A 605 13.21 33.84 23.54
CA LEU A 605 13.62 32.47 23.78
C LEU A 605 15.07 32.40 24.24
N PHE A 606 15.43 31.26 24.81
CA PHE A 606 16.80 30.93 25.19
C PHE A 606 17.41 31.95 26.14
N GLY A 607 16.56 32.59 26.95
CA GLY A 607 17.06 33.63 27.84
C GLY A 607 17.62 34.82 27.10
N MET A 608 16.92 35.29 26.09
CA MET A 608 17.41 36.43 25.34
C MET A 608 16.51 37.64 25.57
N PRO A 609 17.05 38.86 25.52
CA PRO A 609 16.23 40.05 25.74
C PRO A 609 15.38 40.44 24.55
N LEU A 610 15.54 39.79 23.39
CA LEU A 610 14.89 40.18 22.17
C LEU A 610 13.81 39.17 21.78
N LYS A 611 12.70 39.67 21.24
CA LYS A 611 11.67 38.82 20.69
C LYS A 611 12.09 38.30 19.33
N ASP A 612 11.81 37.02 19.06
CA ASP A 612 12.19 36.43 17.78
C ASP A 612 11.52 37.15 16.61
N VAL A 613 10.29 37.64 16.80
CA VAL A 613 9.62 38.45 15.79
C VAL A 613 8.77 39.48 16.51
N THR A 614 8.71 40.68 15.93
CA THR A 614 7.90 41.76 16.47
C THR A 614 7.21 42.46 15.32
N PHE A 615 5.97 42.88 15.54
CA PHE A 615 5.19 43.57 14.52
C PHE A 615 5.00 45.02 14.93
N TYR A 616 5.32 45.92 13.99
CA TYR A 616 5.33 47.35 14.25
C TYR A 616 4.26 48.05 13.43
N THR A 617 3.95 49.27 13.85
CA THR A 617 3.14 50.18 13.08
C THR A 617 4.01 51.33 12.57
N LEU A 618 3.38 52.35 11.99
CA LEU A 618 4.08 53.41 11.27
C LEU A 618 5.13 54.09 12.15
N GLU A 619 4.74 54.47 13.37
CA GLU A 619 5.73 54.91 14.35
C GLU A 619 6.15 53.73 15.19
N GLY A 620 7.44 53.71 15.54
CA GLY A 620 8.09 52.55 16.13
C GLY A 620 7.41 51.97 17.35
N ARG A 621 6.26 51.33 17.14
CA ARG A 621 5.52 50.79 18.27
C ARG A 621 4.94 49.42 17.98
N GLU A 622 5.15 48.50 18.91
CA GLU A 622 4.63 47.15 18.78
C GLU A 622 3.12 47.19 18.56
N VAL A 623 2.66 46.25 17.73
CA VAL A 623 1.26 46.16 17.36
C VAL A 623 0.45 45.63 18.55
N ASP A 624 -0.51 46.44 19.01
CA ASP A 624 -1.43 46.04 20.07
C ASP A 624 -2.51 45.13 19.50
N GLU A 625 -3.28 44.53 20.41
CA GLU A 625 -4.31 43.57 20.06
C GLU A 625 -5.40 44.03 19.11
N LYS A 626 -5.86 45.26 19.28
CA LYS A 626 -6.94 45.76 18.44
C LYS A 626 -6.44 46.41 17.16
N THR A 627 -5.24 47.00 17.17
CA THR A 627 -4.64 47.35 15.90
C THR A 627 -4.19 46.11 15.13
N TRP A 628 -4.09 44.96 15.80
CA TRP A 628 -3.70 43.73 15.14
C TRP A 628 -4.81 43.18 14.26
N SER A 629 -6.07 43.44 14.60
CA SER A 629 -7.19 43.02 13.79
C SER A 629 -7.80 44.15 12.98
N SER A 630 -7.26 45.37 13.11
CA SER A 630 -7.72 46.48 12.29
C SER A 630 -6.98 46.47 10.96
N PRO A 631 -7.65 46.85 9.86
CA PRO A 631 -7.03 46.74 8.53
C PRO A 631 -5.81 47.62 8.39
N THR A 632 -5.07 47.42 7.29
CA THR A 632 -3.83 48.15 7.06
C THR A 632 -3.43 48.04 5.60
N GLN A 633 -2.71 49.05 5.13
CA GLN A 633 -1.94 48.98 3.89
C GLN A 633 -0.44 49.03 4.16
N LEU A 634 -0.03 48.83 5.41
CA LEU A 634 1.38 48.91 5.80
C LEU A 634 1.65 47.83 6.84
N VAL A 635 2.65 46.99 6.57
CA VAL A 635 3.08 45.94 7.49
C VAL A 635 4.58 46.12 7.73
N ILE A 636 4.97 46.13 9.00
CA ILE A 636 6.36 46.27 9.39
C ILE A 636 6.64 45.27 10.51
N PHE A 637 7.69 44.47 10.34
CA PHE A 637 8.01 43.47 11.34
C PHE A 637 9.50 43.18 11.34
N VAL A 638 10.00 42.77 12.51
CA VAL A 638 11.42 42.52 12.74
C VAL A 638 11.61 41.03 12.95
N LEU A 639 12.53 40.43 12.20
CA LEU A 639 12.90 39.04 12.37
C LEU A 639 14.24 38.97 13.08
N GLU A 640 14.30 38.43 14.28
CA GLU A 640 15.55 38.33 14.99
C GLU A 640 16.09 36.94 14.79
N GLY A 641 17.14 36.86 14.02
CA GLY A 641 17.71 35.57 13.65
C GLY A 641 18.40 34.86 14.80
N SER A 642 18.96 35.62 15.74
CA SER A 642 19.74 35.01 16.79
C SER A 642 18.87 34.48 17.93
N VAL A 643 17.55 34.52 17.79
CA VAL A 643 16.64 33.94 18.77
C VAL A 643 15.60 33.13 18.01
N MET A 644 16.06 32.35 17.03
CA MET A 644 15.20 31.44 16.29
C MET A 644 15.25 30.06 16.93
N ASP A 645 14.09 29.46 17.10
CA ASP A 645 14.01 28.06 17.55
C ASP A 645 14.17 27.12 16.36
N GLU A 646 15.24 27.32 15.61
CA GLU A 646 15.51 26.57 14.38
C GLU A 646 16.66 25.61 14.65
N ILE A 647 16.40 24.31 14.51
CA ILE A 647 17.38 23.27 14.75
C ILE A 647 17.62 22.52 13.44
N ASN A 648 18.89 22.33 13.08
CA ASN A 648 19.22 21.54 11.91
C ASN A 648 19.29 20.06 12.29
N MET A 649 19.48 19.21 11.27
CA MET A 649 19.43 17.77 11.48
C MET A 649 20.55 17.24 12.38
N TYR A 650 21.53 18.08 12.74
CA TYR A 650 22.61 17.67 13.62
C TYR A 650 22.41 18.15 15.05
N GLY A 651 21.25 18.72 15.38
CA GLY A 651 21.00 19.17 16.72
C GLY A 651 21.56 20.54 17.06
N GLU A 652 22.12 21.25 16.08
CA GLU A 652 22.57 22.61 16.30
C GLU A 652 21.42 23.58 16.08
N ARG A 653 21.34 24.61 16.91
CA ARG A 653 20.44 25.68 16.58
C ARG A 653 21.04 26.51 15.45
N ILE A 654 20.21 27.34 14.84
CA ILE A 654 20.60 28.14 13.68
C ILE A 654 20.38 29.60 14.01
N ALA A 655 21.35 30.44 13.63
CA ALA A 655 21.25 31.89 13.77
C ALA A 655 21.39 32.56 12.41
N ASP A 656 20.83 33.76 12.30
CA ASP A 656 20.89 34.56 11.09
C ASP A 656 21.04 36.03 11.50
N ASP A 657 20.60 36.96 10.63
CA ASP A 657 20.62 38.38 10.97
C ASP A 657 19.33 38.76 11.69
N SER A 658 19.27 39.99 12.17
CA SER A 658 18.01 40.63 12.55
C SER A 658 17.56 41.48 11.37
N PHE A 659 16.40 41.17 10.81
CA PHE A 659 15.93 41.81 9.57
C PHE A 659 14.75 42.73 9.84
N LEU A 660 14.66 43.80 9.05
CA LEU A 660 13.52 44.71 9.10
C LEU A 660 12.86 44.73 7.73
N ILE A 661 11.65 44.17 7.64
CA ILE A 661 10.88 44.15 6.42
C ILE A 661 9.80 45.22 6.52
N ILE A 662 9.80 46.16 5.59
CA ILE A 662 8.83 47.25 5.54
C ILE A 662 8.08 47.11 4.22
N LEU A 663 6.82 46.72 4.30
CA LEU A 663 5.97 46.52 3.13
C LEU A 663 4.86 47.55 3.16
N ASN A 664 4.95 48.55 2.28
CA ASN A 664 4.02 49.67 2.25
C ASN A 664 3.19 49.57 0.97
N ALA A 665 1.97 49.05 1.09
CA ALA A 665 1.05 48.96 -0.03
C ALA A 665 0.19 50.21 -0.18
N ASN A 666 0.33 51.18 0.72
CA ASN A 666 -0.39 52.43 0.59
C ASN A 666 -0.03 53.10 -0.74
N PRO A 667 -1.01 53.53 -1.53
CA PRO A 667 -0.66 54.31 -2.73
C PRO A 667 0.03 55.62 -2.41
N ASN A 668 -0.31 56.24 -1.29
CA ASN A 668 0.31 57.49 -0.88
C ASN A 668 1.60 57.22 -0.09
N ASN A 669 2.33 58.30 0.17
CA ASN A 669 3.58 58.21 0.91
C ASN A 669 3.29 57.99 2.41
N VAL A 670 4.35 57.58 3.12
CA VAL A 670 4.33 57.48 4.57
C VAL A 670 5.73 57.77 5.08
N LYS A 671 5.81 58.25 6.31
CA LYS A 671 7.07 58.36 7.05
C LYS A 671 7.02 57.34 8.18
N VAL A 672 8.06 56.51 8.28
CA VAL A 672 8.14 55.45 9.28
C VAL A 672 9.27 55.78 10.25
N LYS A 673 8.98 55.71 11.54
CA LYS A 673 9.99 55.88 12.59
C LYS A 673 10.52 54.50 12.97
N PHE A 674 11.79 54.25 12.64
CA PHE A 674 12.37 52.94 12.83
C PHE A 674 12.48 52.60 14.31
N PRO A 675 12.63 51.31 14.65
CA PRO A 675 12.87 50.95 16.05
C PRO A 675 14.32 51.17 16.46
N LYS A 676 14.66 50.73 17.67
CA LYS A 676 15.98 50.99 18.24
C LYS A 676 17.06 50.27 17.43
N GLY A 677 18.13 50.99 17.12
CA GLY A 677 19.30 50.42 16.50
C GLY A 677 19.68 51.15 15.23
N LYS A 678 20.77 50.69 14.63
CA LYS A 678 21.30 51.21 13.38
C LYS A 678 21.02 50.20 12.28
N TRP A 679 20.41 50.64 11.18
CA TRP A 679 19.93 49.76 10.14
C TRP A 679 20.55 50.13 8.80
N GLU A 680 20.92 49.12 8.02
CA GLU A 680 21.47 49.27 6.69
C GLU A 680 20.52 48.67 5.66
N LEU A 681 20.46 49.29 4.49
CA LEU A 681 19.46 48.94 3.49
C LEU A 681 19.94 47.75 2.66
N VAL A 682 19.13 46.69 2.64
CA VAL A 682 19.29 45.58 1.71
C VAL A 682 18.07 45.61 0.79
N ILE A 683 18.31 45.93 -0.48
CA ILE A 683 17.37 46.12 -1.58
C ILE A 683 16.11 46.92 -1.28
N SER A 684 15.45 47.32 -2.36
CA SER A 684 14.17 48.01 -2.35
C SER A 684 13.49 47.73 -3.68
N SER A 685 12.19 47.97 -3.74
CA SER A 685 11.52 47.94 -5.03
C SER A 685 11.76 49.21 -5.83
N TYR A 686 12.47 50.18 -5.25
CA TYR A 686 12.87 51.39 -5.95
C TYR A 686 13.67 51.05 -7.21
N LEU A 687 13.17 51.48 -8.36
CA LEU A 687 14.02 51.52 -9.55
C LEU A 687 14.85 52.80 -9.61
N ARG A 688 14.62 53.70 -8.66
CA ARG A 688 15.34 54.96 -8.51
C ARG A 688 16.76 54.70 -7.99
N GLU A 689 17.66 55.64 -8.28
CA GLU A 689 18.93 55.69 -7.56
C GLU A 689 18.65 55.90 -6.07
N ILE A 690 18.91 54.86 -5.28
CA ILE A 690 18.43 54.82 -3.90
C ILE A 690 19.17 55.85 -3.06
N LYS A 691 18.40 56.79 -2.50
CA LYS A 691 18.78 57.89 -1.61
C LYS A 691 19.93 57.55 -0.67
N PRO A 692 20.93 58.44 -0.52
CA PRO A 692 21.94 58.23 0.51
C PRO A 692 21.40 58.38 1.92
N GLU A 693 20.32 59.14 2.09
CA GLU A 693 19.66 59.19 3.38
C GLU A 693 18.96 57.88 3.73
N GLU A 694 18.52 57.11 2.73
CA GLU A 694 17.83 55.84 2.96
C GLU A 694 18.78 54.66 3.09
N ARG A 695 20.07 54.86 2.88
CA ARG A 695 21.00 53.74 2.89
C ARG A 695 21.19 53.19 4.30
N ILE A 696 21.34 54.06 5.30
CA ILE A 696 21.41 53.61 6.68
C ILE A 696 20.53 54.51 7.55
N ILE A 697 19.85 53.88 8.51
CA ILE A 697 18.95 54.53 9.46
C ILE A 697 19.51 54.31 10.86
N GLU A 698 19.38 55.32 11.72
CA GLU A 698 19.95 55.24 13.05
C GLU A 698 19.08 55.90 14.10
N GLY A 699 18.99 55.27 15.27
CA GLY A 699 18.44 55.86 16.47
C GLY A 699 17.00 56.31 16.39
N GLU A 700 16.11 55.41 15.97
CA GLU A 700 14.67 55.67 15.94
C GLU A 700 14.34 56.94 15.17
N LYS A 701 15.14 57.24 14.15
CA LYS A 701 14.81 58.33 13.24
C LYS A 701 13.76 57.84 12.24
N GLU A 702 13.13 58.79 11.56
CA GLU A 702 12.07 58.47 10.63
C GLU A 702 12.49 58.84 9.21
N LEU A 703 11.76 58.29 8.24
CA LEU A 703 12.12 58.43 6.84
C LEU A 703 10.89 58.28 5.97
N GLU A 704 10.79 59.13 4.95
CA GLU A 704 9.68 59.04 4.00
C GLU A 704 9.85 57.84 3.08
N ILE A 705 8.77 57.09 2.90
CA ILE A 705 8.77 55.89 2.08
C ILE A 705 7.71 56.08 1.00
N GLU A 706 8.14 56.17 -0.25
CA GLU A 706 7.22 56.40 -1.36
C GLU A 706 6.16 55.32 -1.42
N GLY A 707 4.99 55.67 -1.95
CA GLY A 707 3.89 54.73 -2.03
C GLY A 707 4.24 53.53 -2.90
N ARG A 708 3.62 52.39 -2.58
CA ARG A 708 3.88 51.13 -3.25
C ARG A 708 5.37 50.80 -3.27
N THR A 709 5.91 50.37 -2.13
CA THR A 709 7.35 50.14 -2.02
C THR A 709 7.62 49.13 -0.91
N ALA A 710 8.53 48.19 -1.19
CA ALA A 710 8.94 47.16 -0.25
C ALA A 710 10.42 47.31 0.05
N LEU A 711 10.80 47.07 1.31
CA LEU A 711 12.16 47.30 1.75
C LEU A 711 12.57 46.24 2.76
N VAL A 712 13.88 45.97 2.81
CA VAL A 712 14.48 45.06 3.77
C VAL A 712 15.69 45.74 4.39
N TYR A 713 15.80 45.68 5.72
CA TYR A 713 16.89 46.31 6.44
C TYR A 713 17.57 45.30 7.35
N ARG A 714 18.88 45.46 7.51
CA ARG A 714 19.71 44.57 8.31
C ARG A 714 20.43 45.38 9.37
N ARG A 715 20.11 45.13 10.64
CA ARG A 715 20.72 45.85 11.74
C ARG A 715 22.23 45.61 11.82
N ILE A 716 23.01 46.67 11.71
CA ILE A 716 24.45 46.56 11.78
C ILE A 716 25.01 46.85 13.17
N GLU A 717 24.24 47.48 14.04
CA GLU A 717 24.74 47.92 15.34
C GLU A 717 23.58 48.13 16.29
N LEU A 718 23.77 47.76 17.55
CA LEU A 718 22.77 47.98 18.58
C LEU A 718 23.46 48.30 19.92
N PHE B 5 21.64 19.26 35.42
CA PHE B 5 21.43 19.48 33.99
C PHE B 5 20.00 19.15 33.59
N ARG B 6 19.59 19.65 32.44
CA ARG B 6 18.32 19.26 31.82
C ARG B 6 18.59 18.42 30.59
N THR B 7 17.50 17.92 29.99
CA THR B 7 17.53 17.09 28.79
C THR B 7 18.31 17.71 27.65
N ARG B 8 18.63 18.99 27.73
CA ARG B 8 19.35 19.69 26.68
C ARG B 8 20.86 19.66 26.84
N ASP B 9 21.37 19.14 27.97
CA ASP B 9 22.80 19.11 28.21
C ASP B 9 23.43 17.77 27.88
N ARG B 10 22.65 16.81 27.38
CA ARG B 10 23.24 15.62 26.78
C ARG B 10 23.03 15.67 25.27
N PRO B 11 24.06 15.42 24.47
CA PRO B 11 23.97 15.71 23.03
C PRO B 11 22.90 14.87 22.35
N LEU B 12 22.15 15.52 21.46
CA LEU B 12 21.05 14.87 20.76
C LEU B 12 20.93 15.45 19.36
N ARG B 13 20.22 14.71 18.50
CA ARG B 13 19.81 15.15 17.18
C ARG B 13 18.29 15.05 17.06
N PRO B 14 17.67 15.91 16.24
CA PRO B 14 16.20 15.84 16.12
C PRO B 14 15.69 14.51 15.58
N GLY B 15 16.47 13.83 14.76
CA GLY B 15 16.05 12.55 14.23
C GLY B 15 15.02 12.67 13.12
N ASP B 16 14.48 11.53 12.73
CA ASP B 16 13.51 11.44 11.65
C ASP B 16 12.34 10.55 12.06
N PRO B 17 11.17 10.82 11.49
CA PRO B 17 9.98 10.03 11.79
C PRO B 17 9.61 9.09 10.65
N TYR B 18 10.62 8.61 9.93
CA TYR B 18 10.40 7.68 8.82
C TYR B 18 10.22 6.26 9.35
N PRO B 19 11.27 5.45 9.22
CA PRO B 19 11.23 4.06 9.70
C PRO B 19 10.90 4.02 11.18
N LEU B 20 9.63 3.76 11.51
CA LEU B 20 9.20 3.72 12.90
C LEU B 20 10.02 2.71 13.70
N GLY B 21 10.31 3.07 14.94
CA GLY B 21 11.06 2.21 15.84
C GLY B 21 12.53 2.59 15.93
N SER B 22 13.26 1.77 16.67
CA SER B 22 14.70 1.95 16.81
C SER B 22 15.39 1.47 15.54
N ASN B 23 16.30 2.30 15.02
CA ASN B 23 17.04 1.97 13.81
C ASN B 23 18.48 2.39 13.97
N TRP B 24 19.38 1.41 13.95
CA TRP B 24 20.81 1.64 14.11
C TRP B 24 21.35 2.30 12.85
N ILE B 25 21.79 3.55 12.99
CA ILE B 25 22.33 4.32 11.86
C ILE B 25 23.85 4.19 11.95
N GLU B 26 24.39 3.24 11.20
CA GLU B 26 25.81 2.93 11.30
C GLU B 26 26.68 4.10 10.83
N ASP B 27 26.21 4.84 9.83
CA ASP B 27 27.04 5.87 9.21
C ASP B 27 27.20 7.10 10.09
N ASP B 28 26.26 7.36 11.00
CA ASP B 28 26.34 8.51 11.88
C ASP B 28 26.63 8.14 13.32
N ASP B 29 26.81 6.85 13.62
CA ASP B 29 27.13 6.38 14.97
C ASP B 29 26.06 6.82 15.97
N GLY B 30 24.92 6.16 15.95
CA GLY B 30 23.83 6.50 16.86
C GLY B 30 22.60 5.70 16.49
N VAL B 31 21.52 5.97 17.21
CA VAL B 31 20.26 5.25 17.03
C VAL B 31 19.13 6.26 16.89
N ASN B 32 18.21 5.98 15.97
CA ASN B 32 17.05 6.82 15.71
C ASN B 32 15.81 6.12 16.25
N PHE B 33 15.10 6.78 17.16
CA PHE B 33 13.90 6.24 17.77
C PHE B 33 12.68 6.95 17.21
N SER B 34 11.63 6.19 16.92
CA SER B 34 10.40 6.75 16.37
C SER B 34 9.21 5.99 16.94
N LEU B 35 8.14 6.72 17.25
CA LEU B 35 7.01 6.14 17.97
C LEU B 35 5.78 6.98 17.69
N PHE B 36 4.75 6.36 17.10
CA PHE B 36 3.51 7.06 16.81
C PHE B 36 2.69 7.24 18.08
N SER B 37 2.14 8.45 18.24
CA SER B 37 1.15 8.68 19.30
C SER B 37 0.31 9.88 18.89
N GLU B 38 -0.95 9.62 18.54
CA GLU B 38 -1.88 10.69 18.21
C GLU B 38 -2.19 11.57 19.41
N ASN B 39 -2.20 10.98 20.61
CA ASN B 39 -2.77 11.64 21.78
C ASN B 39 -1.77 11.92 22.89
N ALA B 40 -0.52 11.48 22.78
CA ALA B 40 0.44 11.73 23.83
C ALA B 40 0.75 13.21 23.96
N GLU B 41 1.03 13.64 25.18
CA GLU B 41 1.49 14.99 25.46
C GLU B 41 2.97 15.08 25.76
N LYS B 42 3.57 14.00 26.26
CA LYS B 42 5.00 13.92 26.50
C LYS B 42 5.42 12.47 26.32
N VAL B 43 6.60 12.27 25.73
CA VAL B 43 7.16 10.94 25.49
C VAL B 43 8.60 10.94 25.97
N GLU B 44 8.96 9.92 26.75
CA GLU B 44 10.27 9.86 27.37
C GLU B 44 10.94 8.53 27.01
N LEU B 45 12.20 8.60 26.60
CA LEU B 45 12.96 7.43 26.21
C LEU B 45 13.79 6.93 27.38
N LEU B 46 13.67 5.64 27.69
CA LEU B 46 14.39 5.02 28.79
C LEU B 46 15.49 4.14 28.23
N LEU B 47 16.69 4.26 28.79
CA LEU B 47 17.84 3.46 28.38
C LEU B 47 18.36 2.69 29.59
N TYR B 48 18.54 1.39 29.41
CA TYR B 48 18.98 0.51 30.49
C TYR B 48 20.35 -0.05 30.18
N SER B 49 21.10 -0.36 31.24
CA SER B 49 22.27 -1.20 31.12
C SER B 49 21.86 -2.67 31.14
N LEU B 50 22.72 -3.52 30.58
CA LEU B 50 22.42 -4.95 30.56
C LEU B 50 22.35 -5.50 31.99
N THR B 51 23.19 -4.98 32.88
CA THR B 51 23.20 -5.46 34.26
C THR B 51 22.00 -4.92 35.03
N ASN B 52 21.91 -3.60 35.15
CA ASN B 52 20.82 -2.95 35.87
C ASN B 52 19.63 -2.76 34.93
N GLN B 53 18.54 -3.49 35.20
CA GLN B 53 17.31 -3.34 34.43
C GLN B 53 16.11 -3.12 35.34
N LYS B 54 16.34 -2.54 36.51
CA LYS B 54 15.25 -2.16 37.40
C LYS B 54 14.91 -0.67 37.30
N TYR B 55 15.93 0.18 37.22
CA TYR B 55 15.80 1.60 36.93
C TYR B 55 16.48 1.89 35.62
N PRO B 56 16.09 2.94 34.90
CA PRO B 56 16.80 3.30 33.68
C PRO B 56 18.12 3.98 33.99
N LYS B 57 19.16 3.61 33.24
CA LYS B 57 20.44 4.29 33.39
C LYS B 57 20.41 5.71 32.83
N GLU B 58 19.39 6.04 32.04
CA GLU B 58 19.26 7.38 31.50
C GLU B 58 17.82 7.61 31.04
N ILE B 59 17.29 8.78 31.34
CA ILE B 59 15.97 9.20 30.88
C ILE B 59 16.14 10.35 29.90
N ILE B 60 15.62 10.18 28.69
CA ILE B 60 15.63 11.21 27.66
C ILE B 60 14.19 11.52 27.28
N GLU B 61 13.88 12.80 27.14
CA GLU B 61 12.54 13.24 26.77
C GLU B 61 12.48 13.47 25.27
N VAL B 62 11.62 12.70 24.59
CA VAL B 62 11.40 12.86 23.16
C VAL B 62 10.64 14.15 22.93
N LYS B 63 11.36 15.21 22.58
CA LYS B 63 10.74 16.52 22.41
C LYS B 63 10.36 16.82 20.97
N ASN B 64 11.00 16.17 20.00
CA ASN B 64 10.70 16.43 18.60
C ASN B 64 9.50 15.60 18.14
N LYS B 65 8.62 16.24 17.39
CA LYS B 65 7.40 15.59 16.89
C LYS B 65 7.08 16.18 15.54
N THR B 66 7.08 15.34 14.50
CA THR B 66 6.66 15.75 13.16
C THR B 66 5.38 14.99 12.84
N GLY B 67 4.25 15.68 12.92
CA GLY B 67 2.96 15.05 12.75
C GLY B 67 2.53 14.29 13.99
N ASP B 68 1.94 13.12 13.81
CA ASP B 68 1.59 12.26 14.94
C ASP B 68 2.67 11.24 15.23
N ILE B 69 3.94 11.63 15.12
CA ILE B 69 5.07 10.73 15.34
C ILE B 69 6.14 11.47 16.13
N TRP B 70 6.54 10.89 17.25
CA TRP B 70 7.62 11.40 18.08
C TRP B 70 8.92 10.72 17.69
N HIS B 71 10.03 11.46 17.77
CA HIS B 71 11.31 10.87 17.38
C HIS B 71 12.46 11.66 17.98
N VAL B 72 13.55 10.94 18.25
CA VAL B 72 14.81 11.54 18.70
C VAL B 72 15.93 10.59 18.28
N PHE B 73 17.09 11.18 17.97
CA PHE B 73 18.29 10.43 17.62
C PHE B 73 19.32 10.63 18.72
N VAL B 74 19.68 9.55 19.40
CA VAL B 74 20.59 9.61 20.56
C VAL B 74 21.98 9.18 20.07
N PRO B 75 22.97 10.06 20.08
CA PRO B 75 24.31 9.67 19.63
C PRO B 75 24.98 8.72 20.62
N GLY B 76 25.99 8.01 20.11
CA GLY B 76 26.78 7.09 20.89
C GLY B 76 26.20 5.70 21.04
N LEU B 77 24.88 5.58 21.03
CA LEU B 77 24.26 4.27 21.18
C LEU B 77 24.56 3.37 19.98
N ARG B 78 24.60 2.07 20.24
CA ARG B 78 24.87 1.03 19.27
C ARG B 78 23.76 -0.01 19.35
N PRO B 79 23.72 -0.97 18.44
CA PRO B 79 22.73 -2.04 18.56
C PRO B 79 22.99 -2.86 19.82
N GLY B 80 21.93 -3.51 20.31
CA GLY B 80 21.96 -4.19 21.58
C GLY B 80 21.54 -3.33 22.77
N GLN B 81 21.44 -2.01 22.58
CA GLN B 81 21.05 -1.13 23.67
C GLN B 81 19.60 -1.39 24.08
N LEU B 82 19.37 -1.50 25.39
CA LEU B 82 18.05 -1.76 25.93
C LEU B 82 17.27 -0.46 26.08
N TYR B 83 15.97 -0.51 25.75
CA TYR B 83 15.17 0.70 25.84
C TYR B 83 13.69 0.36 26.03
N ALA B 84 12.95 1.37 26.47
CA ALA B 84 11.50 1.32 26.66
C ALA B 84 11.00 2.75 26.74
N TYR B 85 9.67 2.91 26.83
CA TYR B 85 9.05 4.22 26.71
C TYR B 85 8.16 4.52 27.91
N ARG B 86 8.00 5.82 28.18
CA ARG B 86 6.96 6.34 29.06
C ARG B 86 6.12 7.33 28.24
N VAL B 87 4.80 7.20 28.33
CA VAL B 87 3.88 8.03 27.56
C VAL B 87 2.99 8.79 28.55
N TYR B 88 3.22 10.09 28.66
CA TYR B 88 2.43 10.96 29.53
C TYR B 88 1.19 11.43 28.80
N GLY B 89 0.10 11.59 29.53
CA GLY B 89 -1.12 12.12 28.96
C GLY B 89 -2.34 11.96 29.83
N PRO B 90 -3.51 12.27 29.27
CA PRO B 90 -4.74 12.28 30.07
C PRO B 90 -5.20 10.87 30.41
N TYR B 91 -5.75 10.72 31.62
CA TYR B 91 -6.31 9.46 32.09
C TYR B 91 -7.81 9.66 32.30
N LYS B 92 -8.61 9.25 31.31
CA LYS B 92 -10.06 9.31 31.39
C LYS B 92 -10.61 8.01 30.84
N PRO B 93 -10.57 6.93 31.63
CA PRO B 93 -10.93 5.61 31.08
C PRO B 93 -12.34 5.53 30.54
N GLU B 94 -13.31 6.20 31.17
CA GLU B 94 -14.66 6.23 30.65
C GLU B 94 -14.75 6.91 29.30
N LEU B 95 -13.68 7.55 28.84
CA LEU B 95 -13.60 8.12 27.50
C LEU B 95 -12.59 7.41 26.62
N GLY B 96 -11.84 6.43 27.16
CA GLY B 96 -10.85 5.70 26.41
C GLY B 96 -9.42 6.11 26.67
N LEU B 97 -9.20 7.23 27.35
CA LEU B 97 -7.86 7.74 27.59
C LEU B 97 -7.28 7.07 28.83
N ARG B 98 -6.33 6.17 28.63
CA ARG B 98 -5.74 5.41 29.74
C ARG B 98 -4.23 5.63 29.81
N PHE B 99 -3.80 6.88 29.85
CA PHE B 99 -2.37 7.19 29.84
C PHE B 99 -1.83 7.20 31.27
N ASN B 100 -0.83 6.35 31.51
CA ASN B 100 -0.21 6.24 32.83
C ASN B 100 1.30 6.14 32.62
N PRO B 101 2.04 7.24 32.75
CA PRO B 101 3.49 7.19 32.53
C PRO B 101 4.24 6.39 33.59
N ASN B 102 3.60 6.06 34.71
CA ASN B 102 4.23 5.20 35.70
C ASN B 102 4.40 3.77 35.19
N LYS B 103 3.64 3.39 34.17
CA LYS B 103 3.72 2.04 33.60
C LYS B 103 4.67 2.06 32.42
N VAL B 104 5.65 1.18 32.43
CA VAL B 104 6.65 1.16 31.36
C VAL B 104 6.09 0.36 30.18
N LEU B 105 6.19 0.95 28.99
CA LEU B 105 5.61 0.38 27.79
C LEU B 105 6.70 -0.16 26.86
N ILE B 106 6.26 -1.01 25.93
CA ILE B 106 7.15 -1.68 24.99
C ILE B 106 6.94 -1.08 23.60
N ASP B 107 8.04 -0.87 22.89
CA ASP B 107 7.99 -0.32 21.53
C ASP B 107 7.24 -1.27 20.62
N PRO B 108 6.13 -0.84 20.01
CA PRO B 108 5.41 -1.71 19.07
C PRO B 108 6.19 -2.03 17.81
N TYR B 109 7.31 -1.35 17.55
CA TYR B 109 8.16 -1.63 16.40
C TYR B 109 9.48 -2.30 16.79
N ALA B 110 9.63 -2.66 18.06
CA ALA B 110 10.83 -3.37 18.50
C ALA B 110 10.94 -4.71 17.78
N LYS B 111 12.11 -4.94 17.17
CA LYS B 111 12.36 -6.18 16.44
C LYS B 111 13.02 -7.25 17.29
N ALA B 112 13.32 -6.96 18.56
CA ALA B 112 13.77 -7.97 19.51
C ALA B 112 13.44 -7.49 20.92
N ILE B 113 12.84 -8.37 21.71
CA ILE B 113 12.49 -8.07 23.11
C ILE B 113 13.25 -9.05 24.01
N ASN B 114 13.80 -8.52 25.10
CA ASN B 114 14.67 -9.30 25.99
C ASN B 114 13.83 -9.85 27.14
N GLY B 115 13.37 -11.09 26.99
CA GLY B 115 12.58 -11.73 28.02
C GLY B 115 11.11 -11.40 27.90
N SER B 116 10.37 -11.81 28.92
CA SER B 116 8.92 -11.60 28.96
C SER B 116 8.52 -11.03 30.31
N VAL B 117 7.25 -11.17 30.64
CA VAL B 117 6.61 -10.41 31.72
C VAL B 117 6.81 -11.11 33.06
N ILE B 118 7.19 -10.35 34.07
CA ILE B 118 7.17 -10.79 35.45
C ILE B 118 5.85 -10.29 36.03
N TRP B 119 4.87 -11.18 36.12
CA TRP B 119 3.54 -10.79 36.56
C TRP B 119 3.59 -10.18 37.96
N ASN B 120 2.98 -9.01 38.09
CA ASN B 120 2.97 -8.21 39.31
C ASN B 120 1.86 -7.18 39.17
N ASP B 121 1.14 -6.92 40.25
CA ASP B 121 0.00 -6.00 40.20
C ASP B 121 0.40 -4.59 39.82
N ALA B 122 1.70 -4.37 39.55
CA ALA B 122 2.22 -3.07 39.17
C ALA B 122 2.24 -2.82 37.67
N VAL B 123 2.03 -3.85 36.85
CA VAL B 123 2.08 -3.69 35.40
C VAL B 123 0.68 -3.47 34.82
N PHE B 124 -0.21 -2.84 35.60
CA PHE B 124 -1.62 -2.81 35.25
C PHE B 124 -2.21 -1.42 35.06
N GLY B 125 -1.56 -0.37 35.55
CA GLY B 125 -2.07 0.97 35.36
C GLY B 125 -3.34 1.31 36.14
N TYR B 126 -4.02 0.33 36.70
CA TYR B 126 -5.15 0.56 37.57
C TYR B 126 -4.96 -0.22 38.86
N LYS B 127 -5.49 0.33 39.96
CA LYS B 127 -5.47 -0.37 41.23
C LYS B 127 -6.13 -1.74 41.07
N ILE B 128 -5.33 -2.80 41.26
CA ILE B 128 -5.84 -4.16 41.11
C ILE B 128 -6.92 -4.46 42.14
N GLY B 129 -6.68 -4.07 43.40
CA GLY B 129 -7.64 -4.39 44.44
C GLY B 129 -8.86 -3.49 44.48
N ASP B 130 -8.74 -2.27 43.96
CA ASP B 130 -9.78 -1.26 44.16
C ASP B 130 -11.13 -1.71 43.62
N GLN B 131 -12.19 -1.25 44.28
CA GLN B 131 -13.55 -1.61 43.87
C GLN B 131 -13.93 -0.95 42.54
N ASN B 132 -13.36 0.21 42.25
CA ASN B 132 -13.63 0.90 40.99
C ASN B 132 -12.66 0.49 39.88
N GLN B 133 -11.99 -0.67 40.06
CA GLN B 133 -11.22 -1.37 39.03
C GLN B 133 -10.49 -0.47 38.05
N ASP B 134 -10.77 -0.66 36.75
CA ASP B 134 -10.04 0.00 35.68
C ASP B 134 -10.32 1.49 35.57
N LEU B 135 -11.15 2.07 36.45
CA LEU B 135 -11.33 3.52 36.50
C LEU B 135 -10.29 4.19 37.37
N THR B 136 -9.57 3.42 38.17
CA THR B 136 -8.57 3.95 39.07
C THR B 136 -7.23 4.06 38.36
N TYR B 137 -6.22 4.55 39.09
CA TYR B 137 -4.95 4.96 38.51
C TYR B 137 -3.84 4.58 39.49
N ASP B 138 -3.29 3.38 39.30
CA ASP B 138 -2.21 2.90 40.15
C ASP B 138 -0.89 3.52 39.70
N GLU B 139 -0.18 4.12 40.66
CA GLU B 139 1.03 4.90 40.37
C GLU B 139 2.31 4.11 40.64
N ARG B 140 2.23 2.79 40.70
CA ARG B 140 3.41 1.97 40.93
C ARG B 140 4.26 1.89 39.67
N ASP B 141 5.56 2.06 39.82
CA ASP B 141 6.48 1.83 38.71
C ASP B 141 6.56 0.33 38.41
N SER B 142 6.46 -0.02 37.13
CA SER B 142 6.51 -1.40 36.66
C SER B 142 7.74 -1.69 35.82
N GLY B 143 8.72 -0.79 35.80
CA GLY B 143 9.86 -0.97 34.91
C GLY B 143 10.63 -2.26 35.17
N GLU B 144 10.73 -2.64 36.45
CA GLU B 144 11.51 -3.82 36.79
C GLU B 144 10.83 -5.13 36.43
N TYR B 145 9.57 -5.08 35.99
CA TYR B 145 8.80 -6.29 35.72
C TYR B 145 8.48 -6.51 34.25
N VAL B 146 8.66 -5.51 33.40
CA VAL B 146 8.28 -5.59 31.99
C VAL B 146 9.56 -5.67 31.17
N PRO B 147 9.65 -6.57 30.19
CA PRO B 147 10.88 -6.68 29.41
C PRO B 147 11.16 -5.43 28.61
N LYS B 148 12.42 -5.29 28.21
CA LYS B 148 12.87 -4.12 27.47
C LYS B 148 13.19 -4.50 26.03
N SER B 149 13.02 -3.53 25.14
CA SER B 149 13.27 -3.72 23.72
C SER B 149 14.74 -3.49 23.40
N VAL B 150 15.22 -4.21 22.39
CA VAL B 150 16.63 -4.21 22.00
C VAL B 150 16.76 -3.56 20.64
N VAL B 151 17.72 -2.64 20.53
CA VAL B 151 18.13 -2.14 19.22
C VAL B 151 18.94 -3.23 18.52
N ILE B 152 18.45 -3.69 17.38
CA ILE B 152 19.05 -4.82 16.70
C ILE B 152 19.86 -4.34 15.51
N ASN B 153 20.80 -5.19 15.08
CA ASN B 153 21.50 -4.99 13.82
C ASN B 153 20.81 -5.80 12.75
N PRO B 154 20.21 -5.18 11.73
CA PRO B 154 19.39 -5.95 10.77
C PRO B 154 20.19 -6.76 9.77
N TYR B 155 21.51 -6.56 9.69
CA TYR B 155 22.32 -7.16 8.65
C TYR B 155 22.38 -8.68 8.78
N PHE B 156 22.45 -9.36 7.65
CA PHE B 156 22.47 -10.82 7.60
C PHE B 156 22.87 -11.31 6.20
N GLU B 157 23.76 -12.30 6.13
CA GLU B 157 24.28 -12.81 4.86
C GLU B 157 23.50 -14.07 4.48
N TRP B 158 22.66 -13.95 3.46
CA TRP B 158 21.83 -15.05 2.99
C TRP B 158 22.57 -15.80 1.89
N ASP B 159 23.24 -16.89 2.24
CA ASP B 159 23.98 -17.68 1.25
C ASP B 159 23.01 -18.21 0.21
N ASP B 160 23.40 -18.13 -1.06
CA ASP B 160 22.51 -18.56 -2.11
C ASP B 160 21.11 -18.89 -1.60
N GLU B 161 20.45 -17.85 -1.10
CA GLU B 161 19.09 -17.93 -0.62
C GLU B 161 18.22 -17.09 -1.53
N ASP B 162 18.86 -16.18 -2.27
CA ASP B 162 18.17 -15.31 -3.21
C ASP B 162 17.83 -15.95 -4.52
N PHE B 163 18.25 -17.18 -4.72
CA PHE B 163 17.87 -17.86 -5.97
C PHE B 163 16.53 -18.56 -5.83
N ILE B 164 16.18 -19.02 -4.62
CA ILE B 164 14.84 -19.55 -4.39
C ILE B 164 13.78 -18.46 -4.47
N LYS B 165 14.20 -17.19 -4.54
CA LYS B 165 13.27 -16.10 -4.86
C LYS B 165 13.13 -16.01 -6.38
N GLY B 166 12.48 -17.03 -6.92
CA GLY B 166 12.21 -17.20 -8.32
C GLY B 166 11.23 -18.34 -8.48
N LYS B 167 11.70 -19.49 -8.97
CA LYS B 167 10.87 -20.69 -9.03
C LYS B 167 10.64 -21.22 -7.62
N LYS B 168 9.49 -20.89 -7.04
CA LYS B 168 9.12 -21.33 -5.72
C LYS B 168 8.24 -22.58 -5.81
N VAL B 169 7.53 -22.89 -4.74
CA VAL B 169 6.58 -24.00 -4.72
C VAL B 169 5.18 -23.42 -5.00
N PRO B 170 4.64 -23.58 -6.20
CA PRO B 170 3.29 -23.07 -6.46
C PRO B 170 2.26 -23.81 -5.62
N LEU B 171 1.21 -23.07 -5.22
CA LEU B 171 0.20 -23.63 -4.32
C LEU B 171 -0.49 -24.82 -4.96
N LYS B 172 -0.51 -24.87 -6.30
CA LYS B 172 -1.07 -26.02 -7.01
C LYS B 172 -0.50 -27.33 -6.50
N ASP B 173 0.81 -27.38 -6.26
CA ASP B 173 1.50 -28.60 -5.86
C ASP B 173 1.97 -28.57 -4.41
N THR B 174 1.43 -27.68 -3.59
CA THR B 174 1.88 -27.53 -2.21
C THR B 174 1.24 -28.59 -1.30
N VAL B 175 2.00 -29.01 -0.29
CA VAL B 175 1.51 -29.82 0.81
C VAL B 175 1.93 -29.13 2.10
N ILE B 176 0.95 -28.64 2.89
CA ILE B 176 1.23 -27.84 4.08
C ILE B 176 1.45 -28.77 5.27
N TYR B 177 2.37 -28.37 6.15
CA TYR B 177 2.73 -29.14 7.34
C TYR B 177 2.75 -28.20 8.54
N GLU B 178 1.70 -28.23 9.34
CA GLU B 178 1.57 -27.32 10.48
C GLU B 178 2.40 -27.85 11.65
N VAL B 179 3.33 -27.03 12.14
CA VAL B 179 4.27 -27.44 13.18
C VAL B 179 4.23 -26.47 14.34
N HIS B 180 4.42 -26.99 15.55
CA HIS B 180 4.79 -26.18 16.70
C HIS B 180 6.31 -26.25 16.85
N VAL B 181 6.94 -25.07 16.91
CA VAL B 181 8.40 -25.00 16.93
C VAL B 181 8.98 -25.81 18.07
N LYS B 182 8.38 -25.69 19.26
CA LYS B 182 8.91 -26.39 20.43
C LYS B 182 8.63 -27.88 20.37
N GLY B 183 7.36 -28.25 20.19
CA GLY B 183 6.99 -29.66 20.15
C GLY B 183 7.69 -30.45 19.07
N PHE B 184 8.16 -29.79 18.02
CA PHE B 184 8.83 -30.49 16.92
C PHE B 184 10.12 -31.17 17.40
N THR B 185 10.83 -30.54 18.35
CA THR B 185 12.17 -30.99 18.68
C THR B 185 12.50 -31.02 20.17
N LYS B 186 11.51 -30.90 21.06
CA LYS B 186 11.83 -30.90 22.49
C LYS B 186 12.29 -32.27 22.95
N LEU B 187 11.58 -33.32 22.55
CA LEU B 187 11.99 -34.69 22.84
C LEU B 187 12.85 -35.29 21.73
N ARG B 188 13.68 -34.46 21.09
CA ARG B 188 14.62 -34.93 20.08
C ARG B 188 15.99 -35.12 20.73
N LEU B 189 16.07 -36.13 21.59
CA LEU B 189 17.33 -36.50 22.21
C LEU B 189 18.41 -36.83 21.19
N ASP B 190 18.03 -37.02 19.93
CA ASP B 190 18.97 -36.99 18.81
C ASP B 190 19.86 -35.75 18.88
N LEU B 191 19.25 -34.57 18.84
CA LEU B 191 19.99 -33.33 18.92
C LEU B 191 20.49 -33.10 20.33
N PRO B 192 21.51 -32.25 20.50
CA PRO B 192 21.82 -31.77 21.84
C PRO B 192 20.61 -31.03 22.39
N GLU B 193 20.60 -30.86 23.71
CA GLU B 193 19.68 -29.88 24.26
C GLU B 193 20.13 -28.51 23.79
N ASN B 194 19.75 -27.43 24.49
CA ASN B 194 20.13 -26.07 24.13
C ASN B 194 19.72 -25.70 22.69
N ILE B 195 19.36 -26.69 21.88
CA ILE B 195 18.63 -26.45 20.63
C ILE B 195 17.34 -27.26 20.54
N ARG B 196 17.04 -28.11 21.52
CA ARG B 196 15.79 -28.86 21.50
C ARG B 196 14.61 -27.91 21.68
N GLY B 197 13.64 -28.01 20.77
CA GLY B 197 12.49 -27.13 20.81
C GLY B 197 12.80 -25.70 20.45
N THR B 198 13.77 -25.47 19.57
CA THR B 198 14.19 -24.14 19.19
C THR B 198 14.11 -23.99 17.67
N TYR B 199 14.39 -22.76 17.22
CA TYR B 199 14.51 -22.52 15.77
C TYR B 199 15.67 -23.31 15.19
N GLU B 200 16.84 -23.24 15.83
CA GLU B 200 18.01 -23.96 15.33
C GLU B 200 17.77 -25.46 15.31
N GLY B 201 17.08 -25.98 16.33
CA GLY B 201 16.75 -27.39 16.32
C GLY B 201 15.89 -27.78 15.14
N LEU B 202 14.96 -26.91 14.75
CA LEU B 202 14.09 -27.21 13.62
C LEU B 202 14.86 -27.27 12.30
N ALA B 203 15.92 -26.46 12.16
CA ALA B 203 16.68 -26.36 10.93
C ALA B 203 17.91 -27.27 10.92
N SER B 204 18.07 -28.12 11.92
CA SER B 204 19.22 -29.00 11.98
C SER B 204 19.16 -30.05 10.88
N GLU B 205 20.33 -30.61 10.55
CA GLU B 205 20.41 -31.61 9.49
C GLU B 205 19.51 -32.81 9.78
N GLN B 206 19.30 -33.14 11.05
CA GLN B 206 18.45 -34.28 11.40
C GLN B 206 16.99 -34.01 11.02
N MET B 207 16.50 -32.80 11.26
CA MET B 207 15.11 -32.49 10.96
C MET B 207 14.89 -32.20 9.48
N ILE B 208 15.84 -31.51 8.85
CA ILE B 208 15.71 -31.18 7.43
C ILE B 208 15.59 -32.45 6.59
N SER B 209 16.47 -33.43 6.86
CA SER B 209 16.39 -34.70 6.15
C SER B 209 15.07 -35.40 6.42
N TYR B 210 14.55 -35.26 7.64
CA TYR B 210 13.27 -35.89 7.97
C TYR B 210 12.13 -35.25 7.19
N LEU B 211 12.16 -33.93 7.00
CA LEU B 211 11.06 -33.25 6.32
C LEU B 211 11.06 -33.55 4.82
N LYS B 212 12.23 -33.73 4.22
CA LYS B 212 12.28 -34.13 2.82
C LYS B 212 11.83 -35.57 2.65
N ASP B 213 12.19 -36.44 3.60
CA ASP B 213 11.73 -37.83 3.56
C ASP B 213 10.21 -37.90 3.68
N LEU B 214 9.63 -37.10 4.58
CA LEU B 214 8.17 -37.08 4.69
C LEU B 214 7.53 -36.58 3.40
N GLY B 215 8.18 -35.62 2.73
CA GLY B 215 7.75 -35.17 1.43
C GLY B 215 6.94 -33.90 1.40
N ILE B 216 6.67 -33.27 2.54
CA ILE B 216 5.96 -32.00 2.53
C ILE B 216 6.81 -30.95 1.80
N THR B 217 6.12 -29.95 1.25
CA THR B 217 6.79 -28.90 0.48
C THR B 217 7.04 -27.64 1.30
N THR B 218 6.07 -27.20 2.11
CA THR B 218 6.20 -26.00 2.91
C THR B 218 5.80 -26.30 4.35
N VAL B 219 6.33 -25.52 5.28
CA VAL B 219 6.05 -25.67 6.71
C VAL B 219 5.24 -24.46 7.17
N GLU B 220 4.19 -24.72 7.94
CA GLU B 220 3.38 -23.68 8.54
C GLU B 220 3.60 -23.73 10.05
N LEU B 221 4.16 -22.65 10.60
CA LEU B 221 4.61 -22.63 11.99
C LEU B 221 3.58 -21.89 12.85
N MET B 222 3.23 -22.51 13.99
CA MET B 222 2.34 -21.87 14.95
C MET B 222 2.93 -20.55 15.41
N PRO B 223 2.08 -19.63 15.97
CA PRO B 223 2.54 -18.26 16.27
C PRO B 223 3.96 -18.11 16.77
N VAL B 224 4.78 -17.38 16.01
CA VAL B 224 6.14 -17.03 16.40
C VAL B 224 6.28 -15.58 16.80
N PHE B 225 5.19 -14.81 16.77
CA PHE B 225 5.24 -13.42 17.23
C PHE B 225 5.41 -13.41 18.75
N HIS B 226 6.44 -12.70 19.22
CA HIS B 226 6.78 -12.61 20.63
C HIS B 226 5.55 -12.38 21.49
N PHE B 227 5.24 -13.34 22.37
CA PHE B 227 3.98 -13.35 23.09
C PHE B 227 4.23 -13.50 24.59
N ILE B 228 3.16 -13.28 25.36
CA ILE B 228 3.19 -13.28 26.81
C ILE B 228 2.32 -14.41 27.33
N ASP B 229 2.78 -15.05 28.39
CA ASP B 229 1.96 -16.03 29.11
C ASP B 229 0.89 -15.29 29.92
N GLN B 230 -0.37 -15.69 29.73
CA GLN B 230 -1.47 -15.06 30.42
C GLN B 230 -1.34 -15.26 31.93
N ARG B 231 -1.79 -14.25 32.69
CA ARG B 231 -1.70 -14.34 34.14
C ARG B 231 -2.63 -15.41 34.69
N PHE B 232 -3.85 -15.50 34.15
CA PHE B 232 -4.76 -16.57 34.58
C PHE B 232 -4.26 -17.94 34.15
N LEU B 233 -3.22 -18.02 33.32
CA LEU B 233 -2.49 -19.25 33.10
C LEU B 233 -1.32 -19.40 34.07
N THR B 234 -0.66 -18.28 34.37
CA THR B 234 0.44 -18.30 35.33
C THR B 234 -0.06 -18.72 36.72
N ASP B 235 -1.18 -18.17 37.16
CA ASP B 235 -1.75 -18.46 38.47
C ASP B 235 -2.41 -19.83 38.55
N LYS B 236 -2.19 -20.68 37.55
CA LYS B 236 -2.54 -22.10 37.64
C LYS B 236 -1.35 -22.99 37.33
N GLY B 237 -0.13 -22.44 37.34
CA GLY B 237 1.05 -23.22 36.99
C GLY B 237 1.15 -23.58 35.54
N LEU B 238 0.61 -22.75 34.65
CA LEU B 238 0.54 -23.09 33.24
C LEU B 238 1.20 -22.02 32.39
N THR B 239 1.32 -22.34 31.09
CA THR B 239 2.01 -21.50 30.13
C THR B 239 1.18 -21.36 28.87
N ASN B 240 1.52 -20.38 28.05
CA ASN B 240 0.96 -20.26 26.72
C ASN B 240 1.80 -21.13 25.79
N TYR B 241 1.28 -22.29 25.40
CA TYR B 241 2.04 -23.18 24.55
C TYR B 241 1.91 -22.80 23.08
N TRP B 242 0.71 -22.46 22.63
CA TRP B 242 0.52 -22.08 21.23
C TRP B 242 1.05 -20.68 20.97
N GLY B 243 0.71 -19.73 21.81
CA GLY B 243 1.21 -18.38 21.67
C GLY B 243 0.36 -17.44 20.85
N TYR B 244 -0.94 -17.71 20.71
CA TYR B 244 -1.83 -16.84 19.96
C TYR B 244 -2.17 -15.57 20.74
N ASP B 245 -1.18 -15.01 21.46
CA ASP B 245 -1.42 -13.90 22.38
C ASP B 245 -0.19 -13.00 22.43
N PRO B 246 0.11 -12.29 21.34
CA PRO B 246 1.33 -11.47 21.31
C PRO B 246 1.07 -10.00 21.66
N ILE B 247 2.17 -9.31 21.95
CA ILE B 247 2.15 -7.86 22.14
C ILE B 247 3.06 -7.13 21.16
N ASN B 248 3.90 -7.83 20.42
CA ASN B 248 4.78 -7.22 19.43
C ASN B 248 4.70 -8.00 18.13
N PHE B 249 4.75 -7.28 17.01
CA PHE B 249 4.51 -7.87 15.69
C PHE B 249 5.77 -7.99 14.86
N PHE B 250 6.93 -7.64 15.40
CA PHE B 250 8.18 -7.67 14.67
C PHE B 250 9.24 -8.53 15.32
N SER B 251 9.06 -8.92 16.57
CA SER B 251 10.06 -9.69 17.30
C SER B 251 9.77 -11.17 17.13
N PRO B 252 10.72 -12.00 16.70
CA PRO B 252 10.55 -13.44 16.87
C PRO B 252 10.58 -13.79 18.35
N GLU B 253 9.75 -14.76 18.73
CA GLU B 253 9.64 -15.19 20.11
C GLU B 253 10.99 -15.55 20.74
N CYS B 254 11.21 -15.10 21.96
CA CYS B 254 12.45 -15.40 22.66
C CYS B 254 12.44 -16.80 23.27
N ARG B 255 11.24 -17.36 23.44
CA ARG B 255 11.10 -18.69 24.01
C ARG B 255 11.43 -19.77 22.99
N TYR B 256 11.32 -19.42 21.71
CA TYR B 256 11.61 -20.37 20.63
C TYR B 256 13.07 -20.31 20.22
N SER B 257 13.71 -19.18 20.48
CA SER B 257 15.12 -19.00 20.14
C SER B 257 16.01 -19.84 21.04
N SER B 258 17.20 -20.16 20.56
CA SER B 258 18.15 -20.96 21.31
C SER B 258 19.59 -20.50 21.07
N THR B 259 19.81 -19.19 21.15
CA THR B 259 21.13 -18.62 20.93
C THR B 259 21.33 -17.35 21.76
N GLY B 260 20.22 -16.70 22.09
CA GLY B 260 20.26 -15.47 22.88
C GLY B 260 19.05 -14.60 22.66
N CYS B 261 18.52 -14.04 23.75
CA CYS B 261 17.35 -13.18 23.68
C CYS B 261 17.75 -11.71 23.63
N LEU B 262 19.02 -11.46 23.30
CA LEU B 262 19.52 -10.08 23.22
C LEU B 262 19.78 -9.68 21.78
N GLY B 263 18.93 -10.16 20.87
CA GLY B 263 19.17 -10.08 19.45
C GLY B 263 19.43 -11.43 18.82
N GLY B 264 19.75 -12.45 19.63
CA GLY B 264 19.96 -13.78 19.11
C GLY B 264 18.70 -14.45 18.63
N GLN B 265 17.53 -13.96 19.06
CA GLN B 265 16.28 -14.53 18.58
C GLN B 265 16.00 -14.16 17.13
N VAL B 266 16.45 -12.98 16.70
CA VAL B 266 16.26 -12.63 15.29
C VAL B 266 17.37 -13.22 14.44
N LEU B 267 18.57 -13.44 14.99
CA LEU B 267 19.61 -14.10 14.23
C LEU B 267 19.26 -15.58 14.01
N SER B 268 18.96 -16.29 15.10
CA SER B 268 18.65 -17.71 15.00
C SER B 268 17.38 -17.98 14.19
N PHE B 269 16.53 -16.97 14.00
CA PHE B 269 15.38 -17.14 13.13
C PHE B 269 15.80 -17.03 11.66
N LYS B 270 16.55 -15.99 11.31
CA LYS B 270 17.01 -15.84 9.94
C LYS B 270 17.87 -17.02 9.51
N LYS B 271 18.76 -17.48 10.39
CA LYS B 271 19.57 -18.65 10.09
C LYS B 271 18.71 -19.89 9.92
N MET B 272 17.58 -19.98 10.64
CA MET B 272 16.68 -21.12 10.49
C MET B 272 16.03 -21.12 9.12
N VAL B 273 15.49 -19.97 8.70
CA VAL B 273 14.83 -19.87 7.41
C VAL B 273 15.84 -20.12 6.29
N ASN B 274 17.05 -19.56 6.42
CA ASN B 274 18.09 -19.78 5.42
C ASN B 274 18.39 -21.26 5.24
N GLU B 275 18.37 -22.02 6.33
CA GLU B 275 18.64 -23.46 6.24
C GLU B 275 17.53 -24.18 5.49
N LEU B 276 16.28 -23.76 5.69
CA LEU B 276 15.16 -24.43 5.02
C LEU B 276 15.15 -24.13 3.52
N HIS B 277 15.39 -22.87 3.15
CA HIS B 277 15.40 -22.51 1.74
C HIS B 277 16.54 -23.19 0.99
N ASN B 278 17.69 -23.38 1.64
CA ASN B 278 18.76 -24.17 1.05
C ASN B 278 18.37 -25.63 0.90
N ALA B 279 17.24 -26.05 1.47
CA ALA B 279 16.68 -27.37 1.27
C ALA B 279 15.39 -27.35 0.47
N GLY B 280 15.06 -26.23 -0.15
CA GLY B 280 13.86 -26.15 -0.98
C GLY B 280 12.57 -26.31 -0.22
N ILE B 281 12.47 -25.72 0.97
CA ILE B 281 11.27 -25.80 1.80
C ILE B 281 10.77 -24.39 2.05
N GLU B 282 9.53 -24.11 1.64
CA GLU B 282 8.93 -22.81 1.88
C GLU B 282 8.44 -22.70 3.31
N VAL B 283 8.21 -21.47 3.75
CA VAL B 283 7.91 -21.16 5.15
C VAL B 283 6.69 -20.25 5.21
N ILE B 284 5.64 -20.72 5.88
CA ILE B 284 4.45 -19.93 6.19
C ILE B 284 4.34 -19.85 7.70
N ILE B 285 3.91 -18.70 8.23
CA ILE B 285 3.85 -18.49 9.67
C ILE B 285 2.43 -18.09 10.07
N ASP B 286 1.89 -18.81 11.05
CA ASP B 286 0.65 -18.42 11.70
C ASP B 286 0.83 -17.08 12.39
N VAL B 287 -0.07 -16.13 12.10
CA VAL B 287 0.10 -14.76 12.56
C VAL B 287 -1.21 -14.25 13.16
N VAL B 288 -1.13 -13.66 14.35
CA VAL B 288 -2.26 -13.03 15.01
C VAL B 288 -2.13 -11.53 14.80
N TYR B 289 -3.08 -10.94 14.09
CA TYR B 289 -3.19 -9.49 13.98
C TYR B 289 -4.52 -8.97 14.51
N ASN B 290 -5.42 -9.87 14.89
CA ASN B 290 -6.76 -9.46 15.33
C ASN B 290 -6.91 -9.08 16.81
N HIS B 291 -5.94 -9.45 17.63
CA HIS B 291 -6.02 -9.15 19.05
C HIS B 291 -4.62 -9.17 19.64
N THR B 292 -4.49 -8.55 20.82
CA THR B 292 -3.20 -8.40 21.51
C THR B 292 -3.32 -8.90 22.94
N ALA B 293 -2.19 -9.34 23.49
CA ALA B 293 -2.16 -9.97 24.81
C ALA B 293 -2.54 -9.03 25.94
N GLU B 294 -2.71 -7.73 25.66
CA GLU B 294 -3.14 -6.79 26.69
C GLU B 294 -4.57 -7.04 27.15
N GLY B 295 -5.28 -7.98 26.52
CA GLY B 295 -6.64 -8.31 26.89
C GLY B 295 -7.58 -7.11 26.76
N ASN B 296 -8.75 -7.27 27.35
CA ASN B 296 -9.71 -6.18 27.44
C ASN B 296 -9.22 -5.16 28.46
N HIS B 297 -10.11 -4.31 28.93
CA HIS B 297 -9.83 -3.61 30.17
C HIS B 297 -9.62 -4.63 31.27
N LEU B 298 -9.09 -4.16 32.40
CA LEU B 298 -8.63 -5.00 33.50
C LEU B 298 -7.40 -5.80 33.10
N GLY B 299 -7.01 -5.73 31.83
CA GLY B 299 -5.79 -6.34 31.37
C GLY B 299 -4.59 -5.46 31.68
N PRO B 300 -3.40 -6.00 31.43
CA PRO B 300 -2.18 -5.25 31.70
C PRO B 300 -2.06 -4.05 30.77
N THR B 301 -1.12 -3.17 31.12
CA THR B 301 -0.79 -1.98 30.32
C THR B 301 0.70 -2.06 30.02
N LEU B 302 1.04 -2.78 28.95
CA LEU B 302 2.43 -3.07 28.62
C LEU B 302 2.93 -2.42 27.34
N SER B 303 2.03 -1.93 26.49
CA SER B 303 2.44 -1.28 25.25
C SER B 303 1.33 -0.40 24.68
N PHE B 304 0.51 -0.97 23.79
CA PHE B 304 -0.43 -0.19 22.99
C PHE B 304 -1.35 0.64 23.87
N ARG B 305 -1.98 0.02 24.86
CA ARG B 305 -2.85 0.75 25.77
C ARG B 305 -2.15 1.96 26.37
N GLY B 306 -0.85 1.86 26.61
CA GLY B 306 -0.11 2.97 27.18
C GLY B 306 0.25 4.03 26.16
N ILE B 307 0.66 3.60 24.97
CA ILE B 307 1.07 4.52 23.92
C ILE B 307 -0.05 5.36 23.32
N ASP B 308 -1.19 4.74 23.05
CA ASP B 308 -2.33 5.41 22.44
C ASP B 308 -3.50 4.44 22.37
N ASN B 309 -4.30 4.37 23.44
CA ASN B 309 -5.30 3.33 23.55
C ASN B 309 -6.46 3.52 22.57
N THR B 310 -6.82 4.77 22.28
CA THR B 310 -7.96 5.02 21.40
C THR B 310 -7.62 4.89 19.92
N ALA B 311 -6.35 4.72 19.58
CA ALA B 311 -5.97 4.48 18.19
C ALA B 311 -5.87 2.99 17.88
N TYR B 312 -5.23 2.23 18.76
CA TYR B 312 -4.89 0.85 18.44
C TYR B 312 -6.04 -0.12 18.64
N TYR B 313 -6.99 0.21 19.51
CA TYR B 313 -7.99 -0.75 19.95
C TYR B 313 -9.40 -0.32 19.52
N MET B 314 -10.22 -1.31 19.18
CA MET B 314 -11.62 -1.10 18.86
C MET B 314 -12.41 -1.00 20.16
N LEU B 315 -12.94 0.20 20.43
CA LEU B 315 -13.65 0.48 21.66
C LEU B 315 -15.13 0.68 21.40
N GLN B 316 -15.96 0.18 22.32
CA GLN B 316 -17.40 0.33 22.23
C GLN B 316 -17.76 1.81 22.09
N PRO B 317 -18.38 2.22 20.98
CA PRO B 317 -18.41 3.65 20.64
C PRO B 317 -19.17 4.53 21.63
N ASP B 318 -20.18 3.99 22.32
CA ASP B 318 -20.95 4.83 23.24
C ASP B 318 -20.32 4.95 24.61
N ASN B 319 -19.56 3.94 25.05
CA ASN B 319 -18.84 4.01 26.32
C ASN B 319 -17.36 4.33 26.11
N LYS B 320 -16.70 3.65 25.17
CA LYS B 320 -15.28 3.78 24.88
C LYS B 320 -14.39 3.45 26.08
N ARG B 321 -14.98 2.99 27.19
CA ARG B 321 -14.23 2.43 28.30
C ARG B 321 -14.01 0.93 28.14
N TYR B 322 -15.01 0.23 27.62
CA TYR B 322 -14.92 -1.19 27.33
C TYR B 322 -14.39 -1.41 25.92
N TYR B 323 -14.04 -2.66 25.62
CA TYR B 323 -13.36 -3.01 24.38
C TYR B 323 -14.26 -3.93 23.55
N LEU B 324 -14.43 -3.57 22.28
CA LEU B 324 -15.13 -4.46 21.36
C LEU B 324 -14.31 -5.73 21.16
N ASP B 325 -14.91 -6.87 21.47
CA ASP B 325 -14.24 -8.17 21.43
C ASP B 325 -14.89 -9.02 20.35
N PHE B 326 -14.25 -9.08 19.19
CA PHE B 326 -14.65 -9.98 18.11
C PHE B 326 -13.78 -11.22 18.04
N THR B 327 -12.79 -11.35 18.93
CA THR B 327 -11.91 -12.49 18.99
C THR B 327 -12.16 -13.39 20.19
N GLY B 328 -13.00 -12.98 21.14
CA GLY B 328 -13.19 -13.73 22.36
C GLY B 328 -12.04 -13.66 23.32
N THR B 329 -11.04 -12.82 23.05
CA THR B 329 -9.82 -12.74 23.85
C THR B 329 -9.64 -11.36 24.48
N GLY B 330 -10.74 -10.65 24.70
CA GLY B 330 -10.67 -9.37 25.40
C GLY B 330 -10.81 -8.15 24.52
N ASN B 331 -10.00 -8.03 23.48
CA ASN B 331 -9.99 -6.85 22.63
C ASN B 331 -10.02 -7.25 21.17
N THR B 332 -9.97 -6.23 20.31
CA THR B 332 -9.77 -6.44 18.88
C THR B 332 -8.99 -5.24 18.35
N LEU B 333 -7.89 -5.51 17.66
CA LEU B 333 -7.08 -4.43 17.08
C LEU B 333 -7.92 -3.63 16.10
N ASN B 334 -7.82 -2.30 16.19
CA ASN B 334 -8.64 -1.40 15.39
C ASN B 334 -7.94 -1.16 14.05
N LEU B 335 -8.29 -1.99 13.07
CA LEU B 335 -7.69 -1.93 11.75
C LEU B 335 -8.31 -0.86 10.85
N SER B 336 -9.06 0.07 11.43
CA SER B 336 -9.57 1.21 10.68
C SER B 336 -8.70 2.45 10.82
N HIS B 337 -7.78 2.46 11.77
CA HIS B 337 -6.90 3.60 11.99
C HIS B 337 -5.73 3.55 11.02
N PRO B 338 -5.36 4.68 10.38
CA PRO B 338 -4.31 4.62 9.35
C PRO B 338 -2.99 4.06 9.82
N ARG B 339 -2.56 4.41 11.03
CA ARG B 339 -1.26 3.94 11.51
C ARG B 339 -1.30 2.49 11.98
N VAL B 340 -2.47 2.02 12.45
CA VAL B 340 -2.62 0.60 12.75
C VAL B 340 -2.53 -0.21 11.46
N ILE B 341 -3.22 0.26 10.40
CA ILE B 341 -3.09 -0.36 9.09
C ILE B 341 -1.63 -0.34 8.65
N GLN B 342 -0.95 0.78 8.85
CA GLN B 342 0.45 0.88 8.47
C GLN B 342 1.31 -0.09 9.26
N MET B 343 0.98 -0.30 10.55
CA MET B 343 1.75 -1.22 11.37
C MET B 343 1.70 -2.64 10.82
N VAL B 344 0.50 -3.15 10.55
CA VAL B 344 0.35 -4.56 10.19
C VAL B 344 1.10 -4.88 8.89
N LEU B 345 0.90 -4.03 7.87
CA LEU B 345 1.56 -4.22 6.57
C LEU B 345 3.06 -3.91 6.63
N ASP B 346 3.46 -3.01 7.53
CA ASP B 346 4.88 -2.87 7.86
C ASP B 346 5.43 -4.18 8.42
N SER B 347 4.69 -4.79 9.35
CA SER B 347 5.10 -6.08 9.90
C SER B 347 5.01 -7.18 8.85
N LEU B 348 3.93 -7.20 8.07
CA LEU B 348 3.82 -8.18 6.99
C LEU B 348 4.96 -8.03 6.00
N ARG B 349 5.29 -6.78 5.63
CA ARG B 349 6.43 -6.55 4.75
C ARG B 349 7.74 -6.88 5.46
N TYR B 350 7.83 -6.62 6.76
CA TYR B 350 9.07 -6.87 7.48
C TYR B 350 9.43 -8.35 7.46
N TRP B 351 8.45 -9.22 7.76
CA TRP B 351 8.74 -10.64 7.79
C TRP B 351 9.04 -11.20 6.40
N VAL B 352 8.64 -10.50 5.33
CA VAL B 352 8.90 -10.97 3.97
C VAL B 352 10.25 -10.52 3.46
N THR B 353 10.53 -9.21 3.52
CA THR B 353 11.79 -8.70 2.98
C THR B 353 12.96 -8.83 3.93
N GLU B 354 12.71 -8.96 5.23
CA GLU B 354 13.78 -8.99 6.22
C GLU B 354 13.96 -10.36 6.86
N MET B 355 12.88 -11.06 7.15
CA MET B 355 12.96 -12.42 7.68
C MET B 355 12.77 -13.48 6.61
N HIS B 356 12.50 -13.06 5.36
CA HIS B 356 12.38 -13.96 4.22
C HIS B 356 11.31 -15.03 4.45
N VAL B 357 10.18 -14.60 5.02
CA VAL B 357 8.99 -15.45 5.09
C VAL B 357 8.34 -15.53 3.70
N ASP B 358 7.70 -16.66 3.42
CA ASP B 358 7.05 -16.88 2.13
C ASP B 358 5.53 -16.78 2.17
N GLY B 359 4.92 -16.67 3.34
CA GLY B 359 3.47 -16.64 3.40
C GLY B 359 2.98 -16.54 4.83
N PHE B 360 1.67 -16.28 4.94
CA PHE B 360 1.04 -16.05 6.23
C PHE B 360 -0.30 -16.78 6.29
N ARG B 361 -0.58 -17.37 7.44
CA ARG B 361 -1.90 -17.94 7.76
C ARG B 361 -2.50 -17.06 8.84
N PHE B 362 -3.52 -16.28 8.47
CA PHE B 362 -4.10 -15.31 9.38
C PHE B 362 -5.03 -16.01 10.37
N ASP B 363 -4.79 -15.77 11.66
CA ASP B 363 -5.67 -16.26 12.71
C ASP B 363 -6.90 -15.37 12.79
N LEU B 364 -8.09 -15.99 12.79
CA LEU B 364 -9.36 -15.27 12.87
C LEU B 364 -9.42 -14.13 11.86
N ALA B 365 -9.22 -14.48 10.59
CA ALA B 365 -8.98 -13.46 9.57
C ALA B 365 -10.14 -12.50 9.42
N ALA B 366 -11.37 -12.95 9.70
CA ALA B 366 -12.53 -12.09 9.53
C ALA B 366 -12.47 -10.88 10.46
N ALA B 367 -11.97 -11.08 11.69
CA ALA B 367 -11.85 -9.99 12.65
C ALA B 367 -10.99 -8.84 12.16
N LEU B 368 -10.20 -9.04 11.11
CA LEU B 368 -9.43 -7.96 10.51
C LEU B 368 -10.28 -7.10 9.58
N ALA B 369 -11.42 -7.59 9.12
CA ALA B 369 -12.32 -6.84 8.26
C ALA B 369 -13.44 -6.16 9.02
N ARG B 370 -13.36 -6.12 10.35
CA ARG B 370 -14.40 -5.52 11.17
C ARG B 370 -14.26 -4.01 11.17
N GLU B 371 -15.23 -3.33 10.57
CA GLU B 371 -15.33 -1.87 10.65
C GLU B 371 -16.53 -1.55 11.53
N LEU B 372 -16.24 -1.05 12.74
CA LEU B 372 -17.22 -0.83 13.81
C LEU B 372 -17.82 -2.15 14.29
N TYR B 373 -18.82 -2.66 13.57
CA TYR B 373 -19.48 -3.91 13.94
C TYR B 373 -19.61 -4.91 12.81
N SER B 374 -19.52 -4.48 11.56
CA SER B 374 -19.84 -5.31 10.42
C SER B 374 -18.58 -5.71 9.66
N VAL B 375 -18.61 -6.92 9.12
CA VAL B 375 -17.57 -7.44 8.25
C VAL B 375 -17.86 -6.98 6.82
N ASN B 376 -16.93 -6.23 6.24
CA ASN B 376 -16.94 -5.95 4.81
C ASN B 376 -15.52 -6.10 4.27
N MET B 377 -15.30 -7.14 3.45
CA MET B 377 -14.06 -7.54 2.77
C MET B 377 -13.55 -6.50 1.77
N LEU B 378 -14.17 -5.32 1.71
CA LEU B 378 -13.69 -4.22 0.87
C LEU B 378 -13.13 -3.10 1.74
N ASN B 379 -12.54 -3.46 2.88
CA ASN B 379 -11.99 -2.50 3.81
C ASN B 379 -10.66 -1.95 3.29
N THR B 380 -10.15 -0.93 3.99
CA THR B 380 -8.91 -0.29 3.58
C THR B 380 -7.74 -1.26 3.65
N PHE B 381 -7.64 -2.04 4.72
CA PHE B 381 -6.47 -2.86 4.96
C PHE B 381 -6.33 -3.96 3.92
N PHE B 382 -7.43 -4.63 3.56
CA PHE B 382 -7.37 -5.66 2.54
C PHE B 382 -6.99 -5.08 1.18
N ILE B 383 -7.55 -3.92 0.84
CA ILE B 383 -7.25 -3.29 -0.45
C ILE B 383 -5.76 -2.94 -0.54
N ALA B 384 -5.23 -2.27 0.48
CA ALA B 384 -3.82 -1.90 0.47
C ALA B 384 -2.93 -3.13 0.42
N LEU B 385 -3.32 -4.21 1.11
CA LEU B 385 -2.58 -5.46 1.00
C LEU B 385 -2.61 -6.00 -0.41
N GLN B 386 -3.76 -5.91 -1.08
CA GLN B 386 -3.89 -6.43 -2.44
C GLN B 386 -3.02 -5.66 -3.43
N GLN B 387 -2.90 -4.34 -3.25
CA GLN B 387 -2.17 -3.51 -4.20
C GLN B 387 -0.67 -3.48 -3.93
N ASP B 388 -0.24 -3.91 -2.75
CA ASP B 388 1.15 -3.70 -2.35
C ASP B 388 2.09 -4.48 -3.28
N PRO B 389 3.22 -3.88 -3.68
CA PRO B 389 4.11 -4.55 -4.64
C PRO B 389 4.66 -5.89 -4.15
N ILE B 390 5.13 -5.96 -2.90
CA ILE B 390 5.77 -7.18 -2.44
C ILE B 390 4.77 -8.15 -1.81
N LEU B 391 3.82 -7.64 -1.03
CA LEU B 391 2.85 -8.53 -0.40
C LEU B 391 1.89 -9.17 -1.39
N SER B 392 1.78 -8.62 -2.60
CA SER B 392 1.00 -9.24 -3.66
C SER B 392 1.63 -10.54 -4.19
N GLN B 393 2.82 -10.90 -3.73
CA GLN B 393 3.47 -12.10 -4.30
C GLN B 393 3.55 -13.35 -3.43
N VAL B 394 3.34 -13.19 -2.12
CA VAL B 394 3.42 -14.33 -1.22
C VAL B 394 2.01 -14.81 -0.89
N LYS B 395 1.93 -16.05 -0.41
CA LYS B 395 0.63 -16.69 -0.19
C LYS B 395 -0.03 -16.17 1.08
N LEU B 396 -1.34 -15.94 0.98
CA LEU B 396 -2.13 -15.41 2.08
C LEU B 396 -3.24 -16.41 2.41
N ILE B 397 -3.18 -16.96 3.63
CA ILE B 397 -4.11 -17.98 4.09
C ILE B 397 -4.94 -17.41 5.23
N ALA B 398 -6.22 -17.78 5.26
CA ALA B 398 -7.17 -17.21 6.21
C ALA B 398 -7.84 -18.30 7.03
N GLU B 399 -7.99 -18.04 8.32
CA GLU B 399 -9.03 -18.70 9.10
C GLU B 399 -10.31 -17.93 8.81
N PRO B 400 -11.15 -18.41 7.91
CA PRO B 400 -12.21 -17.56 7.33
C PRO B 400 -13.39 -17.33 8.26
N TRP B 401 -13.10 -16.83 9.46
CA TRP B 401 -14.13 -16.53 10.45
C TRP B 401 -13.50 -15.85 11.65
N ASP B 402 -14.35 -15.22 12.45
CA ASP B 402 -14.03 -14.82 13.82
C ASP B 402 -15.22 -15.23 14.69
N VAL B 403 -15.12 -14.99 15.99
CA VAL B 403 -16.15 -15.50 16.91
C VAL B 403 -17.26 -14.46 17.09
N GLY B 404 -17.24 -13.42 16.28
CA GLY B 404 -18.28 -12.42 16.34
C GLY B 404 -19.58 -12.94 15.73
N GLN B 405 -20.58 -12.06 15.73
CA GLN B 405 -21.87 -12.38 15.12
C GLN B 405 -21.83 -12.05 13.64
N GLY B 406 -22.17 -13.03 12.80
CA GLY B 406 -22.03 -12.86 11.37
C GLY B 406 -20.60 -13.01 10.88
N GLY B 407 -19.72 -13.57 11.70
CA GLY B 407 -18.31 -13.66 11.36
C GLY B 407 -17.92 -14.82 10.46
N TYR B 408 -18.82 -15.77 10.24
CA TYR B 408 -18.55 -16.87 9.32
C TYR B 408 -18.52 -16.34 7.90
N GLN B 409 -17.34 -16.26 7.31
CA GLN B 409 -17.11 -15.59 6.02
C GLN B 409 -16.33 -16.49 5.08
N VAL B 410 -16.74 -17.75 4.97
CA VAL B 410 -16.04 -18.71 4.14
C VAL B 410 -16.38 -18.44 2.68
N GLY B 411 -15.34 -18.28 1.85
CA GLY B 411 -15.52 -18.05 0.43
C GLY B 411 -15.68 -16.59 0.04
N ASN B 412 -15.72 -15.67 1.00
CA ASN B 412 -15.86 -14.25 0.73
C ASN B 412 -14.55 -13.49 0.82
N PHE B 413 -13.45 -14.16 1.14
CA PHE B 413 -12.19 -13.46 1.14
C PHE B 413 -11.74 -13.20 -0.29
N PRO B 414 -11.03 -12.08 -0.54
CA PRO B 414 -10.62 -11.75 -1.90
C PRO B 414 -9.84 -12.87 -2.57
N TYR B 415 -9.80 -12.89 -3.90
CA TYR B 415 -8.90 -13.82 -4.56
C TYR B 415 -7.46 -13.52 -4.14
N GLN B 416 -6.55 -14.43 -4.51
CA GLN B 416 -5.18 -14.48 -4.02
C GLN B 416 -5.16 -15.04 -2.59
N TRP B 417 -6.24 -14.83 -1.85
CA TRP B 417 -6.39 -15.43 -0.53
C TRP B 417 -6.84 -16.88 -0.65
N ALA B 418 -6.22 -17.75 0.13
CA ALA B 418 -6.69 -19.11 0.33
C ALA B 418 -7.37 -19.21 1.70
N GLU B 419 -8.23 -20.20 1.85
CA GLU B 419 -9.04 -20.35 3.06
C GLU B 419 -8.92 -21.76 3.59
N TRP B 420 -8.81 -21.87 4.92
CA TRP B 420 -9.00 -23.15 5.59
C TRP B 420 -10.43 -23.62 5.36
N ASN B 421 -10.58 -24.81 4.77
CA ASN B 421 -11.89 -25.32 4.38
C ASN B 421 -12.48 -26.11 5.55
N GLY B 422 -13.15 -25.38 6.45
CA GLY B 422 -13.79 -26.03 7.58
C GLY B 422 -14.94 -26.93 7.19
N LYS B 423 -15.65 -26.59 6.11
CA LYS B 423 -16.71 -27.45 5.62
C LYS B 423 -16.17 -28.79 5.17
N TYR B 424 -14.97 -28.79 4.56
CA TYR B 424 -14.29 -30.05 4.26
C TYR B 424 -13.96 -30.80 5.53
N ARG B 425 -13.50 -30.09 6.56
CA ARG B 425 -13.12 -30.74 7.81
C ARG B 425 -14.32 -31.47 8.42
N ASP B 426 -15.43 -30.77 8.61
CA ASP B 426 -16.55 -31.33 9.36
C ASP B 426 -17.18 -32.50 8.60
N SER B 427 -17.52 -32.30 7.32
CA SER B 427 -18.27 -33.31 6.59
C SER B 427 -17.45 -34.58 6.32
N ILE B 428 -16.13 -34.45 6.18
CA ILE B 428 -15.31 -35.65 5.97
C ILE B 428 -15.26 -36.49 7.24
N ARG B 429 -15.11 -35.82 8.40
CA ARG B 429 -15.12 -36.52 9.68
C ARG B 429 -16.46 -37.22 9.93
N ARG B 430 -17.58 -36.56 9.58
CA ARG B 430 -18.89 -37.18 9.72
C ARG B 430 -19.07 -38.33 8.74
N PHE B 431 -18.52 -38.21 7.53
CA PHE B 431 -18.69 -39.26 6.54
C PHE B 431 -18.12 -40.58 7.03
N TRP B 432 -16.83 -40.57 7.38
CA TRP B 432 -16.19 -41.78 7.91
C TRP B 432 -16.68 -42.14 9.29
N ARG B 433 -17.22 -41.17 10.04
CA ARG B 433 -17.83 -41.46 11.33
C ARG B 433 -18.95 -42.50 11.20
N GLY B 434 -19.69 -42.44 10.10
CA GLY B 434 -20.79 -43.35 9.87
C GLY B 434 -22.00 -42.66 9.29
N GLU B 435 -22.12 -41.37 9.54
CA GLU B 435 -23.24 -40.58 9.03
C GLU B 435 -23.33 -40.68 7.51
N ALA B 436 -24.56 -40.62 7.01
CA ALA B 436 -24.84 -40.63 5.58
C ALA B 436 -25.23 -39.22 5.16
N LEU B 437 -24.32 -38.54 4.48
CA LEU B 437 -24.55 -37.21 3.95
C LEU B 437 -24.93 -37.30 2.49
N PRO B 438 -25.51 -36.24 1.91
CA PRO B 438 -25.88 -36.28 0.50
C PRO B 438 -24.70 -36.63 -0.39
N TYR B 439 -24.99 -37.36 -1.48
CA TYR B 439 -23.95 -37.67 -2.45
C TYR B 439 -23.33 -36.40 -3.00
N SER B 440 -24.13 -35.35 -3.10
CA SER B 440 -23.67 -34.07 -3.61
C SER B 440 -22.84 -33.25 -2.61
N GLU B 441 -22.96 -33.56 -1.32
CA GLU B 441 -22.21 -32.82 -0.31
C GLU B 441 -20.75 -33.28 -0.25
N ILE B 442 -20.53 -34.60 -0.16
CA ILE B 442 -19.14 -35.05 -0.06
C ILE B 442 -18.46 -35.05 -1.43
N ALA B 443 -19.19 -35.35 -2.52
CA ALA B 443 -18.58 -35.28 -3.83
C ALA B 443 -18.09 -33.88 -4.15
N ASN B 444 -18.79 -32.85 -3.65
CA ASN B 444 -18.31 -31.49 -3.82
C ASN B 444 -17.01 -31.26 -3.06
N ARG B 445 -16.94 -31.72 -1.81
CA ARG B 445 -15.71 -31.62 -1.03
C ARG B 445 -14.53 -32.25 -1.78
N LEU B 446 -14.76 -33.38 -2.43
CA LEU B 446 -13.65 -34.16 -2.99
C LEU B 446 -13.09 -33.51 -4.25
N LEU B 447 -13.90 -32.75 -4.98
CA LEU B 447 -13.45 -32.09 -6.20
C LEU B 447 -13.08 -30.63 -5.95
N GLY B 448 -12.55 -30.31 -4.77
CA GLY B 448 -12.10 -28.99 -4.46
C GLY B 448 -13.14 -28.04 -3.91
N SER B 449 -14.35 -28.53 -3.63
CA SER B 449 -15.48 -27.72 -3.17
C SER B 449 -15.72 -26.54 -4.10
N PRO B 450 -16.15 -26.79 -5.35
CA PRO B 450 -16.47 -25.65 -6.23
C PRO B 450 -17.68 -24.87 -5.75
N ASP B 451 -18.62 -25.52 -5.06
CA ASP B 451 -19.80 -24.80 -4.58
C ASP B 451 -19.43 -23.65 -3.65
N ILE B 452 -18.30 -23.76 -2.96
CA ILE B 452 -17.87 -22.70 -2.06
C ILE B 452 -17.14 -21.59 -2.83
N TYR B 453 -16.04 -21.95 -3.50
CA TYR B 453 -15.07 -20.99 -3.96
C TYR B 453 -15.22 -20.58 -5.42
N LEU B 454 -16.12 -21.22 -6.18
CA LEU B 454 -16.27 -20.86 -7.58
C LEU B 454 -17.06 -19.56 -7.77
N GLY B 455 -17.99 -19.27 -6.85
CA GLY B 455 -18.80 -18.07 -6.97
C GLY B 455 -18.01 -16.77 -6.93
N ASN B 456 -16.82 -16.79 -6.33
CA ASN B 456 -15.94 -15.63 -6.29
C ASN B 456 -14.70 -15.85 -7.16
N ASN B 457 -14.84 -16.65 -8.22
CA ASN B 457 -13.83 -16.79 -9.27
C ASN B 457 -12.52 -17.38 -8.75
N LYS B 458 -12.59 -18.23 -7.73
CA LYS B 458 -11.39 -18.85 -7.19
C LYS B 458 -11.16 -20.23 -7.80
N THR B 459 -10.01 -20.80 -7.49
CA THR B 459 -9.50 -22.04 -8.06
C THR B 459 -9.51 -23.16 -7.02
N PRO B 460 -9.38 -24.43 -7.46
CA PRO B 460 -9.37 -25.53 -6.48
C PRO B 460 -8.22 -25.46 -5.49
N PHE B 461 -7.05 -24.98 -5.90
CA PHE B 461 -5.94 -24.90 -4.96
C PHE B 461 -6.17 -23.86 -3.87
N ALA B 462 -7.10 -22.93 -4.09
CA ALA B 462 -7.44 -21.96 -3.05
C ALA B 462 -8.08 -22.63 -1.84
N SER B 463 -8.68 -23.79 -2.02
CA SER B 463 -9.31 -24.53 -0.92
C SER B 463 -8.24 -25.34 -0.20
N ILE B 464 -8.12 -25.14 1.11
CA ILE B 464 -7.13 -25.82 1.92
C ILE B 464 -7.83 -26.98 2.61
N ASN B 465 -7.70 -28.19 2.05
CA ASN B 465 -8.29 -29.37 2.64
C ASN B 465 -7.45 -29.85 3.83
N TYR B 466 -8.13 -30.24 4.90
CA TYR B 466 -7.47 -30.75 6.10
C TYR B 466 -8.50 -31.46 6.94
N VAL B 467 -8.08 -32.54 7.60
CA VAL B 467 -8.97 -33.29 8.49
C VAL B 467 -8.71 -33.00 9.96
N THR B 468 -7.49 -32.62 10.33
CA THR B 468 -7.19 -32.24 11.70
C THR B 468 -6.27 -31.02 11.70
N SER B 469 -6.32 -30.27 12.79
CA SER B 469 -5.52 -29.06 12.95
C SER B 469 -5.19 -28.89 14.43
N HIS B 470 -4.50 -27.78 14.74
CA HIS B 470 -4.15 -27.51 16.13
C HIS B 470 -5.39 -27.26 16.98
N ASP B 471 -6.47 -26.78 16.36
CA ASP B 471 -7.77 -26.72 17.03
C ASP B 471 -8.40 -28.11 17.01
N GLY B 472 -8.77 -28.61 18.18
CA GLY B 472 -9.45 -29.89 18.27
C GLY B 472 -8.52 -31.07 18.45
N PHE B 473 -9.03 -32.24 18.10
CA PHE B 473 -8.27 -33.47 18.22
C PHE B 473 -7.14 -33.52 17.21
N THR B 474 -6.15 -34.38 17.51
CA THR B 474 -5.25 -34.88 16.49
C THR B 474 -5.89 -36.10 15.81
N LEU B 475 -5.25 -36.59 14.75
CA LEU B 475 -5.84 -37.69 14.01
C LEU B 475 -5.92 -38.96 14.85
N GLU B 476 -4.88 -39.23 15.65
CA GLU B 476 -4.92 -40.38 16.55
C GLU B 476 -6.04 -40.24 17.56
N ASP B 477 -6.17 -39.06 18.16
CA ASP B 477 -7.25 -38.82 19.12
C ASP B 477 -8.61 -38.73 18.43
N LEU B 478 -8.63 -38.44 17.13
CA LEU B 478 -9.90 -38.35 16.41
C LEU B 478 -10.55 -39.72 16.25
N VAL B 479 -9.75 -40.78 16.18
CA VAL B 479 -10.26 -42.14 16.06
C VAL B 479 -10.17 -42.87 17.40
N SER B 480 -10.03 -42.13 18.51
CA SER B 480 -9.85 -42.74 19.81
C SER B 480 -10.68 -42.10 20.91
N TYR B 481 -11.49 -41.08 20.60
CA TYR B 481 -12.26 -40.40 21.63
C TYR B 481 -13.61 -39.98 21.06
N ASN B 482 -14.55 -39.72 21.97
CA ASN B 482 -15.85 -39.24 21.61
C ASN B 482 -16.22 -37.97 22.37
N GLN B 483 -15.48 -37.68 23.44
CA GLN B 483 -15.71 -36.48 24.24
C GLN B 483 -14.38 -35.86 24.66
N LYS B 484 -14.39 -34.54 24.84
CA LYS B 484 -13.22 -33.77 25.26
C LYS B 484 -12.68 -34.28 26.60
N HIS B 485 -11.38 -34.07 26.82
CA HIS B 485 -10.75 -34.38 28.09
C HIS B 485 -9.75 -33.27 28.44
N ASN B 486 -10.21 -32.02 28.38
CA ASN B 486 -9.43 -30.86 28.78
C ASN B 486 -9.44 -30.64 30.29
N GLU B 487 -9.55 -31.72 31.07
CA GLU B 487 -9.48 -31.59 32.52
C GLU B 487 -8.13 -31.02 32.95
N ALA B 488 -7.06 -31.40 32.25
CA ALA B 488 -5.72 -30.92 32.57
C ALA B 488 -5.57 -29.41 32.34
N ASN B 489 -6.52 -28.78 31.65
CA ASN B 489 -6.46 -27.33 31.43
C ASN B 489 -6.77 -26.54 32.69
N GLY B 490 -7.53 -27.11 33.63
CA GLY B 490 -7.89 -26.37 34.82
C GLY B 490 -9.09 -25.46 34.66
N PHE B 491 -9.91 -25.68 33.63
CA PHE B 491 -11.12 -24.89 33.41
C PHE B 491 -12.38 -25.74 33.53
N ASN B 492 -12.30 -26.85 34.28
CA ASN B 492 -13.44 -27.73 34.53
C ASN B 492 -14.03 -28.29 33.23
N ASN B 493 -13.17 -28.52 32.24
CA ASN B 493 -13.57 -29.17 30.99
C ASN B 493 -14.65 -28.39 30.25
N GLN B 494 -14.71 -27.07 30.48
CA GLN B 494 -15.68 -26.21 29.82
C GLN B 494 -15.12 -25.55 28.56
N ASP B 495 -13.83 -25.71 28.30
CA ASP B 495 -13.14 -25.05 27.19
C ASP B 495 -12.92 -26.03 26.05
N GLY B 496 -12.97 -25.51 24.82
CA GLY B 496 -12.81 -26.35 23.65
C GLY B 496 -14.15 -26.89 23.19
N MET B 497 -14.38 -26.93 21.87
CA MET B 497 -15.71 -27.24 21.36
C MET B 497 -16.13 -28.65 21.74
N ASN B 498 -17.45 -28.84 21.84
CA ASN B 498 -18.02 -30.09 22.30
C ASN B 498 -18.29 -31.06 21.17
N GLU B 499 -18.83 -30.58 20.05
CA GLU B 499 -19.00 -31.44 18.88
C GLU B 499 -17.68 -31.47 18.11
N ASN B 500 -17.02 -32.62 18.11
CA ASN B 500 -15.80 -32.82 17.35
C ASN B 500 -16.01 -33.76 16.18
N TYR B 501 -17.24 -34.22 15.96
CA TYR B 501 -17.57 -35.20 14.92
C TYR B 501 -16.65 -36.41 15.04
N SER B 502 -16.58 -36.91 16.28
CA SER B 502 -15.61 -37.91 16.71
C SER B 502 -16.25 -39.29 16.79
N TRP B 503 -15.40 -40.31 16.77
CA TRP B 503 -15.83 -41.68 16.99
C TRP B 503 -14.64 -42.51 17.44
N ASN B 504 -14.89 -43.45 18.34
CA ASN B 504 -13.85 -44.12 19.10
C ASN B 504 -13.38 -45.44 18.49
N CYS B 505 -14.20 -46.02 17.63
CA CYS B 505 -13.89 -47.32 17.07
C CYS B 505 -14.30 -48.43 18.04
N GLY B 506 -14.69 -48.07 19.27
CA GLY B 506 -15.08 -49.07 20.23
C GLY B 506 -14.52 -48.96 21.62
N ALA B 507 -14.16 -47.73 21.99
CA ALA B 507 -13.62 -47.39 23.30
C ALA B 507 -13.56 -45.91 23.45
N GLU B 508 -12.82 -45.50 24.46
CA GLU B 508 -12.59 -44.13 24.72
C GLU B 508 -11.28 -44.13 25.45
N GLY B 509 -10.20 -43.83 24.75
CA GLY B 509 -8.91 -43.85 25.37
C GLY B 509 -8.06 -44.99 24.87
N PRO B 510 -6.99 -45.30 25.58
CA PRO B 510 -6.11 -46.37 25.15
C PRO B 510 -6.75 -47.70 25.32
N THR B 511 -6.37 -48.66 24.51
CA THR B 511 -7.00 -49.95 24.59
C THR B 511 -6.12 -51.08 24.15
N ASN B 512 -6.51 -52.28 24.57
CA ASN B 512 -5.82 -53.52 24.27
C ASN B 512 -6.62 -54.38 23.30
N ASP B 513 -7.93 -54.19 23.30
CA ASP B 513 -8.87 -54.90 22.45
C ASP B 513 -8.34 -54.74 21.09
N GLN B 514 -8.04 -55.83 20.42
CA GLN B 514 -7.43 -55.74 19.11
C GLN B 514 -8.27 -55.35 17.94
N ASN B 515 -9.55 -55.14 18.13
CA ASN B 515 -10.38 -54.67 17.05
C ASN B 515 -10.42 -53.16 17.09
N VAL B 516 -10.29 -52.58 18.27
CA VAL B 516 -10.34 -51.14 18.42
C VAL B 516 -9.10 -50.49 17.85
N VAL B 517 -8.00 -51.17 17.99
CA VAL B 517 -6.77 -50.63 17.49
C VAL B 517 -6.87 -50.62 15.99
N ILE B 518 -7.31 -51.72 15.40
CA ILE B 518 -7.36 -51.81 13.96
C ILE B 518 -8.39 -50.96 13.25
N CYS B 519 -9.57 -50.83 13.82
CA CYS B 519 -10.62 -50.00 13.23
C CYS B 519 -9.99 -48.64 13.00
N ARG B 520 -9.23 -48.20 14.02
CA ARG B 520 -8.54 -46.98 13.95
C ARG B 520 -7.49 -47.05 12.86
N GLU B 521 -6.48 -47.86 13.04
CA GLU B 521 -5.45 -47.85 12.00
C GLU B 521 -6.08 -47.83 10.62
N LYS B 522 -7.20 -48.54 10.45
CA LYS B 522 -7.95 -48.45 9.21
C LYS B 522 -8.59 -47.07 9.04
N GLN B 523 -9.13 -46.53 10.12
CA GLN B 523 -9.75 -45.20 10.05
C GLN B 523 -8.71 -44.11 9.83
N LYS B 524 -7.56 -44.21 10.50
CA LYS B 524 -6.47 -43.28 10.26
C LYS B 524 -6.07 -43.27 8.79
N ARG B 525 -5.92 -44.46 8.20
CA ARG B 525 -5.55 -44.55 6.79
C ARG B 525 -6.71 -44.13 5.89
N ASN B 526 -7.95 -44.30 6.35
CA ASN B 526 -9.10 -43.87 5.56
C ASN B 526 -9.11 -42.35 5.41
N PHE B 527 -8.89 -41.62 6.51
CA PHE B 527 -8.76 -40.17 6.42
C PHE B 527 -7.60 -39.78 5.52
N MET B 528 -6.46 -40.46 5.69
CA MET B 528 -5.25 -40.08 4.96
C MET B 528 -5.43 -40.22 3.46
N ILE B 529 -6.10 -41.28 3.02
CA ILE B 529 -6.33 -41.47 1.58
C ILE B 529 -7.30 -40.42 1.07
N THR B 530 -8.33 -40.08 1.85
CA THR B 530 -9.31 -39.08 1.42
C THR B 530 -8.66 -37.72 1.21
N LEU B 531 -7.87 -37.27 2.20
CA LEU B 531 -7.31 -35.92 2.16
C LEU B 531 -6.40 -35.73 0.96
N LEU B 532 -5.52 -36.70 0.69
CA LEU B 532 -4.54 -36.60 -0.38
C LEU B 532 -5.04 -37.18 -1.70
N VAL B 533 -6.34 -37.11 -1.97
CA VAL B 533 -6.88 -37.60 -3.24
C VAL B 533 -7.99 -36.64 -3.66
N SER B 534 -8.27 -35.64 -2.82
CA SER B 534 -9.26 -34.62 -3.12
C SER B 534 -8.59 -33.41 -3.74
N GLN B 535 -9.33 -32.72 -4.61
CA GLN B 535 -8.79 -31.56 -5.27
C GLN B 535 -8.56 -30.43 -4.27
N GLY B 536 -7.49 -29.67 -4.49
CA GLY B 536 -7.07 -28.65 -3.56
C GLY B 536 -5.73 -28.99 -2.95
N THR B 537 -5.33 -28.13 -2.01
CA THR B 537 -4.01 -28.26 -1.42
C THR B 537 -4.14 -28.73 0.01
N PRO B 538 -3.59 -29.89 0.34
CA PRO B 538 -3.82 -30.50 1.65
C PRO B 538 -2.84 -30.05 2.71
N MET B 539 -3.36 -29.86 3.92
CA MET B 539 -2.56 -29.51 5.08
C MET B 539 -2.51 -30.71 6.02
N ILE B 540 -1.31 -31.23 6.22
CA ILE B 540 -1.10 -32.28 7.22
C ILE B 540 -0.92 -31.62 8.58
N LEU B 541 -1.46 -32.26 9.62
CA LEU B 541 -1.24 -31.82 10.99
C LEU B 541 0.07 -32.40 11.49
N GLY B 542 0.92 -31.54 12.04
CA GLY B 542 2.23 -31.97 12.51
C GLY B 542 2.18 -33.04 13.56
N GLY B 543 2.94 -34.11 13.36
CA GLY B 543 2.96 -35.23 14.26
C GLY B 543 1.95 -36.32 13.95
N ASP B 544 0.96 -36.03 13.08
CA ASP B 544 -0.03 -37.05 12.74
C ASP B 544 0.59 -38.21 11.99
N GLU B 545 1.64 -37.94 11.20
CA GLU B 545 2.39 -39.04 10.59
C GLU B 545 3.04 -39.93 11.64
N LEU B 546 3.33 -39.36 12.81
CA LEU B 546 3.85 -40.11 13.96
C LEU B 546 2.74 -40.66 14.83
N SER B 547 1.48 -40.52 14.42
CA SER B 547 0.32 -40.94 15.22
C SER B 547 0.36 -40.28 16.60
N ARG B 548 0.62 -38.98 16.62
CA ARG B 548 0.75 -38.24 17.86
C ARG B 548 -0.59 -38.19 18.60
N THR B 549 -0.52 -38.26 19.93
CA THR B 549 -1.71 -38.25 20.76
C THR B 549 -1.58 -37.17 21.83
N GLN B 550 -2.67 -36.41 22.02
CA GLN B 550 -2.75 -35.41 23.08
C GLN B 550 -3.58 -35.90 24.27
N ARG B 551 -3.69 -37.21 24.45
CA ARG B 551 -4.41 -37.83 25.57
C ARG B 551 -5.88 -37.42 25.60
N GLY B 552 -6.45 -37.12 24.43
CA GLY B 552 -7.84 -36.71 24.36
C GLY B 552 -8.10 -35.25 24.66
N ASN B 553 -7.06 -34.41 24.67
CA ASN B 553 -7.20 -32.98 24.90
C ASN B 553 -7.36 -32.30 23.54
N ASN B 554 -8.55 -31.78 23.26
CA ASN B 554 -8.83 -31.12 21.99
C ASN B 554 -8.63 -29.61 22.06
N ASN B 555 -7.81 -29.13 23.00
CA ASN B 555 -7.62 -27.69 23.19
C ASN B 555 -6.37 -27.44 24.01
N ALA B 556 -5.23 -27.90 23.53
CA ALA B 556 -3.99 -27.94 24.33
C ALA B 556 -3.16 -26.67 24.15
N PHE B 557 -3.81 -25.52 24.26
CA PHE B 557 -3.08 -24.25 24.16
C PHE B 557 -2.24 -24.00 25.40
N CYS B 558 -2.65 -24.53 26.56
CA CYS B 558 -1.98 -24.22 27.82
C CYS B 558 -0.94 -25.27 28.22
N GLN B 559 -0.83 -26.36 27.49
CA GLN B 559 0.01 -27.50 27.90
C GLN B 559 1.34 -27.45 27.16
N ASP B 560 2.37 -26.95 27.84
CA ASP B 560 3.73 -27.00 27.33
C ASP B 560 4.48 -28.13 28.05
N ASN B 561 4.11 -29.36 27.69
CA ASN B 561 4.61 -30.52 28.42
C ASN B 561 4.48 -31.74 27.52
N GLU B 562 4.55 -32.94 28.12
CA GLU B 562 4.56 -34.20 27.38
C GLU B 562 3.28 -34.42 26.59
N ILE B 563 2.20 -33.73 26.93
CA ILE B 563 0.96 -33.85 26.16
C ILE B 563 1.20 -33.39 24.73
N THR B 564 1.87 -32.26 24.56
CA THR B 564 2.01 -31.63 23.26
C THR B 564 3.37 -31.86 22.61
N TRP B 565 4.40 -32.26 23.38
CA TRP B 565 5.66 -32.66 22.78
C TRP B 565 5.41 -33.73 21.73
N PHE B 566 6.25 -33.75 20.69
CA PHE B 566 6.23 -34.86 19.75
C PHE B 566 6.92 -36.07 20.36
N ASP B 567 6.30 -37.24 20.23
CA ASP B 567 6.88 -38.48 20.72
C ASP B 567 7.58 -39.17 19.55
N TRP B 568 8.91 -39.14 19.57
CA TRP B 568 9.70 -39.66 18.46
C TRP B 568 10.00 -41.14 18.58
N ASN B 569 9.82 -41.74 19.76
CA ASN B 569 10.00 -43.18 19.93
C ASN B 569 8.84 -43.91 19.28
N LEU B 570 9.14 -44.70 18.24
CA LEU B 570 8.12 -45.35 17.43
C LEU B 570 8.16 -46.86 17.63
N ASP B 571 6.97 -47.46 17.76
CA ASP B 571 6.86 -48.91 17.75
C ASP B 571 6.53 -49.37 16.33
N GLU B 572 6.14 -50.64 16.18
CA GLU B 572 5.87 -51.16 14.85
C GLU B 572 4.56 -50.61 14.29
N ARG B 573 3.56 -50.40 15.14
CA ARG B 573 2.30 -49.82 14.67
C ARG B 573 2.51 -48.42 14.15
N LYS B 574 3.32 -47.61 14.84
CA LYS B 574 3.55 -46.24 14.41
C LYS B 574 4.42 -46.18 13.16
N SER B 575 5.45 -47.03 13.09
CA SER B 575 6.41 -46.95 12.00
C SER B 575 5.75 -47.21 10.65
N LYS B 576 4.82 -48.15 10.61
CA LYS B 576 4.17 -48.51 9.34
C LYS B 576 3.10 -47.50 8.94
N PHE B 577 2.55 -46.74 9.88
CA PHE B 577 1.72 -45.61 9.51
C PHE B 577 2.55 -44.52 8.86
N LEU B 578 3.77 -44.29 9.37
CA LEU B 578 4.65 -43.30 8.80
C LEU B 578 4.95 -43.60 7.33
N GLU B 579 5.29 -44.86 7.02
CA GLU B 579 5.54 -45.24 5.64
C GLU B 579 4.29 -45.08 4.79
N PHE B 580 3.12 -45.32 5.37
CA PHE B 580 1.87 -45.10 4.65
C PHE B 580 1.71 -43.64 4.26
N VAL B 581 1.86 -42.74 5.23
CA VAL B 581 1.72 -41.31 4.94
C VAL B 581 2.82 -40.84 4.00
N LYS B 582 4.03 -41.40 4.15
CA LYS B 582 5.10 -41.11 3.21
C LYS B 582 4.69 -41.45 1.78
N LYS B 583 4.26 -42.70 1.57
CA LYS B 583 3.88 -43.15 0.23
C LYS B 583 2.63 -42.44 -0.27
N MET B 584 1.72 -42.05 0.63
CA MET B 584 0.54 -41.31 0.21
C MET B 584 0.89 -39.89 -0.22
N ILE B 585 1.81 -39.24 0.49
CA ILE B 585 2.31 -37.94 0.06
C ILE B 585 3.07 -38.07 -1.25
N GLN B 586 3.98 -39.05 -1.32
CA GLN B 586 4.69 -39.33 -2.57
C GLN B 586 3.71 -39.52 -3.72
N PHE B 587 2.56 -40.14 -3.45
CA PHE B 587 1.56 -40.37 -4.48
C PHE B 587 0.93 -39.06 -4.93
N TYR B 588 0.37 -38.29 -3.99
CA TYR B 588 -0.32 -37.05 -4.32
C TYR B 588 0.58 -36.10 -5.11
N ARG B 589 1.87 -36.09 -4.78
CA ARG B 589 2.81 -35.18 -5.44
C ARG B 589 3.21 -35.67 -6.83
N ALA B 590 3.06 -36.96 -7.12
CA ALA B 590 3.45 -37.51 -8.41
C ALA B 590 2.35 -37.41 -9.47
N HIS B 591 1.13 -37.10 -9.08
CA HIS B 591 -0.01 -37.18 -10.00
C HIS B 591 -0.71 -35.85 -10.16
N PRO B 592 -0.56 -35.19 -11.31
CA PRO B 592 -1.17 -33.85 -11.48
C PRO B 592 -2.69 -33.84 -11.47
N ALA B 593 -3.34 -34.99 -11.68
CA ALA B 593 -4.80 -35.06 -11.62
C ALA B 593 -5.37 -34.67 -10.26
N PHE B 594 -4.52 -34.46 -9.25
CA PHE B 594 -4.92 -33.93 -7.96
C PHE B 594 -4.30 -32.59 -7.63
N ARG B 595 -3.24 -32.20 -8.33
CA ARG B 595 -2.70 -30.84 -8.26
C ARG B 595 -3.19 -30.05 -9.48
N ARG B 596 -4.49 -29.74 -9.43
CA ARG B 596 -5.17 -29.10 -10.56
C ARG B 596 -5.34 -27.61 -10.30
N GLU B 597 -5.19 -26.83 -11.36
CA GLU B 597 -5.37 -25.37 -11.31
C GLU B 597 -6.78 -24.94 -11.68
N ARG B 598 -7.52 -25.78 -12.41
CA ARG B 598 -8.89 -25.52 -12.76
C ARG B 598 -9.77 -26.67 -12.31
N TYR B 599 -11.04 -26.37 -12.05
CA TYR B 599 -11.95 -27.37 -11.52
C TYR B 599 -12.33 -28.39 -12.59
N PHE B 600 -12.79 -29.56 -12.13
CA PHE B 600 -13.37 -30.54 -13.03
C PHE B 600 -14.76 -30.08 -13.44
N GLN B 601 -14.99 -30.07 -14.76
CA GLN B 601 -16.35 -29.99 -15.26
C GLN B 601 -16.94 -31.40 -15.31
N GLY B 602 -18.22 -31.49 -15.68
CA GLY B 602 -18.84 -32.80 -15.75
C GLY B 602 -18.96 -33.30 -17.18
N LYS B 603 -17.96 -32.98 -18.00
CA LYS B 603 -18.09 -33.03 -19.44
C LYS B 603 -16.93 -33.79 -20.07
N LYS B 604 -17.19 -34.37 -21.24
CA LYS B 604 -16.11 -34.74 -22.15
C LYS B 604 -15.56 -33.47 -22.79
N LEU B 605 -14.25 -33.47 -23.07
CA LEU B 605 -13.60 -32.28 -23.59
C LEU B 605 -12.54 -32.66 -24.62
N PHE B 606 -12.17 -31.68 -25.44
CA PHE B 606 -11.19 -31.84 -26.52
C PHE B 606 -11.60 -32.92 -27.52
N GLY B 607 -12.89 -33.19 -27.63
CA GLY B 607 -13.38 -34.21 -28.53
C GLY B 607 -13.00 -35.62 -28.13
N MET B 608 -13.11 -35.95 -26.86
CA MET B 608 -12.76 -37.26 -26.35
C MET B 608 -14.00 -38.04 -25.92
N PRO B 609 -13.95 -39.37 -25.93
CA PRO B 609 -15.16 -40.16 -25.61
C PRO B 609 -15.43 -40.31 -24.12
N LEU B 610 -14.48 -39.97 -23.25
CA LEU B 610 -14.69 -40.01 -21.82
C LEU B 610 -14.84 -38.59 -21.26
N LYS B 611 -15.64 -38.46 -20.21
CA LYS B 611 -15.79 -37.18 -19.52
C LYS B 611 -14.89 -37.15 -18.30
N ASP B 612 -14.29 -35.98 -18.04
CA ASP B 612 -13.16 -35.85 -17.13
C ASP B 612 -13.41 -36.45 -15.75
N VAL B 613 -14.67 -36.58 -15.34
CA VAL B 613 -14.97 -37.27 -14.10
C VAL B 613 -16.39 -37.82 -14.19
N THR B 614 -16.56 -39.03 -13.66
CA THR B 614 -17.83 -39.75 -13.70
C THR B 614 -18.12 -40.28 -12.31
N PHE B 615 -19.39 -40.25 -11.91
CA PHE B 615 -19.82 -40.73 -10.61
C PHE B 615 -20.73 -41.94 -10.77
N TYR B 616 -20.44 -43.01 -10.03
CA TYR B 616 -21.21 -44.24 -10.08
C TYR B 616 -21.85 -44.50 -8.72
N THR B 617 -22.68 -45.54 -8.67
CA THR B 617 -23.26 -46.01 -7.43
C THR B 617 -22.90 -47.49 -7.27
N LEU B 618 -23.56 -48.17 -6.31
CA LEU B 618 -23.21 -49.57 -6.02
C LEU B 618 -23.13 -50.40 -7.30
N GLU B 619 -24.07 -50.19 -8.22
CA GLU B 619 -23.95 -50.78 -9.54
C GLU B 619 -23.31 -49.78 -10.49
N GLY B 620 -22.57 -50.32 -11.45
CA GLY B 620 -21.76 -49.53 -12.38
C GLY B 620 -22.55 -48.53 -13.21
N ARG B 621 -23.74 -48.18 -12.77
CA ARG B 621 -24.59 -47.24 -13.48
C ARG B 621 -24.36 -45.82 -12.98
N GLU B 622 -24.45 -44.87 -13.90
CA GLU B 622 -24.11 -43.48 -13.60
C GLU B 622 -25.05 -42.90 -12.55
N VAL B 623 -24.54 -41.92 -11.80
CA VAL B 623 -25.34 -41.23 -10.80
C VAL B 623 -26.28 -40.26 -11.50
N ASP B 624 -27.55 -40.28 -11.08
CA ASP B 624 -28.57 -39.39 -11.62
C ASP B 624 -28.78 -38.22 -10.67
N GLU B 625 -29.69 -37.32 -11.05
CA GLU B 625 -29.96 -36.14 -10.22
C GLU B 625 -30.63 -36.50 -8.91
N LYS B 626 -31.33 -37.63 -8.83
CA LYS B 626 -31.99 -38.02 -7.60
C LYS B 626 -31.11 -38.92 -6.74
N THR B 627 -30.21 -39.69 -7.35
CA THR B 627 -29.15 -40.32 -6.57
C THR B 627 -28.16 -39.29 -6.03
N TRP B 628 -27.97 -38.20 -6.78
CA TRP B 628 -27.00 -37.16 -6.43
C TRP B 628 -27.41 -36.35 -5.21
N SER B 629 -28.70 -36.32 -4.88
CA SER B 629 -29.18 -35.61 -3.72
C SER B 629 -29.62 -36.52 -2.59
N SER B 630 -29.65 -37.83 -2.80
CA SER B 630 -29.94 -38.73 -1.71
C SER B 630 -28.69 -38.93 -0.86
N PRO B 631 -28.84 -39.23 0.43
CA PRO B 631 -27.67 -39.49 1.28
C PRO B 631 -26.98 -40.79 0.86
N THR B 632 -25.77 -40.96 1.38
CA THR B 632 -24.96 -42.11 1.01
C THR B 632 -23.85 -42.32 2.03
N GLN B 633 -23.42 -43.58 2.14
CA GLN B 633 -22.20 -43.94 2.86
C GLN B 633 -21.15 -44.51 1.91
N LEU B 634 -21.38 -44.44 0.60
CA LEU B 634 -20.45 -44.96 -0.40
C LEU B 634 -20.47 -44.04 -1.60
N VAL B 635 -19.32 -43.48 -1.96
CA VAL B 635 -19.21 -42.58 -3.10
C VAL B 635 -18.13 -43.09 -4.04
N ILE B 636 -18.45 -43.13 -5.33
CA ILE B 636 -17.60 -43.71 -6.36
C ILE B 636 -17.39 -42.65 -7.44
N PHE B 637 -16.14 -42.44 -7.86
CA PHE B 637 -15.90 -41.52 -8.96
C PHE B 637 -14.64 -41.90 -9.72
N VAL B 638 -14.66 -41.63 -11.02
CA VAL B 638 -13.59 -41.97 -11.94
C VAL B 638 -13.01 -40.69 -12.54
N LEU B 639 -11.76 -40.40 -12.21
CA LEU B 639 -11.04 -39.29 -12.81
C LEU B 639 -10.36 -39.78 -14.08
N GLU B 640 -10.78 -39.23 -15.22
CA GLU B 640 -10.19 -39.57 -16.50
C GLU B 640 -8.98 -38.65 -16.55
N GLY B 641 -7.79 -39.22 -16.42
CA GLY B 641 -6.60 -38.39 -16.36
C GLY B 641 -6.26 -37.72 -17.68
N SER B 642 -6.56 -38.36 -18.80
CA SER B 642 -6.11 -37.90 -20.10
C SER B 642 -7.07 -36.92 -20.77
N VAL B 643 -8.10 -36.44 -20.06
CA VAL B 643 -9.05 -35.50 -20.65
C VAL B 643 -9.27 -34.32 -19.71
N MET B 644 -8.19 -33.81 -19.13
CA MET B 644 -8.25 -32.69 -18.21
C MET B 644 -7.98 -31.38 -18.95
N ASP B 645 -8.68 -30.32 -18.52
CA ASP B 645 -8.39 -28.97 -18.98
C ASP B 645 -7.28 -28.34 -18.15
N GLU B 646 -6.17 -29.06 -18.02
CA GLU B 646 -5.05 -28.67 -17.20
C GLU B 646 -3.88 -28.28 -18.08
N ILE B 647 -3.39 -27.05 -17.92
CA ILE B 647 -2.31 -26.52 -18.74
C ILE B 647 -1.25 -25.93 -17.83
N ASN B 648 0.01 -26.26 -18.09
CA ASN B 648 1.10 -25.76 -17.29
C ASN B 648 1.46 -24.33 -17.70
N MET B 649 2.44 -23.75 -17.01
CA MET B 649 2.84 -22.37 -17.26
C MET B 649 3.44 -22.16 -18.65
N TYR B 650 3.73 -23.23 -19.39
CA TYR B 650 4.32 -23.13 -20.71
C TYR B 650 3.31 -23.37 -21.82
N GLY B 651 2.03 -23.53 -21.50
CA GLY B 651 1.02 -23.74 -22.52
C GLY B 651 0.85 -25.18 -22.96
N GLU B 652 1.36 -26.13 -22.19
CA GLU B 652 1.23 -27.54 -22.50
C GLU B 652 0.10 -28.15 -21.69
N ARG B 653 -0.70 -29.01 -22.34
CA ARG B 653 -1.64 -29.82 -21.60
C ARG B 653 -0.89 -30.89 -20.81
N ILE B 654 -1.55 -31.44 -19.80
CA ILE B 654 -0.84 -32.25 -18.82
C ILE B 654 -1.26 -33.72 -18.89
N ALA B 655 -2.48 -34.02 -18.45
CA ALA B 655 -3.04 -35.38 -18.41
C ALA B 655 -2.30 -36.26 -17.41
N ASP B 656 -2.97 -37.33 -16.97
CA ASP B 656 -2.47 -38.21 -15.92
C ASP B 656 -2.97 -39.62 -16.18
N ASP B 657 -2.73 -40.53 -15.24
CA ASP B 657 -3.40 -41.82 -15.28
C ASP B 657 -4.89 -41.64 -15.02
N SER B 658 -5.66 -42.66 -15.39
CA SER B 658 -7.09 -42.69 -15.11
C SER B 658 -7.33 -43.45 -13.81
N PHE B 659 -8.09 -42.85 -12.90
CA PHE B 659 -8.20 -43.34 -11.54
C PHE B 659 -9.66 -43.56 -11.16
N LEU B 660 -9.88 -44.56 -10.30
CA LEU B 660 -11.19 -44.91 -9.78
C LEU B 660 -11.04 -45.14 -8.28
N ILE B 661 -11.80 -44.41 -7.48
CA ILE B 661 -11.61 -44.39 -6.04
C ILE B 661 -12.89 -44.82 -5.35
N ILE B 662 -12.76 -45.76 -4.40
CA ILE B 662 -13.89 -46.35 -3.70
C ILE B 662 -13.82 -45.88 -2.25
N LEU B 663 -14.82 -45.13 -1.81
CA LEU B 663 -14.91 -44.66 -0.42
C LEU B 663 -16.23 -45.15 0.17
N ASN B 664 -16.17 -46.24 0.92
CA ASN B 664 -17.34 -46.89 1.50
C ASN B 664 -17.28 -46.73 3.01
N ALA B 665 -18.04 -45.76 3.54
CA ALA B 665 -18.10 -45.51 4.98
C ALA B 665 -19.20 -46.30 5.67
N ASN B 666 -20.03 -47.01 4.91
CA ASN B 666 -21.01 -47.93 5.49
C ASN B 666 -20.28 -48.91 6.42
N PRO B 667 -20.70 -49.05 7.67
CA PRO B 667 -20.05 -50.05 8.55
C PRO B 667 -20.20 -51.46 8.04
N ASN B 668 -21.34 -51.79 7.45
CA ASN B 668 -21.52 -53.10 6.83
C ASN B 668 -20.82 -53.15 5.48
N ASN B 669 -20.57 -54.37 5.01
CA ASN B 669 -19.96 -54.57 3.70
C ASN B 669 -20.94 -54.17 2.60
N VAL B 670 -20.38 -53.83 1.43
CA VAL B 670 -21.16 -53.66 0.21
C VAL B 670 -20.37 -54.25 -0.95
N LYS B 671 -21.09 -54.78 -1.94
CA LYS B 671 -20.47 -55.23 -3.19
C LYS B 671 -20.64 -54.14 -4.25
N VAL B 672 -19.57 -53.85 -4.97
CA VAL B 672 -19.57 -52.85 -6.03
C VAL B 672 -19.19 -53.50 -7.34
N LYS B 673 -19.95 -53.18 -8.39
CA LYS B 673 -19.62 -53.59 -9.75
C LYS B 673 -18.82 -52.49 -10.42
N PHE B 674 -17.63 -52.85 -10.91
CA PHE B 674 -16.72 -51.88 -11.48
C PHE B 674 -17.25 -51.35 -12.81
N PRO B 675 -16.70 -50.22 -13.28
CA PRO B 675 -16.93 -49.87 -14.68
C PRO B 675 -16.20 -50.81 -15.63
N LYS B 676 -16.13 -50.41 -16.90
CA LYS B 676 -15.91 -51.35 -17.99
C LYS B 676 -14.45 -51.78 -18.15
N GLY B 677 -13.52 -51.07 -17.53
CA GLY B 677 -12.11 -51.31 -17.77
C GLY B 677 -11.54 -52.43 -16.93
N LYS B 678 -10.24 -52.65 -17.15
CA LYS B 678 -9.44 -53.57 -16.33
C LYS B 678 -8.62 -52.72 -15.37
N TRP B 679 -8.88 -52.87 -14.07
CA TRP B 679 -8.36 -51.96 -13.06
C TRP B 679 -7.35 -52.65 -12.16
N GLU B 680 -6.36 -51.87 -11.71
CA GLU B 680 -5.27 -52.36 -10.88
C GLU B 680 -5.28 -51.66 -9.53
N LEU B 681 -5.00 -52.42 -8.47
CA LEU B 681 -4.93 -51.88 -7.12
C LEU B 681 -3.62 -51.13 -6.92
N VAL B 682 -3.72 -49.90 -6.42
CA VAL B 682 -2.55 -49.08 -6.17
C VAL B 682 -2.36 -48.79 -4.68
N ILE B 683 -3.46 -48.58 -3.94
CA ILE B 683 -3.40 -48.38 -2.49
C ILE B 683 -4.78 -48.53 -1.89
N SER B 684 -4.85 -49.00 -0.65
CA SER B 684 -6.12 -49.15 0.06
C SER B 684 -5.85 -49.07 1.56
N SER B 685 -6.92 -48.89 2.33
CA SER B 685 -6.83 -48.77 3.78
C SER B 685 -6.85 -50.13 4.48
N TYR B 686 -6.90 -51.23 3.74
CA TYR B 686 -6.85 -52.55 4.34
C TYR B 686 -5.53 -52.73 5.09
N LEU B 687 -5.61 -53.18 6.34
CA LEU B 687 -4.43 -53.57 7.07
C LEU B 687 -4.03 -55.02 6.82
N ARG B 688 -4.97 -55.86 6.42
CA ARG B 688 -4.70 -57.26 6.14
C ARG B 688 -4.00 -57.43 4.80
N GLU B 689 -3.33 -58.56 4.65
CA GLU B 689 -2.68 -58.90 3.39
C GLU B 689 -3.69 -58.91 2.25
N ILE B 690 -3.39 -58.14 1.21
CA ILE B 690 -4.34 -57.92 0.12
C ILE B 690 -4.35 -59.15 -0.79
N LYS B 691 -5.53 -59.91 -0.80
CA LYS B 691 -5.62 -61.17 -1.53
C LYS B 691 -6.02 -60.92 -2.98
N PRO B 692 -5.64 -61.81 -3.90
CA PRO B 692 -5.61 -61.43 -5.33
C PRO B 692 -6.97 -61.28 -6.05
N GLU B 693 -8.12 -61.62 -5.45
CA GLU B 693 -9.39 -61.21 -6.07
C GLU B 693 -9.45 -59.71 -6.23
N GLU B 694 -8.79 -59.00 -5.33
CA GLU B 694 -8.90 -57.56 -5.21
C GLU B 694 -7.81 -56.81 -5.95
N ARG B 695 -6.69 -57.49 -6.28
CA ARG B 695 -5.54 -56.76 -6.81
C ARG B 695 -5.80 -56.27 -8.24
N ILE B 696 -6.47 -57.08 -9.06
CA ILE B 696 -6.82 -56.67 -10.42
C ILE B 696 -8.26 -57.09 -10.71
N ILE B 697 -9.02 -56.18 -11.33
CA ILE B 697 -10.43 -56.36 -11.63
C ILE B 697 -10.62 -56.20 -13.13
N GLU B 698 -11.53 -56.99 -13.70
CA GLU B 698 -11.71 -57.01 -15.14
C GLU B 698 -13.18 -57.08 -15.53
N GLY B 699 -13.57 -56.23 -16.47
CA GLY B 699 -14.83 -56.36 -17.18
C GLY B 699 -16.09 -56.34 -16.35
N GLU B 700 -16.36 -55.22 -15.67
CA GLU B 700 -17.60 -55.01 -14.92
C GLU B 700 -17.82 -56.13 -13.90
N LYS B 701 -16.72 -56.65 -13.37
CA LYS B 701 -16.68 -57.57 -12.24
C LYS B 701 -17.38 -56.96 -11.03
N GLU B 702 -17.79 -57.80 -10.08
CA GLU B 702 -18.25 -57.34 -8.78
C GLU B 702 -17.23 -57.74 -7.72
N LEU B 703 -17.20 -56.99 -6.63
CA LEU B 703 -16.16 -57.19 -5.62
C LEU B 703 -16.66 -56.80 -4.25
N GLU B 704 -16.34 -57.64 -3.26
CA GLU B 704 -16.70 -57.38 -1.88
C GLU B 704 -15.81 -56.30 -1.29
N ILE B 705 -16.42 -55.28 -0.70
CA ILE B 705 -15.71 -54.17 -0.09
C ILE B 705 -16.16 -54.09 1.36
N GLU B 706 -15.26 -54.49 2.27
CA GLU B 706 -15.57 -54.46 3.70
C GLU B 706 -15.98 -53.06 4.14
N GLY B 707 -16.75 -53.00 5.21
CA GLY B 707 -17.23 -51.73 5.70
C GLY B 707 -16.09 -50.83 6.14
N ARG B 708 -16.27 -49.53 5.89
CA ARG B 708 -15.30 -48.49 6.24
C ARG B 708 -13.93 -48.79 5.61
N THR B 709 -13.92 -48.74 4.28
CA THR B 709 -12.73 -49.03 3.50
C THR B 709 -12.63 -48.08 2.32
N ALA B 710 -11.42 -47.57 2.08
CA ALA B 710 -11.15 -46.65 0.99
C ALA B 710 -10.13 -47.28 0.05
N LEU B 711 -10.43 -47.26 -1.26
CA LEU B 711 -9.61 -47.93 -2.26
C LEU B 711 -9.37 -47.00 -3.44
N VAL B 712 -8.16 -47.08 -4.01
CA VAL B 712 -7.79 -46.33 -5.20
C VAL B 712 -7.39 -47.33 -6.28
N TYR B 713 -7.84 -47.09 -7.51
CA TYR B 713 -7.62 -48.01 -8.62
C TYR B 713 -7.21 -47.23 -9.86
N ARG B 714 -6.46 -47.89 -10.73
CA ARG B 714 -5.90 -47.28 -11.94
C ARG B 714 -6.21 -48.19 -13.13
N ARG B 715 -6.91 -47.65 -14.12
CA ARG B 715 -7.31 -48.47 -15.26
C ARG B 715 -6.10 -48.74 -16.15
N ILE B 716 -5.84 -50.04 -16.40
CA ILE B 716 -4.72 -50.44 -17.24
C ILE B 716 -5.15 -50.88 -18.64
N GLU B 717 -6.45 -51.03 -18.87
CA GLU B 717 -6.93 -51.53 -20.15
C GLU B 717 -8.37 -51.11 -20.36
N LEU B 718 -8.70 -50.71 -21.58
CA LEU B 718 -10.08 -50.40 -21.96
C LEU B 718 -10.35 -50.85 -23.39
#